data_1LU5
# 
_entry.id   1LU5 
# 
_audit_conform.dict_name       mmcif_pdbx.dic 
_audit_conform.dict_version    5.386 
_audit_conform.dict_location   http://mmcif.pdb.org/dictionaries/ascii/mmcif_pdbx.dic 
# 
loop_
_database_2.database_id 
_database_2.database_code 
_database_2.pdbx_database_accession 
_database_2.pdbx_DOI 
PDB   1LU5         pdb_00001lu5 10.2210/pdb1lu5/pdb 
NDB   DD0050       ?            ?                   
RCSB  RCSB016271   ?            ?                   
WWPDB D_1000016271 ?            ?                   
# 
loop_
_pdbx_audit_revision_history.ordinal 
_pdbx_audit_revision_history.data_content_type 
_pdbx_audit_revision_history.major_revision 
_pdbx_audit_revision_history.minor_revision 
_pdbx_audit_revision_history.revision_date 
1 'Structure model' 1 0 2002-12-20 
2 'Structure model' 1 1 2008-04-28 
3 'Structure model' 1 2 2011-07-13 
4 'Structure model' 1 3 2012-02-08 
5 'Structure model' 1 4 2024-02-14 
# 
_pdbx_audit_revision_details.ordinal             1 
_pdbx_audit_revision_details.revision_ordinal    1 
_pdbx_audit_revision_details.data_content_type   'Structure model' 
_pdbx_audit_revision_details.provider            repository 
_pdbx_audit_revision_details.type                'Initial release' 
_pdbx_audit_revision_details.description         ? 
_pdbx_audit_revision_details.details             ? 
# 
loop_
_pdbx_audit_revision_group.ordinal 
_pdbx_audit_revision_group.revision_ordinal 
_pdbx_audit_revision_group.data_content_type 
_pdbx_audit_revision_group.group 
1 2 'Structure model' 'Version format compliance' 
2 3 'Structure model' 'Version format compliance' 
3 4 'Structure model' 'Derived calculations'      
4 5 'Structure model' 'Data collection'           
5 5 'Structure model' 'Database references'       
6 5 'Structure model' 'Derived calculations'      
7 5 'Structure model' 'Refinement description'    
# 
loop_
_pdbx_audit_revision_category.ordinal 
_pdbx_audit_revision_category.revision_ordinal 
_pdbx_audit_revision_category.data_content_type 
_pdbx_audit_revision_category.category 
1 5 'Structure model' chem_comp_atom                
2 5 'Structure model' chem_comp_bond                
3 5 'Structure model' database_2                    
4 5 'Structure model' pdbx_initial_refinement_model 
5 5 'Structure model' struct_site                   
# 
loop_
_pdbx_audit_revision_item.ordinal 
_pdbx_audit_revision_item.revision_ordinal 
_pdbx_audit_revision_item.data_content_type 
_pdbx_audit_revision_item.item 
1 5 'Structure model' '_database_2.pdbx_DOI'                
2 5 'Structure model' '_database_2.pdbx_database_accession' 
3 5 'Structure model' '_struct_site.pdbx_auth_asym_id'      
4 5 'Structure model' '_struct_site.pdbx_auth_comp_id'      
5 5 'Structure model' '_struct_site.pdbx_auth_seq_id'       
# 
_pdbx_database_status.status_code                     REL 
_pdbx_database_status.entry_id                        1LU5 
_pdbx_database_status.recvd_initial_deposition_date   2002-05-21 
_pdbx_database_status.deposit_site                    RCSB 
_pdbx_database_status.process_site                    RCSB 
_pdbx_database_status.SG_entry                        . 
_pdbx_database_status.status_code_sf                  ? 
_pdbx_database_status.status_code_mr                  ? 
_pdbx_database_status.status_code_cs                  ? 
_pdbx_database_status.pdb_format_compatible           Y 
_pdbx_database_status.status_code_nmr_data            ? 
_pdbx_database_status.methods_development_category    ? 
# 
loop_
_audit_author.name 
_audit_author.pdbx_ordinal 
'Silverman, A.P.' 1 
'Bu, W.'          2 
'Cohen, S.M.'     3 
'Lippard, S.J.'   4 
# 
_citation.id                        primary 
_citation.title                     
;2.4-A Crystal Structure of the Asymmetric Platinum Complex {Pt(ammine)(cyclohexylamine)}2+ Bound to 
                    a Dodecamer DNA Duplex
;
_citation.journal_abbrev            J.Biol.Chem. 
_citation.journal_volume            277 
_citation.page_first                49743 
_citation.page_last                 49749 
_citation.year                      2002 
_citation.journal_id_ASTM           JBCHA3 
_citation.country                   US 
_citation.journal_id_ISSN           0021-9258 
_citation.journal_id_CSD            0071 
_citation.book_publisher            ? 
_citation.pdbx_database_id_PubMed   12377787 
_citation.pdbx_database_id_DOI      10.1074/jbc.M206979200 
# 
loop_
_citation_author.citation_id 
_citation_author.name 
_citation_author.ordinal 
_citation_author.identifier_ORCID 
primary 'Silverman, A.P.' 1 ? 
primary 'Bu, W.'          2 ? 
primary 'Cohen, S.M.'     3 ? 
primary 'Lippard, S.J.'   4 ? 
# 
loop_
_entity.id 
_entity.type 
_entity.src_method 
_entity.pdbx_description 
_entity.formula_weight 
_entity.pdbx_number_of_molecules 
_entity.pdbx_ec 
_entity.pdbx_mutation 
_entity.pdbx_fragment 
_entity.details 
1 polymer     syn "5'-D(*CP*CP*TP*CP*TP*GP*GP*TP*CP*TP*CP*C)-3'"      3565.316 2  ? ? ? ? 
2 polymer     syn "5'-D(*GP*GP*AP*GP*AP*CP*CP*AP*GP*AP*GP*G)-3'"      3761.468 2  ? ? ? ? 
3 non-polymer syn 'CIS-(AMMINE)(CYCLOHEXYLAMINE)PLATINUM(II) COMPLEX' 311.283  2  ? ? ? ? 
4 water       nat water                                               18.015   47 ? ? ? ? 
# 
loop_
_entity_poly.entity_id 
_entity_poly.type 
_entity_poly.nstd_linkage 
_entity_poly.nstd_monomer 
_entity_poly.pdbx_seq_one_letter_code 
_entity_poly.pdbx_seq_one_letter_code_can 
_entity_poly.pdbx_strand_id 
_entity_poly.pdbx_target_identifier 
1 polydeoxyribonucleotide no no '(DC)(DC)(DT)(DC)(DT)(DG)(DG)(DT)(DC)(DT)(DC)(DC)' CCTCTGGTCTCC A,C ? 
2 polydeoxyribonucleotide no no '(DG)(DG)(DA)(DG)(DA)(DC)(DC)(DA)(DG)(DA)(DG)(DG)' GGAGACCAGAGG B,D ? 
# 
loop_
_pdbx_entity_nonpoly.entity_id 
_pdbx_entity_nonpoly.name 
_pdbx_entity_nonpoly.comp_id 
3 'CIS-(AMMINE)(CYCLOHEXYLAMINE)PLATINUM(II) COMPLEX' LPT 
4 water                                               HOH 
# 
loop_
_entity_poly_seq.entity_id 
_entity_poly_seq.num 
_entity_poly_seq.mon_id 
_entity_poly_seq.hetero 
1 1  DC n 
1 2  DC n 
1 3  DT n 
1 4  DC n 
1 5  DT n 
1 6  DG n 
1 7  DG n 
1 8  DT n 
1 9  DC n 
1 10 DT n 
1 11 DC n 
1 12 DC n 
2 1  DG n 
2 2  DG n 
2 3  DA n 
2 4  DG n 
2 5  DA n 
2 6  DC n 
2 7  DC n 
2 8  DA n 
2 9  DG n 
2 10 DA n 
2 11 DG n 
2 12 DG n 
# 
loop_
_chem_comp.id 
_chem_comp.type 
_chem_comp.mon_nstd_flag 
_chem_comp.name 
_chem_comp.pdbx_synonyms 
_chem_comp.formula 
_chem_comp.formula_weight 
DA  'DNA linking' y "2'-DEOXYADENOSINE-5'-MONOPHOSPHATE"                ? 'C10 H14 N5 O6 P' 331.222 
DC  'DNA linking' y "2'-DEOXYCYTIDINE-5'-MONOPHOSPHATE"                 ? 'C9 H14 N3 O7 P'  307.197 
DG  'DNA linking' y "2'-DEOXYGUANOSINE-5'-MONOPHOSPHATE"                ? 'C10 H14 N5 O7 P' 347.221 
DT  'DNA linking' y "THYMIDINE-5'-MONOPHOSPHATE"                        ? 'C10 H15 N2 O8 P' 322.208 
HOH non-polymer   . WATER                                               ? 'H2 O'            18.015  
LPT non-polymer   . 'CIS-(AMMINE)(CYCLOHEXYLAMINE)PLATINUM(II) COMPLEX' ? 'C6 H16 N2 Pt 2'  311.283 
# 
loop_
_pdbx_poly_seq_scheme.asym_id 
_pdbx_poly_seq_scheme.entity_id 
_pdbx_poly_seq_scheme.seq_id 
_pdbx_poly_seq_scheme.mon_id 
_pdbx_poly_seq_scheme.ndb_seq_num 
_pdbx_poly_seq_scheme.pdb_seq_num 
_pdbx_poly_seq_scheme.auth_seq_num 
_pdbx_poly_seq_scheme.pdb_mon_id 
_pdbx_poly_seq_scheme.auth_mon_id 
_pdbx_poly_seq_scheme.pdb_strand_id 
_pdbx_poly_seq_scheme.pdb_ins_code 
_pdbx_poly_seq_scheme.hetero 
A 1 1  DC 1  1  1  DC C A . n 
A 1 2  DC 2  2  2  DC C A . n 
A 1 3  DT 3  3  3  DT T A . n 
A 1 4  DC 4  4  4  DC C A . n 
A 1 5  DT 5  5  5  DT T A . n 
A 1 6  DG 6  6  6  DG G A . n 
A 1 7  DG 7  7  7  DG G A . n 
A 1 8  DT 8  8  8  DT T A . n 
A 1 9  DC 9  9  9  DC C A . n 
A 1 10 DT 10 10 10 DT T A . n 
A 1 11 DC 11 11 11 DC C A . n 
A 1 12 DC 12 12 12 DC C A . n 
B 2 1  DG 1  13 13 DG G B . n 
B 2 2  DG 2  14 14 DG G B . n 
B 2 3  DA 3  15 15 DA A B . n 
B 2 4  DG 4  16 16 DG G B . n 
B 2 5  DA 5  17 17 DA A B . n 
B 2 6  DC 6  18 18 DC C B . n 
B 2 7  DC 7  19 19 DC C B . n 
B 2 8  DA 8  20 20 DA A B . n 
B 2 9  DG 9  21 21 DG G B . n 
B 2 10 DA 10 22 22 DA A B . n 
B 2 11 DG 11 23 23 DG G B . n 
B 2 12 DG 12 24 24 DG G B . n 
C 1 1  DC 1  25 25 DC C C . n 
C 1 2  DC 2  26 26 DC C C . n 
C 1 3  DT 3  27 27 DT T C . n 
C 1 4  DC 4  28 28 DC C C . n 
C 1 5  DT 5  29 29 DT T C . n 
C 1 6  DG 6  30 30 DG G C . n 
C 1 7  DG 7  31 31 DG G C . n 
C 1 8  DT 8  32 32 DT T C . n 
C 1 9  DC 9  33 33 DC C C . n 
C 1 10 DT 10 34 34 DT T C . n 
C 1 11 DC 11 35 35 DC C C . n 
C 1 12 DC 12 36 36 DC C C . n 
D 2 1  DG 1  37 37 DG G D . n 
D 2 2  DG 2  38 38 DG G D . n 
D 2 3  DA 3  39 39 DA A D . n 
D 2 4  DG 4  40 40 DG G D . n 
D 2 5  DA 5  41 41 DA A D . n 
D 2 6  DC 6  42 42 DC C D . n 
D 2 7  DC 7  43 43 DC C D . n 
D 2 8  DA 8  44 44 DA A D . n 
D 2 9  DG 9  45 45 DG G D . n 
D 2 10 DA 10 46 46 DA A D . n 
D 2 11 DG 11 47 47 DG G D . n 
D 2 12 DG 12 48 48 DG G D . n 
# 
loop_
_pdbx_nonpoly_scheme.asym_id 
_pdbx_nonpoly_scheme.entity_id 
_pdbx_nonpoly_scheme.mon_id 
_pdbx_nonpoly_scheme.ndb_seq_num 
_pdbx_nonpoly_scheme.pdb_seq_num 
_pdbx_nonpoly_scheme.auth_seq_num 
_pdbx_nonpoly_scheme.pdb_mon_id 
_pdbx_nonpoly_scheme.auth_mon_id 
_pdbx_nonpoly_scheme.pdb_strand_id 
_pdbx_nonpoly_scheme.pdb_ins_code 
E 3 LPT 1  49  49  LPT UNK A . 
F 3 LPT 1  50  50  LPT UNK C . 
G 4 HOH 1  204 204 HOH HOH A . 
G 4 HOH 2  214 214 HOH HOH A . 
G 4 HOH 3  216 216 HOH HOH A . 
G 4 HOH 4  222 222 HOH HOH A . 
G 4 HOH 5  224 224 HOH HOH A . 
G 4 HOH 6  230 230 HOH HOH A . 
G 4 HOH 7  231 231 HOH HOH A . 
G 4 HOH 8  232 232 HOH HOH A . 
G 4 HOH 9  233 233 HOH HOH A . 
G 4 HOH 10 241 241 HOH HOH A . 
G 4 HOH 11 246 246 HOH HOH A . 
H 4 HOH 1  207 207 HOH HOH B . 
H 4 HOH 2  211 211 HOH HOH B . 
H 4 HOH 3  213 213 HOH HOH B . 
H 4 HOH 4  218 218 HOH HOH B . 
H 4 HOH 5  220 220 HOH HOH B . 
H 4 HOH 6  225 225 HOH HOH B . 
H 4 HOH 7  228 228 HOH HOH B . 
H 4 HOH 8  239 239 HOH HOH B . 
H 4 HOH 9  240 240 HOH HOH B . 
H 4 HOH 10 244 244 HOH HOH B . 
H 4 HOH 11 245 245 HOH HOH B . 
I 4 HOH 1  201 201 HOH HOH C . 
I 4 HOH 2  202 202 HOH HOH C . 
I 4 HOH 3  206 206 HOH HOH C . 
I 4 HOH 4  210 210 HOH HOH C . 
I 4 HOH 5  212 212 HOH HOH C . 
I 4 HOH 6  219 219 HOH HOH C . 
I 4 HOH 7  223 223 HOH HOH C . 
I 4 HOH 8  226 226 HOH HOH C . 
I 4 HOH 9  234 234 HOH HOH C . 
I 4 HOH 10 236 236 HOH HOH C . 
I 4 HOH 11 237 237 HOH HOH C . 
J 4 HOH 1  203 203 HOH HOH D . 
J 4 HOH 2  205 205 HOH HOH D . 
J 4 HOH 3  208 208 HOH HOH D . 
J 4 HOH 4  209 209 HOH HOH D . 
J 4 HOH 5  215 215 HOH HOH D . 
J 4 HOH 6  217 217 HOH HOH D . 
J 4 HOH 7  221 221 HOH HOH D . 
J 4 HOH 8  227 227 HOH HOH D . 
J 4 HOH 9  229 229 HOH HOH D . 
J 4 HOH 10 235 235 HOH HOH D . 
J 4 HOH 11 238 238 HOH HOH D . 
J 4 HOH 12 242 242 HOH HOH D . 
J 4 HOH 13 243 243 HOH HOH D . 
J 4 HOH 14 248 248 HOH HOH D . 
# 
loop_
_software.name 
_software.classification 
_software.version 
_software.citation_id 
_software.pdbx_ordinal 
DENZO     'data reduction' . ? 1 
SCALEPACK 'data scaling'   . ? 2 
SHELXS    phasing          . ? 3 
SHELXL-97 refinement       . ? 4 
# 
_cell.entry_id           1LU5 
_cell.length_a           31.644 
_cell.length_b           35.638 
_cell.length_c           46.556 
_cell.angle_alpha        79.53 
_cell.angle_beta         83.02 
_cell.angle_gamma        81.36 
_cell.Z_PDB              2 
_cell.pdbx_unique_axis   ? 
# 
_symmetry.entry_id                         1LU5 
_symmetry.space_group_name_H-M             'P 1' 
_symmetry.pdbx_full_space_group_name_H-M   ? 
_symmetry.cell_setting                     ? 
_symmetry.Int_Tables_number                1 
# 
_exptl.entry_id          1LU5 
_exptl.method            'X-RAY DIFFRACTION' 
_exptl.crystals_number   1 
# 
_exptl_crystal.id                    1 
_exptl_crystal.density_meas          ? 
_exptl_crystal.density_percent_sol   67.4 
_exptl_crystal.density_Matthews      3.78 
_exptl_crystal.description           ? 
# 
_exptl_crystal_grow.crystal_id      1 
_exptl_crystal_grow.method          'VAPOR DIFFUSION, HANGING DROP' 
_exptl_crystal_grow.temp            277 
_exptl_crystal_grow.temp_details    ? 
_exptl_crystal_grow.pH              6.5 
_exptl_crystal_grow.pdbx_details    
'spermine, sodium cacodylate, magnesium acetate, PEG 4000, pH 6.5, VAPOR DIFFUSION, HANGING DROP, temperature 277K' 
_exptl_crystal_grow.pdbx_pH_range   . 
# 
loop_
_exptl_crystal_grow_comp.crystal_id 
_exptl_crystal_grow_comp.id 
_exptl_crystal_grow_comp.sol_id 
_exptl_crystal_grow_comp.name 
_exptl_crystal_grow_comp.conc 
_exptl_crystal_grow_comp.volume 
_exptl_crystal_grow_comp.details 
1 1 1 spermine            ? ? ? 
1 2 1 'sodium cacodylate' ? ? ? 
1 3 1 'magnesium acetate' ? ? ? 
1 4 1 'PEG 4000'          ? ? ? 
# 
_diffrn.id                     1 
_diffrn.ambient_temp           100 
_diffrn.ambient_temp_details   ? 
_diffrn.crystal_id             1 
# 
_diffrn_detector.diffrn_id              1 
_diffrn_detector.detector               CCD 
_diffrn_detector.type                   MARRESEARCH 
_diffrn_detector.pdbx_collection_date   2001-08-12 
_diffrn_detector.details                ? 
# 
_diffrn_radiation.diffrn_id                        1 
_diffrn_radiation.wavelength_id                    1 
_diffrn_radiation.monochromator                    ? 
_diffrn_radiation.pdbx_monochromatic_or_laue_m_l   M 
_diffrn_radiation.pdbx_diffrn_protocol             'SINGLE WAVELENGTH' 
_diffrn_radiation.pdbx_scattering_type             x-ray 
# 
_diffrn_radiation_wavelength.id           1 
_diffrn_radiation_wavelength.wavelength   0.97 
_diffrn_radiation_wavelength.wt           1.0 
# 
_diffrn_source.diffrn_id                   1 
_diffrn_source.source                      SYNCHROTRON 
_diffrn_source.type                        'APS BEAMLINE 19-ID' 
_diffrn_source.pdbx_synchrotron_site       APS 
_diffrn_source.pdbx_synchrotron_beamline   19-ID 
_diffrn_source.pdbx_wavelength             ? 
_diffrn_source.pdbx_wavelength_list        0.97 
# 
_reflns.entry_id                     1LU5 
_reflns.observed_criterion_sigma_F   4 
_reflns.observed_criterion_sigma_I   2 
_reflns.d_resolution_high            2.4 
_reflns.d_resolution_low             50 
_reflns.number_all                   ? 
_reflns.number_obs                   7337 
_reflns.percent_possible_obs         96.3 
_reflns.pdbx_Rmerge_I_obs            0.082 
_reflns.pdbx_Rsym_value              0.09 
_reflns.pdbx_netI_over_sigmaI        9.2 
_reflns.B_iso_Wilson_estimate        ? 
_reflns.pdbx_redundancy              ? 
_reflns.R_free_details               ? 
_reflns.pdbx_ordinal                 1 
_reflns.pdbx_diffrn_id               1 
# 
_reflns_shell.d_res_high             2.40 
_reflns_shell.d_res_low              2.49 
_reflns_shell.percent_possible_all   96.3 
_reflns_shell.Rmerge_I_obs           0.251 
_reflns_shell.pdbx_Rsym_value        0.277 
_reflns_shell.meanI_over_sigI_obs    ? 
_reflns_shell.pdbx_redundancy        ? 
_reflns_shell.percent_possible_obs   ? 
_reflns_shell.number_unique_all      ? 
_reflns_shell.pdbx_ordinal           1 
_reflns_shell.pdbx_diffrn_id         1 
# 
_refine.entry_id                                 1LU5 
_refine.ls_d_res_high                            2.40 
_refine.ls_d_res_low                             50.0 
_refine.pdbx_ls_sigma_F                          4 
_refine.pdbx_ls_sigma_I                          2 
_refine.ls_number_reflns_all                     6604 
_refine.ls_number_reflns_obs                     ? 
_refine.ls_number_reflns_R_free                  ? 
_refine.ls_percent_reflns_obs                    96.3 
_refine.ls_R_factor_all                          ? 
_refine.ls_R_factor_obs                          ? 
_refine.ls_R_factor_R_work                       ? 
_refine.ls_R_factor_R_free                       ? 
_refine.ls_redundancy_reflns_obs                 ? 
_refine.pdbx_data_cutoff_high_absF               ? 
_refine.pdbx_data_cutoff_low_absF                ? 
_refine.ls_number_parameters                     4163 
_refine.ls_number_restraints                     4897 
_refine.ls_percent_reflns_R_free                 10.0 
_refine.ls_R_factor_R_free_error                 ? 
_refine.ls_R_factor_R_free_error_details         ? 
_refine.pdbx_method_to_determine_struct          'MOLECULAR REPLACEMENT' 
_refine.pdbx_starting_model                      'PDB Entry 1AIO' 
_refine.pdbx_ls_cross_valid_method               THROUGHOUT 
_refine.pdbx_R_Free_selection_details            random 
_refine.pdbx_stereochem_target_val_spec_case     ? 
_refine.pdbx_stereochemistry_target_values       ? 
_refine.solvent_model_details                    ? 
_refine.solvent_model_param_bsol                 ? 
_refine.solvent_model_param_ksol                 ? 
_refine.occupancy_max                            ? 
_refine.occupancy_min                            ? 
_refine.pdbx_isotropic_thermal_model             isotropic 
_refine.B_iso_mean                               ? 
_refine.aniso_B[1][1]                            ? 
_refine.aniso_B[1][2]                            ? 
_refine.aniso_B[1][3]                            ? 
_refine.aniso_B[2][2]                            ? 
_refine.aniso_B[2][3]                            ? 
_refine.aniso_B[3][3]                            ? 
_refine.details                                  ? 
_refine.correlation_coeff_Fo_to_Fc               ? 
_refine.correlation_coeff_Fo_to_Fc_free          ? 
_refine.pdbx_solvent_vdw_probe_radii             ? 
_refine.pdbx_solvent_ion_probe_radii             ? 
_refine.pdbx_solvent_shrinkage_radii             ? 
_refine.overall_SU_R_Cruickshank_DPI             ? 
_refine.overall_SU_R_free                        ? 
_refine.overall_SU_B                             ? 
_refine.overall_SU_ML                            ? 
_refine.pdbx_overall_ESU_R                       ? 
_refine.pdbx_overall_ESU_R_Free                  ? 
_refine.pdbx_data_cutoff_high_rms_absF           ? 
_refine.pdbx_refine_id                           'X-RAY DIFFRACTION' 
_refine.pdbx_diffrn_id                           1 
_refine.pdbx_TLS_residual_ADP_flag               ? 
_refine.pdbx_overall_phase_error                 ? 
_refine.pdbx_overall_SU_R_free_Cruickshank_DPI   ? 
_refine.pdbx_overall_SU_R_Blow_DPI               ? 
_refine.pdbx_overall_SU_R_free_Blow_DPI          ? 
# 
_refine_analyze.entry_id                        1LU5 
_refine_analyze.Luzzati_coordinate_error_obs    ? 
_refine_analyze.Luzzati_d_res_low_obs           ? 
_refine_analyze.Luzzati_coordinate_error_free   ? 
_refine_analyze.Luzzati_d_res_low_free          ? 
_refine_analyze.Luzzati_sigma_a_obs             ? 
_refine_analyze.Luzzati_sigma_a_free            ? 
_refine_analyze.number_disordered_residues      ? 
_refine_analyze.occupancy_sum_non_hydrogen      1037.00 
_refine_analyze.occupancy_sum_hydrogen          0.00 
_refine_analyze.pdbx_refine_id                  'X-RAY DIFFRACTION' 
# 
_refine_hist.pdbx_refine_id                   'X-RAY DIFFRACTION' 
_refine_hist.cycle_id                         LAST 
_refine_hist.pdbx_number_atoms_protein        0 
_refine_hist.pdbx_number_atoms_nucleic_acid   972 
_refine_hist.pdbx_number_atoms_ligand         18 
_refine_hist.number_atoms_solvent             47 
_refine_hist.number_atoms_total               1037 
_refine_hist.d_res_high                       2.40 
_refine_hist.d_res_low                        50.0 
# 
loop_
_refine_ls_restr.type 
_refine_ls_restr.dev_ideal 
_refine_ls_restr.dev_ideal_target 
_refine_ls_restr.weight 
_refine_ls_restr.number 
_refine_ls_restr.pdbx_refine_id 
_refine_ls_restr.pdbx_restraint_function 
s_bond_d               0.005  ? ? ? 'X-RAY DIFFRACTION' ? 
s_angle_d              0.022  ? ? ? 'X-RAY DIFFRACTION' ? 
s_similar_dist         0.00   ? ? ? 'X-RAY DIFFRACTION' ? 
s_from_restr_planes    0.0003 ? ? ? 'X-RAY DIFFRACTION' ? 
s_zero_chiral_vol      0.000  ? ? ? 'X-RAY DIFFRACTION' ? 
s_non_zero_chiral_vol  0.004  ? ? ? 'X-RAY DIFFRACTION' ? 
s_anti_bump_dis_restr  0.005  ? ? ? 'X-RAY DIFFRACTION' ? 
s_rigid_bond_adp_cmpnt 0.000  ? ? ? 'X-RAY DIFFRACTION' ? 
s_similar_adp_cmpnt    0.075  ? ? ? 'X-RAY DIFFRACTION' ? 
s_approx_iso_adps      0.000  ? ? ? 'X-RAY DIFFRACTION' ? 
# 
_pdbx_refine.R_factor_all_4sig_cutoff                    0.2351 
_pdbx_refine.R_factor_obs_4sig_cutoff                    0.2008 
_pdbx_refine.number_reflns_obs_4sig_cutoff               5267 
_pdbx_refine.free_R_factor_4sig_cutoff                   0.2495 
_pdbx_refine.free_R_val_test_set_ct_4sig_cutoff          565 
_pdbx_refine.free_R_val_test_set_size_perc_4sig_cutoff   10 
_pdbx_refine.entry_id                                    1LU5 
_pdbx_refine.R_factor_all_no_cutoff                      ? 
_pdbx_refine.R_factor_obs_no_cutoff                      0.2345 
_pdbx_refine.number_reflns_obs_no_cutoff                 6604 
_pdbx_refine.free_R_factor_no_cutoff                     0.2944 
_pdbx_refine.free_R_val_test_set_ct_no_cutoff            733 
_pdbx_refine.free_R_val_test_set_size_perc_no_cutoff     10.00 
_pdbx_refine.pdbx_refine_id                              'X-RAY DIFFRACTION' 
_pdbx_refine.free_R_error_no_cutoff                      ? 
# 
_struct.entry_id                  1LU5 
_struct.title                     
'2.4 Angstrom Crystal Structure of the Asymmetric Platinum Complex {Pt(ammine)(cyclohexylamine)}2+ Bound to a Dodecamer DNA Duplex' 
_struct.pdbx_model_details        ? 
_struct.pdbx_CASP_flag            ? 
_struct.pdbx_model_type_details   ? 
# 
_struct_keywords.entry_id        1LU5 
_struct_keywords.pdbx_keywords   DNA 
_struct_keywords.text            'platinum-DNA complex, DNA' 
# 
loop_
_struct_asym.id 
_struct_asym.pdbx_blank_PDB_chainid_flag 
_struct_asym.pdbx_modified 
_struct_asym.entity_id 
_struct_asym.details 
A N N 1 ? 
B N N 2 ? 
C N N 1 ? 
D N N 2 ? 
E N N 3 ? 
F N N 3 ? 
G N N 4 ? 
H N N 4 ? 
I N N 4 ? 
J N N 4 ? 
# 
loop_
_struct_ref.id 
_struct_ref.entity_id 
_struct_ref.db_name 
_struct_ref.db_code 
_struct_ref.pdbx_db_accession 
_struct_ref.pdbx_db_isoform 
_struct_ref.pdbx_seq_one_letter_code 
_struct_ref.pdbx_align_begin 
1 1 PDB 1LU5 1LU5 ? ? ? 
2 2 PDB 1LU5 1LU5 ? ? ? 
# 
loop_
_struct_ref_seq.align_id 
_struct_ref_seq.ref_id 
_struct_ref_seq.pdbx_PDB_id_code 
_struct_ref_seq.pdbx_strand_id 
_struct_ref_seq.seq_align_beg 
_struct_ref_seq.pdbx_seq_align_beg_ins_code 
_struct_ref_seq.seq_align_end 
_struct_ref_seq.pdbx_seq_align_end_ins_code 
_struct_ref_seq.pdbx_db_accession 
_struct_ref_seq.db_align_beg 
_struct_ref_seq.pdbx_db_align_beg_ins_code 
_struct_ref_seq.db_align_end 
_struct_ref_seq.pdbx_db_align_end_ins_code 
_struct_ref_seq.pdbx_auth_seq_align_beg 
_struct_ref_seq.pdbx_auth_seq_align_end 
1 1 1LU5 A 1 ? 12 ? 1LU5 1  ? 12 ? 1  12 
2 2 1LU5 B 1 ? 12 ? 1LU5 13 ? 24 ? 13 24 
3 1 1LU5 C 1 ? 12 ? 1LU5 25 ? 36 ? 25 36 
4 2 1LU5 D 1 ? 12 ? 1LU5 37 ? 48 ? 37 48 
# 
loop_
_pdbx_struct_assembly.id 
_pdbx_struct_assembly.details 
_pdbx_struct_assembly.method_details 
_pdbx_struct_assembly.oligomeric_details 
_pdbx_struct_assembly.oligomeric_count 
1 author_defined_assembly ? dimeric 2 
2 author_defined_assembly ? dimeric 2 
# 
loop_
_pdbx_struct_assembly_gen.assembly_id 
_pdbx_struct_assembly_gen.oper_expression 
_pdbx_struct_assembly_gen.asym_id_list 
1 1 A,B,E,G,H 
2 1 C,D,F,I,J 
# 
_pdbx_struct_oper_list.id                   1 
_pdbx_struct_oper_list.type                 'identity operation' 
_pdbx_struct_oper_list.name                 1_555 
_pdbx_struct_oper_list.symmetry_operation   x,y,z 
_pdbx_struct_oper_list.matrix[1][1]         1.0000000000 
_pdbx_struct_oper_list.matrix[1][2]         0.0000000000 
_pdbx_struct_oper_list.matrix[1][3]         0.0000000000 
_pdbx_struct_oper_list.vector[1]            0.0000000000 
_pdbx_struct_oper_list.matrix[2][1]         0.0000000000 
_pdbx_struct_oper_list.matrix[2][2]         1.0000000000 
_pdbx_struct_oper_list.matrix[2][3]         0.0000000000 
_pdbx_struct_oper_list.vector[2]            0.0000000000 
_pdbx_struct_oper_list.matrix[3][1]         0.0000000000 
_pdbx_struct_oper_list.matrix[3][2]         0.0000000000 
_pdbx_struct_oper_list.matrix[3][3]         1.0000000000 
_pdbx_struct_oper_list.vector[3]            0.0000000000 
# 
_struct_biol.id   1 
# 
loop_
_struct_conn.id 
_struct_conn.conn_type_id 
_struct_conn.pdbx_leaving_atom_flag 
_struct_conn.pdbx_PDB_id 
_struct_conn.ptnr1_label_asym_id 
_struct_conn.ptnr1_label_comp_id 
_struct_conn.ptnr1_label_seq_id 
_struct_conn.ptnr1_label_atom_id 
_struct_conn.pdbx_ptnr1_label_alt_id 
_struct_conn.pdbx_ptnr1_PDB_ins_code 
_struct_conn.pdbx_ptnr1_standard_comp_id 
_struct_conn.ptnr1_symmetry 
_struct_conn.ptnr2_label_asym_id 
_struct_conn.ptnr2_label_comp_id 
_struct_conn.ptnr2_label_seq_id 
_struct_conn.ptnr2_label_atom_id 
_struct_conn.pdbx_ptnr2_label_alt_id 
_struct_conn.pdbx_ptnr2_PDB_ins_code 
_struct_conn.ptnr1_auth_asym_id 
_struct_conn.ptnr1_auth_comp_id 
_struct_conn.ptnr1_auth_seq_id 
_struct_conn.ptnr2_auth_asym_id 
_struct_conn.ptnr2_auth_comp_id 
_struct_conn.ptnr2_auth_seq_id 
_struct_conn.ptnr2_symmetry 
_struct_conn.pdbx_ptnr3_label_atom_id 
_struct_conn.pdbx_ptnr3_label_seq_id 
_struct_conn.pdbx_ptnr3_label_comp_id 
_struct_conn.pdbx_ptnr3_label_asym_id 
_struct_conn.pdbx_ptnr3_label_alt_id 
_struct_conn.pdbx_ptnr3_PDB_ins_code 
_struct_conn.details 
_struct_conn.pdbx_dist_value 
_struct_conn.pdbx_value_order 
_struct_conn.pdbx_role 
metalc1  metalc ? ? A DG 6  N7 ? ? ? 1_555 E LPT .  PT ? ? A DG 6  A LPT 49 1_555 ? ? ? ? ? ? ?            1.965 ? ? 
metalc2  metalc ? ? A DG 7  N7 ? ? ? 1_555 E LPT .  PT ? ? A DG 7  A LPT 49 1_555 ? ? ? ? ? ? ?            1.957 ? ? 
metalc3  metalc ? ? C DG 6  N7 ? ? ? 1_555 F LPT .  PT ? ? C DG 30 C LPT 50 1_555 ? ? ? ? ? ? ?            1.961 ? ? 
metalc4  metalc ? ? C DG 7  N7 ? ? ? 1_555 F LPT .  PT ? ? C DG 31 C LPT 50 1_555 ? ? ? ? ? ? ?            1.961 ? ? 
hydrog1  hydrog ? ? A DC 1  N3 ? ? ? 1_555 B DG  12 N1 ? ? A DC 1  B DG  24 1_555 ? ? ? ? ? ? WATSON-CRICK ?     ? ? 
hydrog2  hydrog ? ? A DC 1  N4 ? ? ? 1_555 B DG  12 O6 ? ? A DC 1  B DG  24 1_555 ? ? ? ? ? ? WATSON-CRICK ?     ? ? 
hydrog3  hydrog ? ? A DC 1  O2 ? ? ? 1_555 B DG  12 N2 ? ? A DC 1  B DG  24 1_555 ? ? ? ? ? ? WATSON-CRICK ?     ? ? 
hydrog4  hydrog ? ? A DC 2  N3 ? ? ? 1_555 B DG  11 N1 ? ? A DC 2  B DG  23 1_555 ? ? ? ? ? ? WATSON-CRICK ?     ? ? 
hydrog5  hydrog ? ? A DC 2  N4 ? ? ? 1_555 B DG  11 O6 ? ? A DC 2  B DG  23 1_555 ? ? ? ? ? ? WATSON-CRICK ?     ? ? 
hydrog6  hydrog ? ? A DC 2  O2 ? ? ? 1_555 B DG  11 N2 ? ? A DC 2  B DG  23 1_555 ? ? ? ? ? ? WATSON-CRICK ?     ? ? 
hydrog7  hydrog ? ? A DT 3  N3 ? ? ? 1_555 B DA  10 N1 ? ? A DT 3  B DA  22 1_555 ? ? ? ? ? ? 'DT-DA PAIR' ?     ? ? 
hydrog8  hydrog ? ? A DC 4  N3 ? ? ? 1_555 B DG  9  N1 ? ? A DC 4  B DG  21 1_555 ? ? ? ? ? ? WATSON-CRICK ?     ? ? 
hydrog9  hydrog ? ? A DC 4  N4 ? ? ? 1_555 B DG  9  O6 ? ? A DC 4  B DG  21 1_555 ? ? ? ? ? ? WATSON-CRICK ?     ? ? 
hydrog10 hydrog ? ? A DC 4  O2 ? ? ? 1_555 B DG  9  N2 ? ? A DC 4  B DG  21 1_555 ? ? ? ? ? ? WATSON-CRICK ?     ? ? 
hydrog11 hydrog ? ? A DT 5  N3 ? ? ? 1_555 B DA  8  N1 ? ? A DT 5  B DA  20 1_555 ? ? ? ? ? ? WATSON-CRICK ?     ? ? 
hydrog12 hydrog ? ? A DT 5  O4 ? ? ? 1_555 B DA  8  N6 ? ? A DT 5  B DA  20 1_555 ? ? ? ? ? ? WATSON-CRICK ?     ? ? 
hydrog13 hydrog ? ? A DG 6  N1 ? ? ? 1_555 B DC  7  N3 ? ? A DG 6  B DC  19 1_555 ? ? ? ? ? ? WATSON-CRICK ?     ? ? 
hydrog14 hydrog ? ? A DG 6  N2 ? ? ? 1_555 B DC  7  O2 ? ? A DG 6  B DC  19 1_555 ? ? ? ? ? ? WATSON-CRICK ?     ? ? 
hydrog15 hydrog ? ? A DG 6  O6 ? ? ? 1_555 B DC  7  N4 ? ? A DG 6  B DC  19 1_555 ? ? ? ? ? ? WATSON-CRICK ?     ? ? 
hydrog16 hydrog ? ? A DG 7  N1 ? ? ? 1_555 B DC  6  N3 ? ? A DG 7  B DC  18 1_555 ? ? ? ? ? ? WATSON-CRICK ?     ? ? 
hydrog17 hydrog ? ? A DG 7  N2 ? ? ? 1_555 B DC  6  O2 ? ? A DG 7  B DC  18 1_555 ? ? ? ? ? ? WATSON-CRICK ?     ? ? 
hydrog18 hydrog ? ? A DG 7  O6 ? ? ? 1_555 B DC  6  N4 ? ? A DG 7  B DC  18 1_555 ? ? ? ? ? ? WATSON-CRICK ?     ? ? 
hydrog19 hydrog ? ? A DT 8  N3 ? ? ? 1_555 B DA  5  N1 ? ? A DT 8  B DA  17 1_555 ? ? ? ? ? ? WATSON-CRICK ?     ? ? 
hydrog20 hydrog ? ? A DT 8  O4 ? ? ? 1_555 B DA  5  N6 ? ? A DT 8  B DA  17 1_555 ? ? ? ? ? ? WATSON-CRICK ?     ? ? 
hydrog21 hydrog ? ? A DC 9  N3 ? ? ? 1_555 B DG  4  N1 ? ? A DC 9  B DG  16 1_555 ? ? ? ? ? ? WATSON-CRICK ?     ? ? 
hydrog22 hydrog ? ? A DC 9  N4 ? ? ? 1_555 B DG  4  O6 ? ? A DC 9  B DG  16 1_555 ? ? ? ? ? ? WATSON-CRICK ?     ? ? 
hydrog23 hydrog ? ? A DC 9  O2 ? ? ? 1_555 B DG  4  N2 ? ? A DC 9  B DG  16 1_555 ? ? ? ? ? ? WATSON-CRICK ?     ? ? 
hydrog24 hydrog ? ? A DT 10 N3 ? ? ? 1_555 B DA  3  N1 ? ? A DT 10 B DA  15 1_555 ? ? ? ? ? ? WATSON-CRICK ?     ? ? 
hydrog25 hydrog ? ? A DT 10 O4 ? ? ? 1_555 B DA  3  N6 ? ? A DT 10 B DA  15 1_555 ? ? ? ? ? ? WATSON-CRICK ?     ? ? 
hydrog26 hydrog ? ? A DC 11 N3 ? ? ? 1_555 B DG  2  N1 ? ? A DC 11 B DG  14 1_555 ? ? ? ? ? ? WATSON-CRICK ?     ? ? 
hydrog27 hydrog ? ? A DC 11 N4 ? ? ? 1_555 B DG  2  O6 ? ? A DC 11 B DG  14 1_555 ? ? ? ? ? ? WATSON-CRICK ?     ? ? 
hydrog28 hydrog ? ? A DC 11 O2 ? ? ? 1_555 B DG  2  N2 ? ? A DC 11 B DG  14 1_555 ? ? ? ? ? ? WATSON-CRICK ?     ? ? 
hydrog29 hydrog ? ? A DC 12 N3 ? ? ? 1_555 B DG  1  N1 ? ? A DC 12 B DG  13 1_555 ? ? ? ? ? ? WATSON-CRICK ?     ? ? 
hydrog30 hydrog ? ? A DC 12 N4 ? ? ? 1_555 B DG  1  O6 ? ? A DC 12 B DG  13 1_555 ? ? ? ? ? ? WATSON-CRICK ?     ? ? 
hydrog31 hydrog ? ? A DC 12 O2 ? ? ? 1_555 B DG  1  N2 ? ? A DC 12 B DG  13 1_555 ? ? ? ? ? ? WATSON-CRICK ?     ? ? 
hydrog32 hydrog ? ? C DC 1  N3 ? ? ? 1_555 D DG  12 N1 ? ? C DC 25 D DG  48 1_555 ? ? ? ? ? ? WATSON-CRICK ?     ? ? 
hydrog33 hydrog ? ? C DC 1  N4 ? ? ? 1_555 D DG  12 O6 ? ? C DC 25 D DG  48 1_555 ? ? ? ? ? ? WATSON-CRICK ?     ? ? 
hydrog34 hydrog ? ? C DC 1  O2 ? ? ? 1_555 D DG  12 N2 ? ? C DC 25 D DG  48 1_555 ? ? ? ? ? ? WATSON-CRICK ?     ? ? 
hydrog35 hydrog ? ? C DC 2  N3 ? ? ? 1_555 D DG  11 N1 ? ? C DC 26 D DG  47 1_555 ? ? ? ? ? ? WATSON-CRICK ?     ? ? 
hydrog36 hydrog ? ? C DC 2  N4 ? ? ? 1_555 D DG  11 O6 ? ? C DC 26 D DG  47 1_555 ? ? ? ? ? ? WATSON-CRICK ?     ? ? 
hydrog37 hydrog ? ? C DC 2  O2 ? ? ? 1_555 D DG  11 N2 ? ? C DC 26 D DG  47 1_555 ? ? ? ? ? ? WATSON-CRICK ?     ? ? 
hydrog38 hydrog ? ? C DT 3  N3 ? ? ? 1_555 D DA  10 N1 ? ? C DT 27 D DA  46 1_555 ? ? ? ? ? ? WATSON-CRICK ?     ? ? 
hydrog39 hydrog ? ? C DT 3  O4 ? ? ? 1_555 D DA  10 N6 ? ? C DT 27 D DA  46 1_555 ? ? ? ? ? ? WATSON-CRICK ?     ? ? 
hydrog40 hydrog ? ? C DC 4  N3 ? ? ? 1_555 D DG  9  N1 ? ? C DC 28 D DG  45 1_555 ? ? ? ? ? ? WATSON-CRICK ?     ? ? 
hydrog41 hydrog ? ? C DC 4  N4 ? ? ? 1_555 D DG  9  O6 ? ? C DC 28 D DG  45 1_555 ? ? ? ? ? ? WATSON-CRICK ?     ? ? 
hydrog42 hydrog ? ? C DC 4  O2 ? ? ? 1_555 D DG  9  N2 ? ? C DC 28 D DG  45 1_555 ? ? ? ? ? ? WATSON-CRICK ?     ? ? 
hydrog43 hydrog ? ? C DT 5  N3 ? ? ? 1_555 D DA  8  N1 ? ? C DT 29 D DA  44 1_555 ? ? ? ? ? ? WATSON-CRICK ?     ? ? 
hydrog44 hydrog ? ? C DT 5  O4 ? ? ? 1_555 D DA  8  N6 ? ? C DT 29 D DA  44 1_555 ? ? ? ? ? ? WATSON-CRICK ?     ? ? 
hydrog45 hydrog ? ? C DG 6  N1 ? ? ? 1_555 D DC  7  N3 ? ? C DG 30 D DC  43 1_555 ? ? ? ? ? ? WATSON-CRICK ?     ? ? 
hydrog46 hydrog ? ? C DG 6  N2 ? ? ? 1_555 D DC  7  O2 ? ? C DG 30 D DC  43 1_555 ? ? ? ? ? ? WATSON-CRICK ?     ? ? 
hydrog47 hydrog ? ? C DG 6  O6 ? ? ? 1_555 D DC  7  N4 ? ? C DG 30 D DC  43 1_555 ? ? ? ? ? ? WATSON-CRICK ?     ? ? 
hydrog48 hydrog ? ? C DG 7  N1 ? ? ? 1_555 D DC  6  N3 ? ? C DG 31 D DC  42 1_555 ? ? ? ? ? ? WATSON-CRICK ?     ? ? 
hydrog49 hydrog ? ? C DG 7  N2 ? ? ? 1_555 D DC  6  O2 ? ? C DG 31 D DC  42 1_555 ? ? ? ? ? ? WATSON-CRICK ?     ? ? 
hydrog50 hydrog ? ? C DG 7  O6 ? ? ? 1_555 D DC  6  N4 ? ? C DG 31 D DC  42 1_555 ? ? ? ? ? ? WATSON-CRICK ?     ? ? 
hydrog51 hydrog ? ? C DT 8  N3 ? ? ? 1_555 D DA  5  N1 ? ? C DT 32 D DA  41 1_555 ? ? ? ? ? ? WATSON-CRICK ?     ? ? 
hydrog52 hydrog ? ? C DT 8  O4 ? ? ? 1_555 D DA  5  N6 ? ? C DT 32 D DA  41 1_555 ? ? ? ? ? ? WATSON-CRICK ?     ? ? 
hydrog53 hydrog ? ? C DC 9  N3 ? ? ? 1_555 D DG  4  N1 ? ? C DC 33 D DG  40 1_555 ? ? ? ? ? ? WATSON-CRICK ?     ? ? 
hydrog54 hydrog ? ? C DC 9  N4 ? ? ? 1_555 D DG  4  O6 ? ? C DC 33 D DG  40 1_555 ? ? ? ? ? ? WATSON-CRICK ?     ? ? 
hydrog55 hydrog ? ? C DC 9  O2 ? ? ? 1_555 D DG  4  N2 ? ? C DC 33 D DG  40 1_555 ? ? ? ? ? ? WATSON-CRICK ?     ? ? 
hydrog56 hydrog ? ? C DT 10 N3 ? ? ? 1_555 D DA  3  N1 ? ? C DT 34 D DA  39 1_555 ? ? ? ? ? ? WATSON-CRICK ?     ? ? 
hydrog57 hydrog ? ? C DT 10 O4 ? ? ? 1_555 D DA  3  N6 ? ? C DT 34 D DA  39 1_555 ? ? ? ? ? ? WATSON-CRICK ?     ? ? 
hydrog58 hydrog ? ? C DC 11 N3 ? ? ? 1_555 D DG  2  N1 ? ? C DC 35 D DG  38 1_555 ? ? ? ? ? ? WATSON-CRICK ?     ? ? 
hydrog59 hydrog ? ? C DC 11 N4 ? ? ? 1_555 D DG  2  O6 ? ? C DC 35 D DG  38 1_555 ? ? ? ? ? ? WATSON-CRICK ?     ? ? 
hydrog60 hydrog ? ? C DC 11 O2 ? ? ? 1_555 D DG  2  N2 ? ? C DC 35 D DG  38 1_555 ? ? ? ? ? ? WATSON-CRICK ?     ? ? 
hydrog61 hydrog ? ? C DC 12 N3 ? ? ? 1_555 D DG  1  N1 ? ? C DC 36 D DG  37 1_555 ? ? ? ? ? ? WATSON-CRICK ?     ? ? 
hydrog62 hydrog ? ? C DC 12 N4 ? ? ? 1_555 D DG  1  O6 ? ? C DC 36 D DG  37 1_555 ? ? ? ? ? ? WATSON-CRICK ?     ? ? 
hydrog63 hydrog ? ? C DC 12 O2 ? ? ? 1_555 D DG  1  N2 ? ? C DC 36 D DG  37 1_555 ? ? ? ? ? ? WATSON-CRICK ?     ? ? 
# 
loop_
_struct_conn_type.id 
_struct_conn_type.criteria 
_struct_conn_type.reference 
metalc ? ? 
hydrog ? ? 
# 
loop_
_pdbx_struct_conn_angle.id 
_pdbx_struct_conn_angle.ptnr1_label_atom_id 
_pdbx_struct_conn_angle.ptnr1_label_alt_id 
_pdbx_struct_conn_angle.ptnr1_label_asym_id 
_pdbx_struct_conn_angle.ptnr1_label_comp_id 
_pdbx_struct_conn_angle.ptnr1_label_seq_id 
_pdbx_struct_conn_angle.ptnr1_auth_atom_id 
_pdbx_struct_conn_angle.ptnr1_auth_asym_id 
_pdbx_struct_conn_angle.ptnr1_auth_comp_id 
_pdbx_struct_conn_angle.ptnr1_auth_seq_id 
_pdbx_struct_conn_angle.ptnr1_PDB_ins_code 
_pdbx_struct_conn_angle.ptnr1_symmetry 
_pdbx_struct_conn_angle.ptnr2_label_atom_id 
_pdbx_struct_conn_angle.ptnr2_label_alt_id 
_pdbx_struct_conn_angle.ptnr2_label_asym_id 
_pdbx_struct_conn_angle.ptnr2_label_comp_id 
_pdbx_struct_conn_angle.ptnr2_label_seq_id 
_pdbx_struct_conn_angle.ptnr2_auth_atom_id 
_pdbx_struct_conn_angle.ptnr2_auth_asym_id 
_pdbx_struct_conn_angle.ptnr2_auth_comp_id 
_pdbx_struct_conn_angle.ptnr2_auth_seq_id 
_pdbx_struct_conn_angle.ptnr2_PDB_ins_code 
_pdbx_struct_conn_angle.ptnr2_symmetry 
_pdbx_struct_conn_angle.ptnr3_label_atom_id 
_pdbx_struct_conn_angle.ptnr3_label_alt_id 
_pdbx_struct_conn_angle.ptnr3_label_asym_id 
_pdbx_struct_conn_angle.ptnr3_label_comp_id 
_pdbx_struct_conn_angle.ptnr3_label_seq_id 
_pdbx_struct_conn_angle.ptnr3_auth_atom_id 
_pdbx_struct_conn_angle.ptnr3_auth_asym_id 
_pdbx_struct_conn_angle.ptnr3_auth_comp_id 
_pdbx_struct_conn_angle.ptnr3_auth_seq_id 
_pdbx_struct_conn_angle.ptnr3_PDB_ins_code 
_pdbx_struct_conn_angle.ptnr3_symmetry 
_pdbx_struct_conn_angle.value 
_pdbx_struct_conn_angle.value_esd 
1  N7 ? A DG  6 ? A DG  6  ? 1_555 PT ? E LPT . ? A LPT 49 ? 1_555 N2 ? E LPT . ? A LPT 49 ? 1_555 159.5 ? 
2  N7 ? A DG  6 ? A DG  6  ? 1_555 PT ? E LPT . ? A LPT 49 ? 1_555 N1 ? E LPT . ? A LPT 49 ? 1_555 96.4  ? 
3  N2 ? E LPT . ? A LPT 49 ? 1_555 PT ? E LPT . ? A LPT 49 ? 1_555 N1 ? E LPT . ? A LPT 49 ? 1_555 87.6  ? 
4  N7 ? A DG  6 ? A DG  6  ? 1_555 PT ? E LPT . ? A LPT 49 ? 1_555 N7 ? A DG  7 ? A DG  7  ? 1_555 92.3  ? 
5  N2 ? E LPT . ? A LPT 49 ? 1_555 PT ? E LPT . ? A LPT 49 ? 1_555 N7 ? A DG  7 ? A DG  7  ? 1_555 87.5  ? 
6  N1 ? E LPT . ? A LPT 49 ? 1_555 PT ? E LPT . ? A LPT 49 ? 1_555 N7 ? A DG  7 ? A DG  7  ? 1_555 167.2 ? 
7  N7 ? C DG  6 ? C DG  30 ? 1_555 PT ? F LPT . ? C LPT 50 ? 1_555 N2 ? F LPT . ? C LPT 50 ? 1_555 167.6 ? 
8  N7 ? C DG  6 ? C DG  30 ? 1_555 PT ? F LPT . ? C LPT 50 ? 1_555 N1 ? F LPT . ? C LPT 50 ? 1_555 73.6  ? 
9  N2 ? F LPT . ? C LPT 50 ? 1_555 PT ? F LPT . ? C LPT 50 ? 1_555 N1 ? F LPT . ? C LPT 50 ? 1_555 99.1  ? 
10 N7 ? C DG  6 ? C DG  30 ? 1_555 PT ? F LPT . ? C LPT 50 ? 1_555 N7 ? C DG  7 ? C DG  31 ? 1_555 98.5  ? 
11 N2 ? F LPT . ? C LPT 50 ? 1_555 PT ? F LPT . ? C LPT 50 ? 1_555 N7 ? C DG  7 ? C DG  31 ? 1_555 88.2  ? 
12 N1 ? F LPT . ? C LPT 50 ? 1_555 PT ? F LPT . ? C LPT 50 ? 1_555 N7 ? C DG  7 ? C DG  31 ? 1_555 171.7 ? 
# 
loop_
_struct_site.id 
_struct_site.pdbx_evidence_code 
_struct_site.pdbx_auth_asym_id 
_struct_site.pdbx_auth_comp_id 
_struct_site.pdbx_auth_seq_id 
_struct_site.pdbx_auth_ins_code 
_struct_site.pdbx_num_residues 
_struct_site.details 
AC1 Software A LPT 49 ? 5 'BINDING SITE FOR RESIDUE LPT A 49' 
AC2 Software C LPT 50 ? 4 'BINDING SITE FOR RESIDUE LPT C 50' 
1   ?        ? ?   ?  ? ? ?                                   
# 
loop_
_struct_site_gen.id 
_struct_site_gen.site_id 
_struct_site_gen.pdbx_num_res 
_struct_site_gen.label_comp_id 
_struct_site_gen.label_asym_id 
_struct_site_gen.label_seq_id 
_struct_site_gen.pdbx_auth_ins_code 
_struct_site_gen.auth_comp_id 
_struct_site_gen.auth_asym_id 
_struct_site_gen.auth_seq_id 
_struct_site_gen.label_atom_id 
_struct_site_gen.label_alt_id 
_struct_site_gen.symmetry 
_struct_site_gen.details 
1 AC1 5 DG  A 6 ? DG  A 6   . ? 1_555 ? 
2 AC1 5 DG  A 7 ? DG  A 7   . ? 1_555 ? 
3 AC1 5 DT  A 8 ? DT  A 8   . ? 1_555 ? 
4 AC1 5 HOH G . ? HOH A 204 . ? 1_555 ? 
5 AC1 5 HOH G . ? HOH A 222 . ? 1_555 ? 
6 AC2 4 DT  C 5 ? DT  C 29  . ? 1_555 ? 
7 AC2 4 DG  C 6 ? DG  C 30  . ? 1_555 ? 
8 AC2 4 DG  C 7 ? DG  C 31  . ? 1_555 ? 
9 AC2 4 DT  C 8 ? DT  C 32  . ? 1_555 ? 
# 
loop_
_pdbx_validate_rmsd_angle.id 
_pdbx_validate_rmsd_angle.PDB_model_num 
_pdbx_validate_rmsd_angle.auth_atom_id_1 
_pdbx_validate_rmsd_angle.auth_asym_id_1 
_pdbx_validate_rmsd_angle.auth_comp_id_1 
_pdbx_validate_rmsd_angle.auth_seq_id_1 
_pdbx_validate_rmsd_angle.PDB_ins_code_1 
_pdbx_validate_rmsd_angle.label_alt_id_1 
_pdbx_validate_rmsd_angle.auth_atom_id_2 
_pdbx_validate_rmsd_angle.auth_asym_id_2 
_pdbx_validate_rmsd_angle.auth_comp_id_2 
_pdbx_validate_rmsd_angle.auth_seq_id_2 
_pdbx_validate_rmsd_angle.PDB_ins_code_2 
_pdbx_validate_rmsd_angle.label_alt_id_2 
_pdbx_validate_rmsd_angle.auth_atom_id_3 
_pdbx_validate_rmsd_angle.auth_asym_id_3 
_pdbx_validate_rmsd_angle.auth_comp_id_3 
_pdbx_validate_rmsd_angle.auth_seq_id_3 
_pdbx_validate_rmsd_angle.PDB_ins_code_3 
_pdbx_validate_rmsd_angle.label_alt_id_3 
_pdbx_validate_rmsd_angle.angle_value 
_pdbx_validate_rmsd_angle.angle_target_value 
_pdbx_validate_rmsd_angle.angle_deviation 
_pdbx_validate_rmsd_angle.angle_standard_deviation 
_pdbx_validate_rmsd_angle.linker_flag 
1 1 "O4'" B DG 14 ? ? "C1'" B DG 14 ? ? N9 B DG 14 ? ? 110.89 108.30 2.59 0.30 N 
2 1 "O4'" B DG 23 ? ? "C1'" B DG 23 ? ? N9 B DG 23 ? ? 110.44 108.30 2.14 0.30 N 
# 
_struct_site_keywords.site_id   1 
_struct_site_keywords.text      'COVALENT METAL BONDS' 
# 
loop_
_chem_comp_atom.comp_id 
_chem_comp_atom.atom_id 
_chem_comp_atom.type_symbol 
_chem_comp_atom.pdbx_aromatic_flag 
_chem_comp_atom.pdbx_stereo_config 
_chem_comp_atom.pdbx_ordinal 
DA  OP3    O  N N 1   
DA  P      P  N N 2   
DA  OP1    O  N N 3   
DA  OP2    O  N N 4   
DA  "O5'"  O  N N 5   
DA  "C5'"  C  N N 6   
DA  "C4'"  C  N R 7   
DA  "O4'"  O  N N 8   
DA  "C3'"  C  N S 9   
DA  "O3'"  O  N N 10  
DA  "C2'"  C  N N 11  
DA  "C1'"  C  N R 12  
DA  N9     N  Y N 13  
DA  C8     C  Y N 14  
DA  N7     N  Y N 15  
DA  C5     C  Y N 16  
DA  C6     C  Y N 17  
DA  N6     N  N N 18  
DA  N1     N  Y N 19  
DA  C2     C  Y N 20  
DA  N3     N  Y N 21  
DA  C4     C  Y N 22  
DA  HOP3   H  N N 23  
DA  HOP2   H  N N 24  
DA  "H5'"  H  N N 25  
DA  "H5''" H  N N 26  
DA  "H4'"  H  N N 27  
DA  "H3'"  H  N N 28  
DA  "HO3'" H  N N 29  
DA  "H2'"  H  N N 30  
DA  "H2''" H  N N 31  
DA  "H1'"  H  N N 32  
DA  H8     H  N N 33  
DA  H61    H  N N 34  
DA  H62    H  N N 35  
DA  H2     H  N N 36  
DC  OP3    O  N N 37  
DC  P      P  N N 38  
DC  OP1    O  N N 39  
DC  OP2    O  N N 40  
DC  "O5'"  O  N N 41  
DC  "C5'"  C  N N 42  
DC  "C4'"  C  N R 43  
DC  "O4'"  O  N N 44  
DC  "C3'"  C  N S 45  
DC  "O3'"  O  N N 46  
DC  "C2'"  C  N N 47  
DC  "C1'"  C  N R 48  
DC  N1     N  N N 49  
DC  C2     C  N N 50  
DC  O2     O  N N 51  
DC  N3     N  N N 52  
DC  C4     C  N N 53  
DC  N4     N  N N 54  
DC  C5     C  N N 55  
DC  C6     C  N N 56  
DC  HOP3   H  N N 57  
DC  HOP2   H  N N 58  
DC  "H5'"  H  N N 59  
DC  "H5''" H  N N 60  
DC  "H4'"  H  N N 61  
DC  "H3'"  H  N N 62  
DC  "HO3'" H  N N 63  
DC  "H2'"  H  N N 64  
DC  "H2''" H  N N 65  
DC  "H1'"  H  N N 66  
DC  H41    H  N N 67  
DC  H42    H  N N 68  
DC  H5     H  N N 69  
DC  H6     H  N N 70  
DG  OP3    O  N N 71  
DG  P      P  N N 72  
DG  OP1    O  N N 73  
DG  OP2    O  N N 74  
DG  "O5'"  O  N N 75  
DG  "C5'"  C  N N 76  
DG  "C4'"  C  N R 77  
DG  "O4'"  O  N N 78  
DG  "C3'"  C  N S 79  
DG  "O3'"  O  N N 80  
DG  "C2'"  C  N N 81  
DG  "C1'"  C  N R 82  
DG  N9     N  Y N 83  
DG  C8     C  Y N 84  
DG  N7     N  Y N 85  
DG  C5     C  Y N 86  
DG  C6     C  N N 87  
DG  O6     O  N N 88  
DG  N1     N  N N 89  
DG  C2     C  N N 90  
DG  N2     N  N N 91  
DG  N3     N  N N 92  
DG  C4     C  Y N 93  
DG  HOP3   H  N N 94  
DG  HOP2   H  N N 95  
DG  "H5'"  H  N N 96  
DG  "H5''" H  N N 97  
DG  "H4'"  H  N N 98  
DG  "H3'"  H  N N 99  
DG  "HO3'" H  N N 100 
DG  "H2'"  H  N N 101 
DG  "H2''" H  N N 102 
DG  "H1'"  H  N N 103 
DG  H8     H  N N 104 
DG  H1     H  N N 105 
DG  H21    H  N N 106 
DG  H22    H  N N 107 
DT  OP3    O  N N 108 
DT  P      P  N N 109 
DT  OP1    O  N N 110 
DT  OP2    O  N N 111 
DT  "O5'"  O  N N 112 
DT  "C5'"  C  N N 113 
DT  "C4'"  C  N R 114 
DT  "O4'"  O  N N 115 
DT  "C3'"  C  N S 116 
DT  "O3'"  O  N N 117 
DT  "C2'"  C  N N 118 
DT  "C1'"  C  N R 119 
DT  N1     N  N N 120 
DT  C2     C  N N 121 
DT  O2     O  N N 122 
DT  N3     N  N N 123 
DT  C4     C  N N 124 
DT  O4     O  N N 125 
DT  C5     C  N N 126 
DT  C7     C  N N 127 
DT  C6     C  N N 128 
DT  HOP3   H  N N 129 
DT  HOP2   H  N N 130 
DT  "H5'"  H  N N 131 
DT  "H5''" H  N N 132 
DT  "H4'"  H  N N 133 
DT  "H3'"  H  N N 134 
DT  "HO3'" H  N N 135 
DT  "H2'"  H  N N 136 
DT  "H2''" H  N N 137 
DT  "H1'"  H  N N 138 
DT  H3     H  N N 139 
DT  H71    H  N N 140 
DT  H72    H  N N 141 
DT  H73    H  N N 142 
DT  H6     H  N N 143 
HOH O      O  N N 144 
HOH H1     H  N N 145 
HOH H2     H  N N 146 
LPT C8     C  N N 147 
LPT C7     C  N N 148 
LPT C6     C  N N 149 
LPT C5     C  N N 150 
LPT C4     C  N N 151 
LPT C3     C  N N 152 
LPT N2     N  N N 153 
LPT N1     N  N N 154 
LPT PT     PT N N 155 
LPT H81    H  N N 156 
LPT H82    H  N N 157 
LPT H71    H  N N 158 
LPT H72    H  N N 159 
LPT H61    H  N N 160 
LPT H62    H  N N 161 
LPT H51    H  N N 162 
LPT H52    H  N N 163 
LPT H41    H  N N 164 
LPT H42    H  N N 165 
LPT H3     H  N N 166 
LPT HN21   H  N N 167 
LPT HN22   H  N N 168 
LPT HN11   H  N N 169 
LPT HN12   H  N N 170 
LPT HN13   H  N N 171 
# 
loop_
_chem_comp_bond.comp_id 
_chem_comp_bond.atom_id_1 
_chem_comp_bond.atom_id_2 
_chem_comp_bond.value_order 
_chem_comp_bond.pdbx_aromatic_flag 
_chem_comp_bond.pdbx_stereo_config 
_chem_comp_bond.pdbx_ordinal 
DA  OP3   P      sing N N 1   
DA  OP3   HOP3   sing N N 2   
DA  P     OP1    doub N N 3   
DA  P     OP2    sing N N 4   
DA  P     "O5'"  sing N N 5   
DA  OP2   HOP2   sing N N 6   
DA  "O5'" "C5'"  sing N N 7   
DA  "C5'" "C4'"  sing N N 8   
DA  "C5'" "H5'"  sing N N 9   
DA  "C5'" "H5''" sing N N 10  
DA  "C4'" "O4'"  sing N N 11  
DA  "C4'" "C3'"  sing N N 12  
DA  "C4'" "H4'"  sing N N 13  
DA  "O4'" "C1'"  sing N N 14  
DA  "C3'" "O3'"  sing N N 15  
DA  "C3'" "C2'"  sing N N 16  
DA  "C3'" "H3'"  sing N N 17  
DA  "O3'" "HO3'" sing N N 18  
DA  "C2'" "C1'"  sing N N 19  
DA  "C2'" "H2'"  sing N N 20  
DA  "C2'" "H2''" sing N N 21  
DA  "C1'" N9     sing N N 22  
DA  "C1'" "H1'"  sing N N 23  
DA  N9    C8     sing Y N 24  
DA  N9    C4     sing Y N 25  
DA  C8    N7     doub Y N 26  
DA  C8    H8     sing N N 27  
DA  N7    C5     sing Y N 28  
DA  C5    C6     sing Y N 29  
DA  C5    C4     doub Y N 30  
DA  C6    N6     sing N N 31  
DA  C6    N1     doub Y N 32  
DA  N6    H61    sing N N 33  
DA  N6    H62    sing N N 34  
DA  N1    C2     sing Y N 35  
DA  C2    N3     doub Y N 36  
DA  C2    H2     sing N N 37  
DA  N3    C4     sing Y N 38  
DC  OP3   P      sing N N 39  
DC  OP3   HOP3   sing N N 40  
DC  P     OP1    doub N N 41  
DC  P     OP2    sing N N 42  
DC  P     "O5'"  sing N N 43  
DC  OP2   HOP2   sing N N 44  
DC  "O5'" "C5'"  sing N N 45  
DC  "C5'" "C4'"  sing N N 46  
DC  "C5'" "H5'"  sing N N 47  
DC  "C5'" "H5''" sing N N 48  
DC  "C4'" "O4'"  sing N N 49  
DC  "C4'" "C3'"  sing N N 50  
DC  "C4'" "H4'"  sing N N 51  
DC  "O4'" "C1'"  sing N N 52  
DC  "C3'" "O3'"  sing N N 53  
DC  "C3'" "C2'"  sing N N 54  
DC  "C3'" "H3'"  sing N N 55  
DC  "O3'" "HO3'" sing N N 56  
DC  "C2'" "C1'"  sing N N 57  
DC  "C2'" "H2'"  sing N N 58  
DC  "C2'" "H2''" sing N N 59  
DC  "C1'" N1     sing N N 60  
DC  "C1'" "H1'"  sing N N 61  
DC  N1    C2     sing N N 62  
DC  N1    C6     sing N N 63  
DC  C2    O2     doub N N 64  
DC  C2    N3     sing N N 65  
DC  N3    C4     doub N N 66  
DC  C4    N4     sing N N 67  
DC  C4    C5     sing N N 68  
DC  N4    H41    sing N N 69  
DC  N4    H42    sing N N 70  
DC  C5    C6     doub N N 71  
DC  C5    H5     sing N N 72  
DC  C6    H6     sing N N 73  
DG  OP3   P      sing N N 74  
DG  OP3   HOP3   sing N N 75  
DG  P     OP1    doub N N 76  
DG  P     OP2    sing N N 77  
DG  P     "O5'"  sing N N 78  
DG  OP2   HOP2   sing N N 79  
DG  "O5'" "C5'"  sing N N 80  
DG  "C5'" "C4'"  sing N N 81  
DG  "C5'" "H5'"  sing N N 82  
DG  "C5'" "H5''" sing N N 83  
DG  "C4'" "O4'"  sing N N 84  
DG  "C4'" "C3'"  sing N N 85  
DG  "C4'" "H4'"  sing N N 86  
DG  "O4'" "C1'"  sing N N 87  
DG  "C3'" "O3'"  sing N N 88  
DG  "C3'" "C2'"  sing N N 89  
DG  "C3'" "H3'"  sing N N 90  
DG  "O3'" "HO3'" sing N N 91  
DG  "C2'" "C1'"  sing N N 92  
DG  "C2'" "H2'"  sing N N 93  
DG  "C2'" "H2''" sing N N 94  
DG  "C1'" N9     sing N N 95  
DG  "C1'" "H1'"  sing N N 96  
DG  N9    C8     sing Y N 97  
DG  N9    C4     sing Y N 98  
DG  C8    N7     doub Y N 99  
DG  C8    H8     sing N N 100 
DG  N7    C5     sing Y N 101 
DG  C5    C6     sing N N 102 
DG  C5    C4     doub Y N 103 
DG  C6    O6     doub N N 104 
DG  C6    N1     sing N N 105 
DG  N1    C2     sing N N 106 
DG  N1    H1     sing N N 107 
DG  C2    N2     sing N N 108 
DG  C2    N3     doub N N 109 
DG  N2    H21    sing N N 110 
DG  N2    H22    sing N N 111 
DG  N3    C4     sing N N 112 
DT  OP3   P      sing N N 113 
DT  OP3   HOP3   sing N N 114 
DT  P     OP1    doub N N 115 
DT  P     OP2    sing N N 116 
DT  P     "O5'"  sing N N 117 
DT  OP2   HOP2   sing N N 118 
DT  "O5'" "C5'"  sing N N 119 
DT  "C5'" "C4'"  sing N N 120 
DT  "C5'" "H5'"  sing N N 121 
DT  "C5'" "H5''" sing N N 122 
DT  "C4'" "O4'"  sing N N 123 
DT  "C4'" "C3'"  sing N N 124 
DT  "C4'" "H4'"  sing N N 125 
DT  "O4'" "C1'"  sing N N 126 
DT  "C3'" "O3'"  sing N N 127 
DT  "C3'" "C2'"  sing N N 128 
DT  "C3'" "H3'"  sing N N 129 
DT  "O3'" "HO3'" sing N N 130 
DT  "C2'" "C1'"  sing N N 131 
DT  "C2'" "H2'"  sing N N 132 
DT  "C2'" "H2''" sing N N 133 
DT  "C1'" N1     sing N N 134 
DT  "C1'" "H1'"  sing N N 135 
DT  N1    C2     sing N N 136 
DT  N1    C6     sing N N 137 
DT  C2    O2     doub N N 138 
DT  C2    N3     sing N N 139 
DT  N3    C4     sing N N 140 
DT  N3    H3     sing N N 141 
DT  C4    O4     doub N N 142 
DT  C4    C5     sing N N 143 
DT  C5    C7     sing N N 144 
DT  C5    C6     doub N N 145 
DT  C7    H71    sing N N 146 
DT  C7    H72    sing N N 147 
DT  C7    H73    sing N N 148 
DT  C6    H6     sing N N 149 
HOH O     H1     sing N N 150 
HOH O     H2     sing N N 151 
LPT C8    C7     sing N N 152 
LPT C8    C3     sing N N 153 
LPT C8    H81    sing N N 154 
LPT C8    H82    sing N N 155 
LPT C7    C6     sing N N 156 
LPT C7    H71    sing N N 157 
LPT C7    H72    sing N N 158 
LPT C6    C5     sing N N 159 
LPT C6    H61    sing N N 160 
LPT C6    H62    sing N N 161 
LPT C5    C4     sing N N 162 
LPT C5    H51    sing N N 163 
LPT C5    H52    sing N N 164 
LPT C4    C3     sing N N 165 
LPT C4    H41    sing N N 166 
LPT C4    H42    sing N N 167 
LPT C3    N2     sing N N 168 
LPT C3    H3     sing N N 169 
LPT N2    PT     sing N N 170 
LPT N2    HN21   sing N N 171 
LPT N2    HN22   sing N N 172 
LPT N1    PT     sing N N 173 
LPT N1    HN11   sing N N 174 
LPT N1    HN12   sing N N 175 
LPT N1    HN13   sing N N 176 
# 
loop_
_ndb_struct_conf_na.entry_id 
_ndb_struct_conf_na.feature 
1LU5 'double helix'        
1LU5 'a-form double helix' 
1LU5 'b-form double helix' 
# 
loop_
_ndb_struct_na_base_pair.model_number 
_ndb_struct_na_base_pair.i_label_asym_id 
_ndb_struct_na_base_pair.i_label_comp_id 
_ndb_struct_na_base_pair.i_label_seq_id 
_ndb_struct_na_base_pair.i_symmetry 
_ndb_struct_na_base_pair.j_label_asym_id 
_ndb_struct_na_base_pair.j_label_comp_id 
_ndb_struct_na_base_pair.j_label_seq_id 
_ndb_struct_na_base_pair.j_symmetry 
_ndb_struct_na_base_pair.shear 
_ndb_struct_na_base_pair.stretch 
_ndb_struct_na_base_pair.stagger 
_ndb_struct_na_base_pair.buckle 
_ndb_struct_na_base_pair.propeller 
_ndb_struct_na_base_pair.opening 
_ndb_struct_na_base_pair.pair_number 
_ndb_struct_na_base_pair.pair_name 
_ndb_struct_na_base_pair.i_auth_asym_id 
_ndb_struct_na_base_pair.i_auth_seq_id 
_ndb_struct_na_base_pair.i_PDB_ins_code 
_ndb_struct_na_base_pair.j_auth_asym_id 
_ndb_struct_na_base_pair.j_auth_seq_id 
_ndb_struct_na_base_pair.j_PDB_ins_code 
_ndb_struct_na_base_pair.hbond_type_28 
_ndb_struct_na_base_pair.hbond_type_12 
1 A DC 1  1_555 B DG 12 1_555 0.649  -0.242 -0.197 16.638  -6.876  0.013  1  A_DC1:DG24_B  A 1  ? B 24 ? 19 1 
1 A DC 2  1_555 B DG 11 1_555 0.569  -0.119 -0.208 4.376   -2.902  1.034  2  A_DC2:DG23_B  A 2  ? B 23 ? 19 1 
1 A DT 3  1_555 B DA 10 1_555 -0.044 0.064  -0.174 3.631   -12.501 14.439 3  A_DT3:DA22_B  A 3  ? B 22 ? ?  1 
1 A DC 4  1_555 B DG 9  1_555 0.393  0.062  -0.243 -1.373  -1.036  2.865  4  A_DC4:DG21_B  A 4  ? B 21 ? 19 1 
1 A DT 5  1_555 B DA 8  1_555 -0.091 -0.295 0.257  2.831   -5.198  -1.504 5  A_DT5:DA20_B  A 5  ? B 20 ? 20 1 
1 A DG 6  1_555 B DC 7  1_555 -0.343 0.021  0.176  19.479  -15.020 -0.987 6  A_DG6:DC19_B  A 6  ? B 19 ? 19 1 
1 A DG 7  1_555 B DC 6  1_555 -0.182 0.057  -0.033 -6.914  -13.198 3.507  7  A_DG7:DC18_B  A 7  ? B 18 ? 19 1 
1 A DT 8  1_555 B DA 5  1_555 -0.209 -0.306 -0.662 -0.657  -21.393 4.441  8  A_DT8:DA17_B  A 8  ? B 17 ? 20 1 
1 A DC 9  1_555 B DG 4  1_555 0.248  -0.353 0.112  -2.690  -13.362 1.012  9  A_DC9:DG16_B  A 9  ? B 16 ? 19 1 
1 A DT 10 1_555 B DA 3  1_555 -0.688 -0.284 0.132  2.768   -8.937  -5.152 10 A_DT10:DA15_B A 10 ? B 15 ? 20 1 
1 A DC 11 1_555 B DG 2  1_555 -0.047 -0.166 0.031  0.417   -11.417 -6.231 11 A_DC11:DG14_B A 11 ? B 14 ? 19 1 
1 A DC 12 1_555 B DG 1  1_555 0.643  -0.102 0.131  -6.664  -3.741  2.772  12 A_DC12:DG13_B A 12 ? B 13 ? 19 1 
1 C DC 1  1_555 D DG 12 1_555 0.695  -0.177 0.018  11.888  -3.584  -1.258 13 C_DC25:DG48_D C 25 ? D 48 ? 19 1 
1 C DC 2  1_555 D DG 11 1_555 0.502  -0.123 -0.254 9.167   -2.726  4.777  14 C_DC26:DG47_D C 26 ? D 47 ? 19 1 
1 C DT 3  1_555 D DA 10 1_555 -0.319 -0.218 -0.203 4.856   -7.515  2.891  15 C_DT27:DA46_D C 27 ? D 46 ? 20 1 
1 C DC 4  1_555 D DG 9  1_555 0.070  0.349  0.135  -3.104  -5.048  2.585  16 C_DC28:DG45_D C 28 ? D 45 ? 19 1 
1 C DT 5  1_555 D DA 8  1_555 -0.143 -0.187 0.172  4.278   -5.197  -0.960 17 C_DT29:DA44_D C 29 ? D 44 ? 20 1 
1 C DG 6  1_555 D DC 7  1_555 -0.255 0.122  0.510  21.673  -16.360 4.027  18 C_DG30:DC43_D C 30 ? D 43 ? 19 1 
1 C DG 7  1_555 D DC 6  1_555 -0.144 -0.030 0.273  -4.493  -16.813 0.465  19 C_DG31:DC42_D C 31 ? D 42 ? 19 1 
1 C DT 8  1_555 D DA 5  1_555 -0.614 -0.145 -0.245 -11.827 -21.810 -2.017 20 C_DT32:DA41_D C 32 ? D 41 ? 20 1 
1 C DC 9  1_555 D DG 4  1_555 -0.140 -0.305 0.004  -10.895 -6.412  -1.466 21 C_DC33:DG40_D C 33 ? D 40 ? 19 1 
1 C DT 10 1_555 D DA 3  1_555 -0.664 -0.071 0.466  -7.263  -2.725  0.132  22 C_DT34:DA39_D C 34 ? D 39 ? 20 1 
1 C DC 11 1_555 D DG 2  1_555 -0.026 -0.005 0.269  0.361   -11.602 -4.536 23 C_DC35:DG38_D C 35 ? D 38 ? 19 1 
1 C DC 12 1_555 D DG 1  1_555 1.085  -0.305 0.336  -10.105 -8.034  7.515  24 C_DC36:DG37_D C 36 ? D 37 ? 19 1 
# 
loop_
_ndb_struct_na_base_pair_step.model_number 
_ndb_struct_na_base_pair_step.i_label_asym_id_1 
_ndb_struct_na_base_pair_step.i_label_comp_id_1 
_ndb_struct_na_base_pair_step.i_label_seq_id_1 
_ndb_struct_na_base_pair_step.i_symmetry_1 
_ndb_struct_na_base_pair_step.j_label_asym_id_1 
_ndb_struct_na_base_pair_step.j_label_comp_id_1 
_ndb_struct_na_base_pair_step.j_label_seq_id_1 
_ndb_struct_na_base_pair_step.j_symmetry_1 
_ndb_struct_na_base_pair_step.i_label_asym_id_2 
_ndb_struct_na_base_pair_step.i_label_comp_id_2 
_ndb_struct_na_base_pair_step.i_label_seq_id_2 
_ndb_struct_na_base_pair_step.i_symmetry_2 
_ndb_struct_na_base_pair_step.j_label_asym_id_2 
_ndb_struct_na_base_pair_step.j_label_comp_id_2 
_ndb_struct_na_base_pair_step.j_label_seq_id_2 
_ndb_struct_na_base_pair_step.j_symmetry_2 
_ndb_struct_na_base_pair_step.shift 
_ndb_struct_na_base_pair_step.slide 
_ndb_struct_na_base_pair_step.rise 
_ndb_struct_na_base_pair_step.tilt 
_ndb_struct_na_base_pair_step.roll 
_ndb_struct_na_base_pair_step.twist 
_ndb_struct_na_base_pair_step.x_displacement 
_ndb_struct_na_base_pair_step.y_displacement 
_ndb_struct_na_base_pair_step.helical_rise 
_ndb_struct_na_base_pair_step.inclination 
_ndb_struct_na_base_pair_step.tip 
_ndb_struct_na_base_pair_step.helical_twist 
_ndb_struct_na_base_pair_step.step_number 
_ndb_struct_na_base_pair_step.step_name 
_ndb_struct_na_base_pair_step.i_auth_asym_id_1 
_ndb_struct_na_base_pair_step.i_auth_seq_id_1 
_ndb_struct_na_base_pair_step.i_PDB_ins_code_1 
_ndb_struct_na_base_pair_step.j_auth_asym_id_1 
_ndb_struct_na_base_pair_step.j_auth_seq_id_1 
_ndb_struct_na_base_pair_step.j_PDB_ins_code_1 
_ndb_struct_na_base_pair_step.i_auth_asym_id_2 
_ndb_struct_na_base_pair_step.i_auth_seq_id_2 
_ndb_struct_na_base_pair_step.i_PDB_ins_code_2 
_ndb_struct_na_base_pair_step.j_auth_asym_id_2 
_ndb_struct_na_base_pair_step.j_auth_seq_id_2 
_ndb_struct_na_base_pair_step.j_PDB_ins_code_2 
1 A DC 1  1_555 B DG 12 1_555 A DC 2  1_555 B DG 11 1_555 -0.992 -2.280 3.536 -3.279 4.171  25.843 -6.163 1.258  3.233 9.203  
7.234  26.373 1  AA_DC1DC2:DG23DG24_BB   A 1  ? B 24 ? A 2  ? B 23 ? 
1 A DC 2  1_555 B DG 11 1_555 A DT 3  1_555 B DA 10 1_555 0.172  -1.622 3.307 2.399  2.415  28.362 -3.833 0.192  3.164 4.906  
-4.874 28.562 2  AA_DC2DT3:DA22DG23_BB   A 2  ? B 23 ? A 3  ? B 22 ? 
1 A DT 3  1_555 B DA 10 1_555 A DC 4  1_555 B DG 9  1_555 -0.327 -1.440 3.413 -1.081 9.236  33.973 -3.743 0.381  2.942 15.450 
1.808  35.187 3  AA_DT3DC4:DG21DA22_BB   A 3  ? B 22 ? A 4  ? B 21 ? 
1 A DC 4  1_555 B DG 9  1_555 A DT 5  1_555 B DA 8  1_555 -0.482 -1.685 3.227 -1.674 5.036  28.919 -4.345 0.610  2.920 9.977  
3.317  29.392 4  AA_DC4DT5:DA20DG21_BB   A 4  ? B 21 ? A 5  ? B 20 ? 
1 A DT 5  1_555 B DA 8  1_555 A DG 6  1_555 B DC 7  1_555 -0.699 -1.357 2.937 -0.328 6.227  25.716 -4.374 1.454  2.551 13.736 
0.722  26.449 5  AA_DT5DG6:DC19DA20_BB   A 5  ? B 20 ? A 6  ? B 19 ? 
1 A DG 6  1_555 B DC 7  1_555 A DG 7  1_555 B DC 6  1_555 1.277  -1.619 3.711 1.655  28.507 32.494 -4.977 -1.581 1.837 42.218 
-2.452 43.002 6  AA_DG6DG7:DC18DC19_BB   A 6  ? B 19 ? A 7  ? B 18 ? 
1 A DG 7  1_555 B DC 6  1_555 A DT 8  1_555 B DA 5  1_555 -0.743 -0.882 3.041 5.802  3.496  34.535 -1.928 2.007  2.784 5.819  
-9.657 35.173 7  AA_DG7DT8:DA17DC18_BB   A 7  ? B 18 ? A 8  ? B 17 ? 
1 A DT 8  1_555 B DA 5  1_555 A DC 9  1_555 B DG 4  1_555 0.622  -0.623 3.399 -2.118 4.304  34.817 -1.690 -1.353 3.259 7.151  
3.519  35.136 8  AA_DT8DC9:DG16DA17_BB   A 8  ? B 17 ? A 9  ? B 16 ? 
1 A DC 9  1_555 B DG 4  1_555 A DT 10 1_555 B DA 3  1_555 -0.493 -0.494 3.233 0.468  7.302  28.981 -2.429 1.050  3.013 14.304 
-0.918 29.871 9  AA_DC9DT10:DA15DG16_BB  A 9  ? B 16 ? A 10 ? B 15 ? 
1 A DT 10 1_555 B DA 3  1_555 A DC 11 1_555 B DG 2  1_555 0.119  -0.224 3.332 4.694  -1.529 40.839 -0.150 0.350  3.331 -2.182 
-6.698 41.124 10 AA_DT10DC11:DG14DA15_BB A 10 ? B 15 ? A 11 ? B 14 ? 
1 A DC 11 1_555 B DG 2  1_555 A DC 12 1_555 B DG 1  1_555 0.081  -0.413 3.359 -1.324 6.194  32.722 -1.768 -0.365 3.224 10.867 
2.323  33.313 11 AA_DC11DC12:DG13DG14_BB A 11 ? B 14 ? A 12 ? B 13 ? 
1 C DC 1  1_555 D DG 12 1_555 C DC 2  1_555 D DG 11 1_555 -0.636 -2.316 3.239 0.534  2.675  26.530 -5.688 1.512  2.982 5.810  
-1.160 26.668 12 CC_DC25DC26:DG47DG48_DD C 25 ? D 48 ? C 26 ? D 47 ? 
1 C DC 2  1_555 D DG 11 1_555 C DT 3  1_555 D DA 10 1_555 -0.436 -1.813 3.479 -0.009 2.674  28.404 -4.312 0.882  3.298 5.435  
0.018  28.527 13 CC_DC26DT27:DA46DG47_DD C 26 ? D 47 ? C 27 ? D 46 ? 
1 C DT 3  1_555 D DA 10 1_555 C DC 4  1_555 D DG 9  1_555 0.391  -1.587 3.401 -0.276 10.360 32.443 -4.313 -0.711 2.775 17.980 
0.479  34.015 14 CC_DT27DC28:DG45DA46_DD C 27 ? D 46 ? C 28 ? D 45 ? 
1 C DC 4  1_555 D DG 9  1_555 C DT 5  1_555 D DA 8  1_555 -0.262 -1.634 3.154 -0.785 5.546  30.934 -3.975 0.347  2.831 10.291 
1.457  31.425 15 CC_DC28DT29:DA44DG45_DD C 28 ? D 45 ? C 29 ? D 44 ? 
1 C DT 5  1_555 D DA 8  1_555 C DG 6  1_555 D DC 7  1_555 -0.629 -1.529 2.925 -2.416 3.830  25.594 -4.316 0.820  2.718 8.560  
5.399  25.985 16 CC_DT29DG30:DC43DA44_DD C 29 ? D 44 ? C 30 ? D 43 ? 
1 C DG 6  1_555 D DC 7  1_555 C DG 7  1_555 D DC 6  1_555 1.173  -1.726 3.675 2.568  26.173 32.663 -5.104 -1.384 1.919 39.530 
-3.879 41.709 17 CC_DG30DG31:DC42DC43_DD C 30 ? D 43 ? C 31 ? D 42 ? 
1 C DG 7  1_555 D DC 6  1_555 C DT 8  1_555 D DA 5  1_555 -0.751 -1.227 3.253 4.157  4.102  33.511 -2.726 1.922  2.974 7.048  
-7.142 34.002 18 CC_DG31DT32:DA41DC42_DD C 31 ? D 42 ? C 32 ? D 41 ? 
1 C DT 8  1_555 D DA 5  1_555 C DC 9  1_555 D DG 4  1_555 0.559  -0.819 3.255 0.848  5.175  37.420 -1.920 -0.756 3.130 8.018  
-1.313 37.773 19 CC_DT32DC33:DG40DA41_DD C 32 ? D 41 ? C 33 ? D 40 ? 
1 C DC 9  1_555 D DG 4  1_555 C DT 10 1_555 D DA 3  1_555 -0.196 -0.575 3.385 -1.624 3.537  28.881 -1.935 0.025  3.298 7.050  
3.238  29.137 20 CC_DC33DT34:DA39DG40_DD C 33 ? D 40 ? C 34 ? D 39 ? 
1 C DT 10 1_555 D DA 3  1_555 C DC 11 1_555 D DG 2  1_555 0.059  -0.382 3.119 2.877  0.977  39.257 -0.678 0.236  3.106 1.452  
-4.274 39.370 21 CC_DT34DC35:DG38DA39_DD C 34 ? D 39 ? C 35 ? D 38 ? 
1 C DC 11 1_555 D DG 2  1_555 C DC 12 1_555 D DG 1  1_555 0.670  -0.302 3.469 2.089  1.735  36.249 -0.741 -0.764 3.483 2.783  
-3.352 36.347 22 CC_DC35DC36:DG37DG38_DD C 35 ? D 38 ? C 36 ? D 37 ? 
# 
_pdbx_initial_refinement_model.id               1 
_pdbx_initial_refinement_model.entity_id_list   ? 
_pdbx_initial_refinement_model.type             'experimental model' 
_pdbx_initial_refinement_model.source_name      PDB 
_pdbx_initial_refinement_model.accession_code   1AIO 
_pdbx_initial_refinement_model.details          'PDB Entry 1AIO' 
# 
_atom_sites.entry_id                    1LU5 
_atom_sites.fract_transf_matrix[1][1]   -0.02865991 
_atom_sites.fract_transf_matrix[1][2]   -0.00908426 
_atom_sites.fract_transf_matrix[1][3]   0.01129258 
_atom_sites.fract_transf_matrix[2][1]   0.01568198 
_atom_sites.fract_transf_matrix[2][2]   -0.00766253 
_atom_sites.fract_transf_matrix[2][3]   0.02288867 
_atom_sites.fract_transf_matrix[3][1]   -0.00265946 
_atom_sites.fract_transf_matrix[3][2]   0.02134261 
_atom_sites.fract_transf_matrix[3][3]   0.00436933 
_atom_sites.fract_transf_vector[1]      0.369720 
_atom_sites.fract_transf_vector[2]      0.594089 
_atom_sites.fract_transf_vector[3]      0.565830 
# 
loop_
_atom_type.symbol 
C  
N  
O  
P  
PT 
# 
loop_
_atom_site.group_PDB 
_atom_site.id 
_atom_site.type_symbol 
_atom_site.label_atom_id 
_atom_site.label_alt_id 
_atom_site.label_comp_id 
_atom_site.label_asym_id 
_atom_site.label_entity_id 
_atom_site.label_seq_id 
_atom_site.pdbx_PDB_ins_code 
_atom_site.Cartn_x 
_atom_site.Cartn_y 
_atom_site.Cartn_z 
_atom_site.occupancy 
_atom_site.B_iso_or_equiv 
_atom_site.pdbx_formal_charge 
_atom_site.auth_seq_id 
_atom_site.auth_comp_id 
_atom_site.auth_asym_id 
_atom_site.auth_atom_id 
_atom_site.pdbx_PDB_model_num 
ATOM   1    O  "O5'" . DC  A 1 1  ? 14.713  2.738   -15.245 1.00 55.48 ? 1   DC  A "O5'" 1 
ATOM   2    C  "C5'" . DC  A 1 1  ? 16.044  2.216   -15.360 1.00 36.59 ? 1   DC  A "C5'" 1 
ATOM   3    C  "C4'" . DC  A 1 1  ? 16.724  2.251   -14.013 1.00 35.62 ? 1   DC  A "C4'" 1 
ATOM   4    O  "O4'" . DC  A 1 1  ? 17.197  3.592   -13.752 1.00 37.84 ? 1   DC  A "O4'" 1 
ATOM   5    C  "C3'" . DC  A 1 1  ? 15.830  1.893   -12.839 1.00 29.95 ? 1   DC  A "C3'" 1 
ATOM   6    O  "O3'" . DC  A 1 1  ? 15.957  0.514   -12.491 1.00 26.68 ? 1   DC  A "O3'" 1 
ATOM   7    C  "C2'" . DC  A 1 1  ? 16.308  2.783   -11.725 1.00 31.86 ? 1   DC  A "C2'" 1 
ATOM   8    C  "C1'" . DC  A 1 1  ? 16.765  4.025   -12.468 1.00 31.33 ? 1   DC  A "C1'" 1 
ATOM   9    N  N1    . DC  A 1 1  ? 15.714  5.026   -12.684 1.00 26.04 ? 1   DC  A N1    1 
ATOM   10   C  C2    . DC  A 1 1  ? 15.348  5.844   -11.612 1.00 30.80 ? 1   DC  A C2    1 
ATOM   11   O  O2    . DC  A 1 1  ? 15.925  5.686   -10.525 1.00 36.79 ? 1   DC  A O2    1 
ATOM   12   N  N3    . DC  A 1 1  ? 14.379  6.775   -11.791 1.00 29.82 ? 1   DC  A N3    1 
ATOM   13   C  C4    . DC  A 1 1  ? 13.790  6.900   -12.984 1.00 31.37 ? 1   DC  A C4    1 
ATOM   14   N  N4    . DC  A 1 1  ? 12.841  7.829   -13.125 1.00 15.63 ? 1   DC  A N4    1 
ATOM   15   C  C5    . DC  A 1 1  ? 14.150  6.078   -14.093 1.00 30.55 ? 1   DC  A C5    1 
ATOM   16   C  C6    . DC  A 1 1  ? 15.109  5.161   -13.900 1.00 26.82 ? 1   DC  A C6    1 
ATOM   17   P  P     . DC  A 1 2  ? 14.620  -0.251  -12.014 1.00 26.79 ? 2   DC  A P     1 
ATOM   18   O  OP1   . DC  A 1 2  ? 14.920  -1.706  -11.999 1.00 20.25 ? 2   DC  A OP1   1 
ATOM   19   O  OP2   . DC  A 1 2  ? 13.492  0.308   -12.793 1.00 25.22 ? 2   DC  A OP2   1 
ATOM   20   O  "O5'" . DC  A 1 2  ? 14.473  0.222   -10.497 1.00 31.13 ? 2   DC  A "O5'" 1 
ATOM   21   C  "C5'" . DC  A 1 2  ? 15.642  0.094   -9.672  1.00 29.02 ? 2   DC  A "C5'" 1 
ATOM   22   C  "C4'" . DC  A 1 2  ? 15.388  0.716   -8.326  1.00 28.57 ? 2   DC  A "C4'" 1 
ATOM   23   O  "O4'" . DC  A 1 2  ? 15.469  2.155   -8.429  1.00 19.97 ? 2   DC  A "O4'" 1 
ATOM   24   C  "C3'" . DC  A 1 2  ? 14.011  0.416   -7.744  1.00 29.99 ? 2   DC  A "C3'" 1 
ATOM   25   O  "O3'" . DC  A 1 2  ? 14.032  -0.800  -7.008  1.00 39.72 ? 2   DC  A "O3'" 1 
ATOM   26   C  "C2'" . DC  A 1 2  ? 13.740  1.617   -6.883  1.00 26.35 ? 2   DC  A "C2'" 1 
ATOM   27   C  "C1'" . DC  A 1 2  ? 14.455  2.740   -7.621  1.00 21.57 ? 2   DC  A "C1'" 1 
ATOM   28   N  N1    . DC  A 1 2  ? 13.558  3.504   -8.499  1.00 22.23 ? 2   DC  A N1    1 
ATOM   29   C  C2    . DC  A 1 2  ? 12.685  4.401   -7.870  1.00 24.14 ? 2   DC  A C2    1 
ATOM   30   O  O2    . DC  A 1 2  ? 12.764  4.453   -6.634  1.00 22.58 ? 2   DC  A O2    1 
ATOM   31   N  N3    . DC  A 1 2  ? 11.831  5.141   -8.609  1.00 23.32 ? 2   DC  A N3    1 
ATOM   32   C  C4    . DC  A 1 2  ? 11.826  5.009   -9.940  1.00 24.02 ? 2   DC  A C4    1 
ATOM   33   N  N4    . DC  A 1 2  ? 10.964  5.759   -10.633 1.00 20.77 ? 2   DC  A N4    1 
ATOM   34   C  C5    . DC  A 1 2  ? 12.704  4.104   -10.605 1.00 27.68 ? 2   DC  A C5    1 
ATOM   35   C  C6    . DC  A 1 2  ? 13.548  3.374   -9.856  1.00 27.44 ? 2   DC  A C6    1 
ATOM   36   P  P     . DT  A 1 3  ? 12.715  -1.627  -6.620  1.00 43.39 ? 3   DT  A P     1 
ATOM   37   O  OP1   . DT  A 1 3  ? 13.150  -2.796  -5.808  1.00 50.75 ? 3   DT  A OP1   1 
ATOM   38   O  OP2   . DT  A 1 3  ? 11.906  -1.833  -7.841  1.00 41.33 ? 3   DT  A OP2   1 
ATOM   39   O  "O5'" . DT  A 1 3  ? 11.923  -0.636  -5.651  1.00 40.93 ? 3   DT  A "O5'" 1 
ATOM   40   C  "C5'" . DT  A 1 3  ? 12.463  -0.358  -4.351  1.00 34.41 ? 3   DT  A "C5'" 1 
ATOM   41   C  "C4'" . DT  A 1 3  ? 11.495  0.493   -3.574  1.00 33.22 ? 3   DT  A "C4'" 1 
ATOM   42   O  "O4'" . DT  A 1 3  ? 11.468  1.838   -4.104  1.00 33.77 ? 3   DT  A "O4'" 1 
ATOM   43   C  "C3'" . DT  A 1 3  ? 10.045  0.039   -3.638  1.00 25.42 ? 3   DT  A "C3'" 1 
ATOM   44   O  "O3'" . DT  A 1 3  ? 9.793   -0.997  -2.697  1.00 19.17 ? 3   DT  A "O3'" 1 
ATOM   45   C  "C2'" . DT  A 1 3  ? 9.296   1.308   -3.329  1.00 30.62 ? 3   DT  A "C2'" 1 
ATOM   46   C  "C1'" . DT  A 1 3  ? 10.141  2.344   -4.051  1.00 32.88 ? 3   DT  A "C1'" 1 
ATOM   47   N  N1    . DT  A 1 3  ? 9.713   2.601   -5.434  1.00 28.68 ? 3   DT  A N1    1 
ATOM   48   C  C2    . DT  A 1 3  ? 8.777   3.589   -5.633  1.00 24.60 ? 3   DT  A C2    1 
ATOM   49   O  O2    . DT  A 1 3  ? 8.322   4.227   -4.699  1.00 29.06 ? 3   DT  A O2    1 
ATOM   50   N  N3    . DT  A 1 3  ? 8.414   3.788   -6.940  1.00 25.87 ? 3   DT  A N3    1 
ATOM   51   C  C4    . DT  A 1 3  ? 8.891   3.100   -8.040  1.00 30.95 ? 3   DT  A C4    1 
ATOM   52   O  O4    . DT  A 1 3  ? 8.468   3.391   -9.158  1.00 44.32 ? 3   DT  A O4    1 
ATOM   53   C  C5    . DT  A 1 3  ? 9.870   2.076   -7.755  1.00 27.08 ? 3   DT  A C5    1 
ATOM   54   C  C7    . DT  A 1 3  ? 10.453  1.271   -8.870  1.00 16.10 ? 3   DT  A C7    1 
ATOM   55   C  C6    . DT  A 1 3  ? 10.231  1.877   -6.480  1.00 29.44 ? 3   DT  A C6    1 
ATOM   56   P  P     . DC  A 1 4  ? 8.531   -1.972  -2.865  1.00 27.78 ? 4   DC  A P     1 
ATOM   57   O  OP1   . DC  A 1 4  ? 8.506   -2.867  -1.675  1.00 47.06 ? 4   DC  A OP1   1 
ATOM   58   O  OP2   . DC  A 1 4  ? 8.550   -2.539  -4.232  1.00 34.84 ? 4   DC  A OP2   1 
ATOM   59   O  "O5'" . DC  A 1 4  ? 7.272   -0.987  -2.752  1.00 26.67 ? 4   DC  A "O5'" 1 
ATOM   60   C  "C5'" . DC  A 1 4  ? 6.945   -0.457  -1.459  1.00 23.44 ? 4   DC  A "C5'" 1 
ATOM   61   C  "C4'" . DC  A 1 4  ? 5.697   0.378   -1.541  1.00 21.55 ? 4   DC  A "C4'" 1 
ATOM   62   O  "O4'" . DC  A 1 4  ? 5.987   1.536   -2.361  1.00 25.26 ? 4   DC  A "O4'" 1 
ATOM   63   C  "C3'" . DC  A 1 4  ? 4.489   -0.258  -2.201  1.00 22.48 ? 4   DC  A "C3'" 1 
ATOM   64   O  "O3'" . DC  A 1 4  ? 3.706   -1.011  -1.281  1.00 20.44 ? 4   DC  A "O3'" 1 
ATOM   65   C  "C2'" . DC  A 1 4  ? 3.719   0.927   -2.720  1.00 27.08 ? 4   DC  A "C2'" 1 
ATOM   66   C  "C1'" . DC  A 1 4  ? 4.823   1.915   -3.079  1.00 27.80 ? 4   DC  A "C1'" 1 
ATOM   67   N  N1    . DC  A 1 4  ? 5.121   1.901   -4.517  1.00 26.61 ? 4   DC  A N1    1 
ATOM   68   C  C2    . DC  A 1 4  ? 4.319   2.696   -5.342  1.00 25.41 ? 4   DC  A C2    1 
ATOM   69   O  O2    . DC  A 1 4  ? 3.417   3.357   -4.808  1.00 24.38 ? 4   DC  A O2    1 
ATOM   70   N  N3    . DC  A 1 4  ? 4.554   2.716   -6.671  1.00 25.14 ? 4   DC  A N3    1 
ATOM   71   C  C4    . DC  A 1 4  ? 5.544   1.979   -7.179  1.00 19.97 ? 4   DC  A C4    1 
ATOM   72   N  N4    . DC  A 1 4  ? 5.730   2.037   -8.498  1.00 11.95 ? 4   DC  A N4    1 
ATOM   73   C  C5    . DC  A 1 4  ? 6.375   1.159   -6.362  1.00 23.36 ? 4   DC  A C5    1 
ATOM   74   C  C6    . DC  A 1 4  ? 6.132   1.148   -5.043  1.00 26.38 ? 4   DC  A C6    1 
ATOM   75   P  P     . DT  A 1 5  ? 2.510   -1.941  -1.807  1.00 23.82 ? 5   DT  A P     1 
ATOM   76   O  OP1   . DT  A 1 5  ? 1.892   -2.605  -0.635  1.00 32.61 ? 5   DT  A OP1   1 
ATOM   77   O  OP2   . DT  A 1 5  ? 3.053   -2.779  -2.908  1.00 34.44 ? 5   DT  A OP2   1 
ATOM   78   O  "O5'" . DT  A 1 5  ? 1.448   -0.925  -2.428  1.00 22.36 ? 5   DT  A "O5'" 1 
ATOM   79   C  "C5'" . DT  A 1 5  ? 0.686   -0.037  -1.611  1.00 17.55 ? 5   DT  A "C5'" 1 
ATOM   80   C  "C4'" . DT  A 1 5  ? -0.425  0.623   -2.378  1.00 18.42 ? 5   DT  A "C4'" 1 
ATOM   81   O  "O4'" . DT  A 1 5  ? 0.174   1.567   -3.316  1.00 26.28 ? 5   DT  A "O4'" 1 
ATOM   82   C  "C3'" . DT  A 1 5  ? -1.299  -0.225  -3.280  1.00 15.68 ? 5   DT  A "C3'" 1 
ATOM   83   O  "O3'" . DT  A 1 5  ? -2.337  -0.904  -2.585  1.00 20.94 ? 5   DT  A "O3'" 1 
ATOM   84   C  "C2'" . DT  A 1 5  ? -1.868  0.805   -4.236  1.00 6.97  ? 5   DT  A "C2'" 1 
ATOM   85   C  "C1'" . DT  A 1 5  ? -0.672  1.713   -4.451  1.00 19.24 ? 5   DT  A "C1'" 1 
ATOM   86   N  N1    . DT  A 1 5  ? 0.116   1.368   -5.640  1.00 30.72 ? 5   DT  A N1    1 
ATOM   87   C  C2    . DT  A 1 5  ? -0.243  1.906   -6.854  1.00 32.67 ? 5   DT  A C2    1 
ATOM   88   O  O2    . DT  A 1 5  ? -1.184  2.665   -7.022  1.00 24.81 ? 5   DT  A O2    1 
ATOM   89   N  N3    . DT  A 1 5  ? 0.561   1.516   -7.899  1.00 28.96 ? 5   DT  A N3    1 
ATOM   90   C  C4    . DT  A 1 5  ? 1.653   0.668   -7.853  1.00 27.90 ? 5   DT  A C4    1 
ATOM   91   O  O4    . DT  A 1 5  ? 2.256   0.430   -8.894  1.00 26.56 ? 5   DT  A O4    1 
ATOM   92   C  C5    . DT  A 1 5  ? 1.970   0.141   -6.547  1.00 26.53 ? 5   DT  A C5    1 
ATOM   93   C  C7    . DT  A 1 5  ? 3.125   -0.786  -6.372  1.00 4.90  ? 5   DT  A C7    1 
ATOM   94   C  C6    . DT  A 1 5  ? 1.195   0.514   -5.518  1.00 31.21 ? 5   DT  A C6    1 
ATOM   95   P  P     . DG  A 1 6  ? -3.263  -1.997  -3.319  1.00 23.67 ? 6   DG  A P     1 
ATOM   96   O  OP1   . DG  A 1 6  ? -4.067  -2.666  -2.252  1.00 29.26 ? 6   DG  A OP1   1 
ATOM   97   O  OP2   . DG  A 1 6  ? -2.379  -2.830  -4.184  1.00 32.49 ? 6   DG  A OP2   1 
ATOM   98   O  "O5'" . DG  A 1 6  ? -4.254  -1.211  -4.272  1.00 12.96 ? 6   DG  A "O5'" 1 
ATOM   99   C  "C5'" . DG  A 1 6  ? -5.252  -0.288  -3.824  1.00 17.72 ? 6   DG  A "C5'" 1 
ATOM   100  C  "C4'" . DG  A 1 6  ? -5.987  0.278   -5.023  1.00 24.28 ? 6   DG  A "C4'" 1 
ATOM   101  O  "O4'" . DG  A 1 6  ? -5.104  1.024   -5.883  1.00 25.51 ? 6   DG  A "O4'" 1 
ATOM   102  C  "C3'" . DG  A 1 6  ? -6.594  -0.784  -5.923  1.00 22.35 ? 6   DG  A "C3'" 1 
ATOM   103  O  "O3'" . DG  A 1 6  ? -7.946  -1.042  -5.535  1.00 23.90 ? 6   DG  A "O3'" 1 
ATOM   104  C  "C2'" . DG  A 1 6  ? -6.520  -0.222  -7.312  1.00 21.28 ? 6   DG  A "C2'" 1 
ATOM   105  C  "C1'" . DG  A 1 6  ? -5.326  0.715   -7.248  1.00 24.10 ? 6   DG  A "C1'" 1 
ATOM   106  N  N9    . DG  A 1 6  ? -4.094  0.115   -7.802  1.00 24.47 ? 6   DG  A N9    1 
ATOM   107  C  C8    . DG  A 1 6  ? -3.176  -0.751  -7.266  1.00 27.97 ? 6   DG  A C8    1 
ATOM   108  N  N7    . DG  A 1 6  ? -2.193  -1.067  -8.077  1.00 29.92 ? 6   DG  A N7    1 
ATOM   109  C  C5    . DG  A 1 6  ? -2.494  -0.349  -9.231  1.00 25.72 ? 6   DG  A C5    1 
ATOM   110  C  C6    . DG  A 1 6  ? -1.820  -0.257  -10.478 1.00 24.74 ? 6   DG  A C6    1 
ATOM   111  O  O6    . DG  A 1 6  ? -0.775  -0.836  -10.791 1.00 28.31 ? 6   DG  A O6    1 
ATOM   112  N  N1    . DG  A 1 6  ? -2.475  0.584   -11.367 1.00 25.49 ? 6   DG  A N1    1 
ATOM   113  C  C2    . DG  A 1 6  ? -3.640  1.268   -11.112 1.00 30.36 ? 6   DG  A C2    1 
ATOM   114  N  N2    . DG  A 1 6  ? -4.131  2.043   -12.100 1.00 16.52 ? 6   DG  A N2    1 
ATOM   115  N  N3    . DG  A 1 6  ? -4.281  1.196   -9.953  1.00 24.17 ? 6   DG  A N3    1 
ATOM   116  C  C4    . DG  A 1 6  ? -3.650  0.379   -9.084  1.00 22.95 ? 6   DG  A C4    1 
ATOM   117  P  P     . DG  A 1 7  ? -8.440  -2.550  -5.806  1.00 35.91 ? 7   DG  A P     1 
ATOM   118  O  OP1   . DG  A 1 7  ? -9.783  -2.706  -5.201  1.00 43.63 ? 7   DG  A OP1   1 
ATOM   119  O  OP2   . DG  A 1 7  ? -7.318  -3.449  -5.428  1.00 44.97 ? 7   DG  A OP2   1 
ATOM   120  O  "O5'" . DG  A 1 7  ? -8.587  -2.599  -7.395  1.00 36.40 ? 7   DG  A "O5'" 1 
ATOM   121  C  "C5'" . DG  A 1 7  ? -8.003  -3.682  -8.125  1.00 33.39 ? 7   DG  A "C5'" 1 
ATOM   122  C  "C4'" . DG  A 1 7  ? -7.983  -3.379  -9.603  1.00 27.75 ? 7   DG  A "C4'" 1 
ATOM   123  O  "O4'" . DG  A 1 7  ? -6.937  -2.430  -9.910  1.00 23.76 ? 7   DG  A "O4'" 1 
ATOM   124  C  "C3'" . DG  A 1 7  ? -7.711  -4.597  -10.475 1.00 21.40 ? 7   DG  A "C3'" 1 
ATOM   125  O  "O3'" . DG  A 1 7  ? -8.942  -5.195  -10.887 1.00 29.25 ? 7   DG  A "O3'" 1 
ATOM   126  C  "C2'" . DG  A 1 7  ? -6.924  -4.064  -11.635 1.00 16.01 ? 7   DG  A "C2'" 1 
ATOM   127  C  "C1'" . DG  A 1 7  ? -6.251  -2.818  -11.086 1.00 20.81 ? 7   DG  A "C1'" 1 
ATOM   128  N  N9    . DG  A 1 7  ? -4.838  -3.043  -10.729 1.00 27.68 ? 7   DG  A N9    1 
ATOM   129  C  C8    . DG  A 1 7  ? -4.223  -3.141  -9.506  1.00 30.04 ? 7   DG  A C8    1 
ATOM   130  N  N7    . DG  A 1 7  ? -2.931  -3.348  -9.578  1.00 29.64 ? 7   DG  A N7    1 
ATOM   131  C  C5    . DG  A 1 7  ? -2.687  -3.388  -10.948 1.00 31.17 ? 7   DG  A C5    1 
ATOM   132  C  C6    . DG  A 1 7  ? -1.482  -3.580  -11.673 1.00 31.10 ? 7   DG  A C6    1 
ATOM   133  O  O6    . DG  A 1 7  ? -0.348  -3.762  -11.223 1.00 26.29 ? 7   DG  A O6    1 
ATOM   134  N  N1    . DG  A 1 7  ? -1.699  -3.546  -13.048 1.00 32.76 ? 7   DG  A N1    1 
ATOM   135  C  C2    . DG  A 1 7  ? -2.912  -3.351  -13.664 1.00 34.29 ? 7   DG  A C2    1 
ATOM   136  N  N2    . DG  A 1 7  ? -2.932  -3.349  -15.005 1.00 31.83 ? 7   DG  A N2    1 
ATOM   137  N  N3    . DG  A 1 7  ? -4.045  -3.171  -13.002 1.00 29.72 ? 7   DG  A N3    1 
ATOM   138  C  C4    . DG  A 1 7  ? -3.842  -3.202  -11.669 1.00 29.50 ? 7   DG  A C4    1 
ATOM   139  P  P     . DT  A 1 8  ? -9.040  -6.777  -11.129 1.00 32.71 ? 8   DT  A P     1 
ATOM   140  O  OP1   . DT  A 1 8  ? -10.475 -7.157  -11.106 1.00 36.13 ? 8   DT  A OP1   1 
ATOM   141  O  OP2   . DT  A 1 8  ? -8.100  -7.443  -10.188 1.00 23.14 ? 8   DT  A OP2   1 
ATOM   142  O  "O5'" . DT  A 1 8  ? -8.484  -6.987  -12.609 1.00 29.78 ? 8   DT  A "O5'" 1 
ATOM   143  C  "C5'" . DT  A 1 8  ? -8.851  -6.149  -13.705 1.00 30.03 ? 8   DT  A "C5'" 1 
ATOM   144  C  "C4'" . DT  A 1 8  ? -8.078  -6.499  -14.955 1.00 34.59 ? 8   DT  A "C4'" 1 
ATOM   145  O  "O4'" . DT  A 1 8  ? -6.870  -5.694  -15.034 1.00 32.79 ? 8   DT  A "O4'" 1 
ATOM   146  C  "C3'" . DT  A 1 8  ? -7.580  -7.931  -15.057 1.00 38.91 ? 8   DT  A "C3'" 1 
ATOM   147  O  "O3'" . DT  A 1 8  ? -8.554  -8.786  -15.651 1.00 41.45 ? 8   DT  A "O3'" 1 
ATOM   148  C  "C2'" . DT  A 1 8  ? -6.353  -7.823  -15.920 1.00 39.30 ? 8   DT  A "C2'" 1 
ATOM   149  C  "C1'" . DT  A 1 8  ? -5.796  -6.459  -15.550 1.00 35.75 ? 8   DT  A "C1'" 1 
ATOM   150  N  N1    . DT  A 1 8  ? -4.742  -6.563  -14.531 1.00 33.84 ? 8   DT  A N1    1 
ATOM   151  C  C2    . DT  A 1 8  ? -3.434  -6.454  -14.944 1.00 29.90 ? 8   DT  A C2    1 
ATOM   152  O  O2    . DT  A 1 8  ? -3.117  -6.274  -16.107 1.00 35.30 ? 8   DT  A O2    1 
ATOM   153  N  N3    . DT  A 1 8  ? -2.502  -6.562  -13.942 1.00 24.99 ? 8   DT  A N3    1 
ATOM   154  C  C4    . DT  A 1 8  ? -2.752  -6.763  -12.599 1.00 22.55 ? 8   DT  A C4    1 
ATOM   155  O  O4    . DT  A 1 8  ? -1.816  -6.840  -11.808 1.00 22.97 ? 8   DT  A O4    1 
ATOM   156  C  C5    . DT  A 1 8  ? -4.146  -6.869  -12.240 1.00 28.83 ? 8   DT  A C5    1 
ATOM   157  C  C7    . DT  A 1 8  ? -4.501  -7.090  -10.803 1.00 35.33 ? 8   DT  A C7    1 
ATOM   158  C  C6    . DT  A 1 8  ? -5.067  -6.767  -13.208 1.00 27.33 ? 8   DT  A C6    1 
ATOM   159  P  P     . DC  A 1 9  ? -8.291  -10.368 -15.735 1.00 39.82 ? 9   DC  A P     1 
ATOM   160  O  OP1   . DC  A 1 9  ? -9.339  -10.953 -16.613 1.00 34.27 ? 9   DC  A OP1   1 
ATOM   161  O  OP2   . DC  A 1 9  ? -8.123  -10.867 -14.345 1.00 45.40 ? 9   DC  A OP2   1 
ATOM   162  O  "O5'" . DC  A 1 9  ? -6.890  -10.513 -16.474 1.00 32.83 ? 9   DC  A "O5'" 1 
ATOM   163  C  "C5'" . DC  A 1 9  ? -6.780  -10.447 -17.901 1.00 28.88 ? 9   DC  A "C5'" 1 
ATOM   164  C  "C4'" . DC  A 1 9  ? -5.327  -10.578 -18.293 1.00 36.24 ? 9   DC  A "C4'" 1 
ATOM   165  O  "O4'" . DC  A 1 9  ? -4.528  -9.742  -17.423 1.00 36.67 ? 9   DC  A "O4'" 1 
ATOM   166  C  "C3'" . DC  A 1 9  ? -4.737  -11.968 -18.159 1.00 39.24 ? 9   DC  A "C3'" 1 
ATOM   167  O  "O3'" . DC  A 1 9  ? -4.846  -12.702 -19.381 1.00 43.56 ? 9   DC  A "O3'" 1 
ATOM   168  C  "C2'" . DC  A 1 9  ? -3.295  -11.741 -17.800 1.00 33.51 ? 9   DC  A "C2'" 1 
ATOM   169  C  "C1'" . DC  A 1 9  ? -3.255  -10.337 -17.224 1.00 34.72 ? 9   DC  A "C1'" 1 
ATOM   170  N  N1    . DC  A 1 9  ? -2.968  -10.328 -15.778 1.00 29.88 ? 9   DC  A N1    1 
ATOM   171  C  C2    . DC  A 1 9  ? -1.623  -10.244 -15.401 1.00 27.17 ? 9   DC  A C2    1 
ATOM   172  O  O2    . DC  A 1 9  ? -0.774  -10.185 -16.302 1.00 37.77 ? 9   DC  A O2    1 
ATOM   173  N  N3    . DC  A 1 9  ? -1.300  -10.232 -14.094 1.00 30.97 ? 9   DC  A N3    1 
ATOM   174  C  C4    . DC  A 1 9  ? -2.255  -10.299 -13.166 1.00 35.72 ? 9   DC  A C4    1 
ATOM   175  N  N4    . DC  A 1 9  ? -1.871  -10.283 -11.890 1.00 30.38 ? 9   DC  A N4    1 
ATOM   176  C  C5    . DC  A 1 9  ? -3.629  -10.385 -13.524 1.00 37.41 ? 9   DC  A C5    1 
ATOM   177  C  C6    . DC  A 1 9  ? -3.940  -10.397 -14.831 1.00 34.54 ? 9   DC  A C6    1 
ATOM   178  P  P     . DT  A 1 10 ? -4.901  -14.311 -19.317 1.00 46.33 ? 10  DT  A P     1 
ATOM   179  O  OP1   . DT  A 1 10 ? -5.610  -14.778 -20.536 1.00 63.95 ? 10  DT  A OP1   1 
ATOM   180  O  OP2   . DT  A 1 10 ? -5.408  -14.699 -17.978 1.00 39.73 ? 10  DT  A OP2   1 
ATOM   181  O  "O5'" . DT  A 1 10 ? -3.379  -14.761 -19.411 1.00 33.71 ? 10  DT  A "O5'" 1 
ATOM   182  C  "C5'" . DT  A 1 10 ? -2.609  -14.446 -20.577 1.00 39.39 ? 10  DT  A "C5'" 1 
ATOM   183  C  "C4'" . DT  A 1 10 ? -1.136  -14.444 -20.242 1.00 47.87 ? 10  DT  A "C4'" 1 
ATOM   184  O  "O4'" . DT  A 1 10 ? -0.939  -13.788 -18.968 1.00 51.86 ? 10  DT  A "O4'" 1 
ATOM   185  C  "C3'" . DT  A 1 10 ? -0.504  -15.826 -20.113 1.00 52.93 ? 10  DT  A "C3'" 1 
ATOM   186  O  "O3'" . DT  A 1 10 ? 0.602   -15.931 -21.011 1.00 57.26 ? 10  DT  A "O3'" 1 
ATOM   187  C  "C2'" . DT  A 1 10 ? -0.093  -15.947 -18.669 1.00 47.97 ? 10  DT  A "C2'" 1 
ATOM   188  C  "C1'" . DT  A 1 10 ? 0.023   -14.509 -18.208 1.00 46.09 ? 10  DT  A "C1'" 1 
ATOM   189  N  N1    . DT  A 1 10 ? -0.304  -14.259 -16.802 1.00 37.48 ? 10  DT  A N1    1 
ATOM   190  C  C2    . DT  A 1 10 ? 0.717   -14.041 -15.909 1.00 33.54 ? 10  DT  A C2    1 
ATOM   191  O  O2    . DT  A 1 10 ? 1.896   -14.046 -16.219 1.00 36.07 ? 10  DT  A O2    1 
ATOM   192  N  N3    . DT  A 1 10 ? 0.311   -13.815 -14.618 1.00 30.44 ? 10  DT  A N3    1 
ATOM   193  C  C4    . DT  A 1 10 ? -0.988  -13.787 -14.148 1.00 28.04 ? 10  DT  A C4    1 
ATOM   194  O  O4    . DT  A 1 10 ? -1.187  -13.570 -12.955 1.00 32.90 ? 10  DT  A O4    1 
ATOM   195  C  C5    . DT  A 1 10 ? -2.005  -14.022 -15.141 1.00 31.61 ? 10  DT  A C5    1 
ATOM   196  C  C7    . DT  A 1 10 ? -3.449  -14.015 -14.747 1.00 41.23 ? 10  DT  A C7    1 
ATOM   197  C  C6    . DT  A 1 10 ? -1.622  -14.244 -16.406 1.00 33.00 ? 10  DT  A C6    1 
ATOM   198  P  P     . DC  A 1 11 ? 1.336   -17.314 -21.350 1.00 52.38 ? 11  DC  A P     1 
ATOM   199  O  OP1   . DC  A 1 11 ? 2.185   -17.092 -22.552 1.00 55.15 ? 11  DC  A OP1   1 
ATOM   200  O  OP2   . DC  A 1 11 ? 0.337   -18.404 -21.348 1.00 51.61 ? 11  DC  A OP2   1 
ATOM   201  O  "O5'" . DC  A 1 11 ? 2.304   -17.515 -20.096 1.00 39.02 ? 11  DC  A "O5'" 1 
ATOM   202  C  "C5'" . DC  A 1 11 ? 3.582   -16.861 -20.111 1.00 36.97 ? 11  DC  A "C5'" 1 
ATOM   203  C  "C4'" . DC  A 1 11 ? 4.317   -17.211 -18.842 1.00 39.84 ? 11  DC  A "C4'" 1 
ATOM   204  O  "O4'" . DC  A 1 11 ? 3.524   -16.776 -17.713 1.00 42.25 ? 11  DC  A "O4'" 1 
ATOM   205  C  "C3'" . DC  A 1 11 ? 4.574   -18.697 -18.646 1.00 40.11 ? 11  DC  A "C3'" 1 
ATOM   206  O  "O3'" . DC  A 1 11 ? 5.979   -18.946 -18.555 1.00 44.16 ? 11  DC  A "O3'" 1 
ATOM   207  C  "C2'" . DC  A 1 11 ? 3.852   -19.065 -17.374 1.00 37.70 ? 11  DC  A "C2'" 1 
ATOM   208  C  "C1'" . DC  A 1 11 ? 3.679   -17.732 -16.668 1.00 35.83 ? 11  DC  A "C1'" 1 
ATOM   209  N  N1    . DC  A 1 11 ? 2.503   -17.617 -15.802 1.00 27.70 ? 11  DC  A N1    1 
ATOM   210  C  C2    . DC  A 1 11 ? 2.695   -17.192 -14.487 1.00 31.62 ? 11  DC  A C2    1 
ATOM   211  O  O2    . DC  A 1 11 ? 3.851   -16.936 -14.119 1.00 49.39 ? 11  DC  A O2    1 
ATOM   212  N  N3    . DC  A 1 11 ? 1.627   -17.077 -13.667 1.00 34.33 ? 11  DC  A N3    1 
ATOM   213  C  C4    . DC  A 1 11 ? 0.403   -17.367 -14.117 1.00 31.39 ? 11  DC  A C4    1 
ATOM   214  N  N4    . DC  A 1 11 ? -0.617  -17.237 -13.268 1.00 20.83 ? 11  DC  A N4    1 
ATOM   215  C  C5    . DC  A 1 11 ? 0.177   -17.802 -15.455 1.00 32.56 ? 11  DC  A C5    1 
ATOM   216  C  C6    . DC  A 1 11 ? 1.248   -17.910 -16.254 1.00 33.61 ? 11  DC  A C6    1 
ATOM   217  P  P     . DC  A 1 12 ? 6.526   -20.456 -18.511 1.00 51.16 ? 12  DC  A P     1 
ATOM   218  O  OP1   . DC  A 1 12 ? 7.805   -20.498 -19.266 1.00 68.47 ? 12  DC  A OP1   1 
ATOM   219  O  OP2   . DC  A 1 12 ? 5.409   -21.350 -18.896 1.00 37.74 ? 12  DC  A OP2   1 
ATOM   220  O  "O5'" . DC  A 1 12 ? 6.858   -20.687 -16.969 1.00 48.54 ? 12  DC  A "O5'" 1 
ATOM   221  C  "C5'" . DC  A 1 12 ? 7.636   -19.738 -16.230 1.00 41.05 ? 12  DC  A "C5'" 1 
ATOM   222  C  "C4'" . DC  A 1 12 ? 7.545   -20.039 -14.751 1.00 40.84 ? 12  DC  A "C4'" 1 
ATOM   223  O  "O4'" . DC  A 1 12 ? 6.319   -19.487 -14.224 1.00 35.38 ? 12  DC  A "O4'" 1 
ATOM   224  C  "C3'" . DC  A 1 12 ? 7.519   -21.518 -14.404 1.00 44.85 ? 12  DC  A "C3'" 1 
ATOM   225  O  "O3'" . DC  A 1 12 ? 8.783   -21.938 -13.881 1.00 56.38 ? 12  DC  A "O3'" 1 
ATOM   226  C  "C2'" . DC  A 1 12 ? 6.444   -21.687 -13.370 1.00 44.87 ? 12  DC  A "C2'" 1 
ATOM   227  C  "C1'" . DC  A 1 12 ? 5.857   -20.307 -13.163 1.00 39.48 ? 12  DC  A "C1'" 1 
ATOM   228  N  N1    . DC  A 1 12 ? 4.386   -20.292 -13.201 1.00 35.83 ? 12  DC  A N1    1 
ATOM   229  C  C2    . DC  A 1 12 ? 3.708   -20.040 -12.007 1.00 37.80 ? 12  DC  A C2    1 
ATOM   230  O  O2    . DC  A 1 12 ? 4.377   -19.840 -10.983 1.00 47.58 ? 12  DC  A O2    1 
ATOM   231  N  N3    . DC  A 1 12 ? 2.358   -20.021 -12.016 1.00 38.99 ? 12  DC  A N3    1 
ATOM   232  C  C4    . DC  A 1 12 ? 1.693   -20.243 -13.152 1.00 37.85 ? 12  DC  A C4    1 
ATOM   233  N  N4    . DC  A 1 12 ? 0.358   -20.214 -13.110 1.00 36.30 ? 12  DC  A N4    1 
ATOM   234  C  C5    . DC  A 1 12 ? 2.364   -20.503 -14.380 1.00 35.49 ? 12  DC  A C5    1 
ATOM   235  C  C6    . DC  A 1 12 ? 3.703   -20.518 -14.357 1.00 34.88 ? 12  DC  A C6    1 
ATOM   236  O  "O5'" . DG  B 2 1  ? -3.314  -19.067 -2.002  1.00 45.23 ? 13  DG  B "O5'" 1 
ATOM   237  C  "C5'" . DG  B 2 1  ? -2.512  -18.743 -3.144  1.00 65.48 ? 13  DG  B "C5'" 1 
ATOM   238  C  "C4'" . DG  B 2 1  ? -1.099  -18.439 -2.708  1.00 69.28 ? 13  DG  B "C4'" 1 
ATOM   239  O  "O4'" . DG  B 2 1  ? -0.161  -18.958 -3.681  1.00 67.76 ? 13  DG  B "O4'" 1 
ATOM   240  C  "C3'" . DG  B 2 1  ? -0.763  -16.964 -2.592  1.00 67.64 ? 13  DG  B "C3'" 1 
ATOM   241  O  "O3'" . DG  B 2 1  ? 0.211   -16.737 -1.571  1.00 68.74 ? 13  DG  B "O3'" 1 
ATOM   242  C  "C2'" . DG  B 2 1  ? -0.232  -16.593 -3.948  1.00 62.41 ? 13  DG  B "C2'" 1 
ATOM   243  C  "C1'" . DG  B 2 1  ? 0.279   -17.901 -4.519  1.00 56.69 ? 13  DG  B "C1'" 1 
ATOM   244  N  N9    . DG  B 2 1  ? -0.246  -18.183 -5.863  1.00 36.53 ? 13  DG  B N9    1 
ATOM   245  C  C8    . DG  B 2 1  ? -1.549  -18.111 -6.286  1.00 31.55 ? 13  DG  B C8    1 
ATOM   246  N  N7    . DG  B 2 1  ? -1.694  -18.423 -7.547  1.00 30.31 ? 13  DG  B N7    1 
ATOM   247  C  C5    . DG  B 2 1  ? -0.408  -18.717 -7.976  1.00 29.07 ? 13  DG  B C5    1 
ATOM   248  C  C6    . DG  B 2 1  ? 0.060   -19.119 -9.253  1.00 27.42 ? 13  DG  B C6    1 
ATOM   249  O  O6    . DG  B 2 1  ? -0.615  -19.295 -10.276 1.00 28.99 ? 13  DG  B O6    1 
ATOM   250  N  N1    . DG  B 2 1  ? 1.439   -19.313 -9.252  1.00 26.27 ? 13  DG  B N1    1 
ATOM   251  C  C2    . DG  B 2 1  ? 2.261   -19.141 -8.165  1.00 31.26 ? 13  DG  B C2    1 
ATOM   252  N  N2    . DG  B 2 1  ? 3.567   -19.376 -8.355  1.00 40.07 ? 13  DG  B N2    1 
ATOM   253  N  N3    . DG  B 2 1  ? 1.837   -18.766 -6.966  1.00 33.15 ? 13  DG  B N3    1 
ATOM   254  C  C4    . DG  B 2 1  ? 0.500   -18.573 -6.949  1.00 33.78 ? 13  DG  B C4    1 
ATOM   255  P  P     . DG  B 2 2  ? 0.894   -15.284 -1.463  1.00 68.18 ? 14  DG  B P     1 
ATOM   256  O  OP1   . DG  B 2 2  ? 1.716   -15.264 -0.228  1.00 69.54 ? 14  DG  B OP1   1 
ATOM   257  O  OP2   . DG  B 2 2  ? -0.183  -14.278 -1.655  1.00 79.09 ? 14  DG  B OP2   1 
ATOM   258  O  "O5'" . DG  B 2 2  ? 1.872   -15.215 -2.720  1.00 59.19 ? 14  DG  B "O5'" 1 
ATOM   259  C  "C5'" . DG  B 2 2  ? 3.107   -15.936 -2.761  1.00 51.75 ? 14  DG  B "C5'" 1 
ATOM   260  C  "C4'" . DG  B 2 2  ? 3.885   -15.598 -4.011  1.00 48.62 ? 14  DG  B "C4'" 1 
ATOM   261  O  "O4'" . DG  B 2 2  ? 3.176   -16.096 -5.176  1.00 43.94 ? 14  DG  B "O4'" 1 
ATOM   262  C  "C3'" . DG  B 2 2  ? 4.097   -14.111 -4.259  1.00 52.90 ? 14  DG  B "C3'" 1 
ATOM   263  O  "O3'" . DG  B 2 2  ? 5.436   -13.838 -4.658  1.00 56.96 ? 14  DG  B "O3'" 1 
ATOM   264  C  "C2'" . DG  B 2 2  ? 3.112   -13.778 -5.351  1.00 44.35 ? 14  DG  B "C2'" 1 
ATOM   265  C  "C1'" . DG  B 2 2  ? 3.163   -15.072 -6.163  1.00 41.99 ? 14  DG  B "C1'" 1 
ATOM   266  N  N9    . DG  B 2 2  ? 2.026   -15.238 -7.075  1.00 33.24 ? 14  DG  B N9    1 
ATOM   267  C  C8    . DG  B 2 2  ? 0.683   -15.061 -6.842  1.00 28.13 ? 14  DG  B C8    1 
ATOM   268  N  N7    . DG  B 2 2  ? -0.061  -15.298 -7.890  1.00 32.87 ? 14  DG  B N7    1 
ATOM   269  C  C5    . DG  B 2 2  ? 0.842   -15.656 -8.882  1.00 38.58 ? 14  DG  B C5    1 
ATOM   270  C  C6    . DG  B 2 2  ? 0.643   -16.027 -10.239 1.00 42.58 ? 14  DG  B C6    1 
ATOM   271  O  O6    . DG  B 2 2  ? -0.426  -16.115 -10.858 1.00 54.50 ? 14  DG  B O6    1 
ATOM   272  N  N1    . DG  B 2 2  ? 1.846   -16.311 -10.885 1.00 39.61 ? 14  DG  B N1    1 
ATOM   273  C  C2    . DG  B 2 2  ? 3.085   -16.247 -10.300 1.00 41.21 ? 14  DG  B C2    1 
ATOM   274  N  N2    . DG  B 2 2  ? 4.147   -16.551 -11.060 1.00 35.27 ? 14  DG  B N2    1 
ATOM   275  N  N3    . DG  B 2 2  ? 3.284   -15.902 -9.038  1.00 43.84 ? 14  DG  B N3    1 
ATOM   276  C  C4    . DG  B 2 2  ? 2.131   -15.623 -8.395  1.00 38.28 ? 14  DG  B C4    1 
ATOM   277  P  P     . DA  B 2 3  ? 6.058   -12.363 -4.734  1.00 53.98 ? 15  DA  B P     1 
ATOM   278  O  OP1   . DA  B 2 3  ? 6.885   -12.156 -3.515  1.00 66.39 ? 15  DA  B OP1   1 
ATOM   279  O  OP2   . DA  B 2 3  ? 4.988   -11.396 -5.059  1.00 52.69 ? 15  DA  B OP2   1 
ATOM   280  O  "O5'" . DA  B 2 3  ? 7.047   -12.449 -5.986  1.00 53.79 ? 15  DA  B "O5'" 1 
ATOM   281  C  "C5'" . DA  B 2 3  ? 7.514   -13.725 -6.443  1.00 51.26 ? 15  DA  B "C5'" 1 
ATOM   282  C  "C4'" . DA  B 2 3  ? 7.627   -13.720 -7.950  1.00 53.89 ? 15  DA  B "C4'" 1 
ATOM   283  O  "O4'" . DA  B 2 3  ? 6.333   -13.995 -8.535  1.00 51.94 ? 15  DA  B "O4'" 1 
ATOM   284  C  "C3'" . DA  B 2 3  ? 8.086   -12.397 -8.542  1.00 55.74 ? 15  DA  B "C3'" 1 
ATOM   285  O  "O3'" . DA  B 2 3  ? 9.081   -12.612 -9.542  1.00 59.39 ? 15  DA  B "O3'" 1 
ATOM   286  C  "C2'" . DA  B 2 3  ? 6.831   -11.782 -9.110  1.00 50.25 ? 15  DA  B "C2'" 1 
ATOM   287  C  "C1'" . DA  B 2 3  ? 6.041   -13.009 -9.527  1.00 49.25 ? 15  DA  B "C1'" 1 
ATOM   288  N  N9    . DA  B 2 3  ? 4.583   -12.856 -9.563  1.00 40.40 ? 15  DA  B N9    1 
ATOM   289  C  C8    . DA  B 2 3  ? 3.752   -12.505 -8.529  1.00 34.88 ? 15  DA  B C8    1 
ATOM   290  N  N7    . DA  B 2 3  ? 2.487   -12.450 -8.868  1.00 37.88 ? 15  DA  B N7    1 
ATOM   291  C  C5    . DA  B 2 3  ? 2.486   -12.788 -10.214 1.00 37.58 ? 15  DA  B C5    1 
ATOM   292  C  C6    . DA  B 2 3  ? 1.453   -12.911 -11.160 1.00 38.21 ? 15  DA  B C6    1 
ATOM   293  N  N6    . DA  B 2 3  ? 0.165   -12.696 -10.874 1.00 39.12 ? 15  DA  B N6    1 
ATOM   294  N  N1    . DA  B 2 3  ? 1.782   -13.263 -12.424 1.00 35.09 ? 15  DA  B N1    1 
ATOM   295  C  C2    . DA  B 2 3  ? 3.074   -13.477 -12.704 1.00 35.17 ? 15  DA  B C2    1 
ATOM   296  N  N3    . DA  B 2 3  ? 4.132   -13.393 -11.900 1.00 36.74 ? 15  DA  B N3    1 
ATOM   297  C  C4    . DA  B 2 3  ? 3.772   -13.040 -10.655 1.00 36.00 ? 15  DA  B C4    1 
ATOM   298  P  P     . DG  B 2 4  ? 10.091  -11.442 -9.972  1.00 63.24 ? 16  DG  B P     1 
ATOM   299  O  OP1   . DG  B 2 4  ? 11.175  -12.065 -10.781 1.00 43.08 ? 16  DG  B OP1   1 
ATOM   300  O  OP2   . DG  B 2 4  ? 10.406  -10.632 -8.771  1.00 73.26 ? 16  DG  B OP2   1 
ATOM   301  O  "O5'" . DG  B 2 4  ? 9.242   -10.521 -10.966 1.00 64.15 ? 16  DG  B "O5'" 1 
ATOM   302  C  "C5'" . DG  B 2 4  ? 9.764   -10.297 -12.283 1.00 63.09 ? 16  DG  B "C5'" 1 
ATOM   303  C  "C4'" . DG  B 2 4  ? 8.644   -10.224 -13.283 1.00 64.36 ? 16  DG  B "C4'" 1 
ATOM   304  O  "O4'" . DG  B 2 4  ? 7.376   -10.596 -12.694 1.00 57.70 ? 16  DG  B "O4'" 1 
ATOM   305  C  "C3'" . DG  B 2 4  ? 8.408   -8.826  -13.837 1.00 66.81 ? 16  DG  B "C3'" 1 
ATOM   306  O  "O3'" . DG  B 2 4  ? 9.166   -8.642  -15.039 1.00 72.08 ? 16  DG  B "O3'" 1 
ATOM   307  C  "C2'" . DG  B 2 4  ? 6.928   -8.742  -14.080 1.00 61.12 ? 16  DG  B "C2'" 1 
ATOM   308  C  "C1'" . DG  B 2 4  ? 6.356   -10.026 -13.514 1.00 54.40 ? 16  DG  B "C1'" 1 
ATOM   309  N  N9    . DG  B 2 4  ? 5.163   -9.851  -12.669 1.00 46.31 ? 16  DG  B N9    1 
ATOM   310  C  C8    . DG  B 2 4  ? 5.043   -9.546  -11.338 1.00 44.38 ? 16  DG  B C8    1 
ATOM   311  N  N7    . DG  B 2 4  ? 3.803   -9.472  -10.928 1.00 45.42 ? 16  DG  B N7    1 
ATOM   312  C  C5    . DG  B 2 4  ? 3.047   -9.746  -12.060 1.00 45.60 ? 16  DG  B C5    1 
ATOM   313  C  C6    . DG  B 2 4  ? 1.643   -9.817  -12.262 1.00 39.94 ? 16  DG  B C6    1 
ATOM   314  O  O6    . DG  B 2 4  ? 0.715   -9.648  -11.461 1.00 35.29 ? 16  DG  B O6    1 
ATOM   315  N  N1    . DG  B 2 4  ? 1.342   -10.128 -13.584 1.00 32.83 ? 16  DG  B N1    1 
ATOM   316  C  C2    . DG  B 2 4  ? 2.253   -10.342 -14.583 1.00 35.82 ? 16  DG  B C2    1 
ATOM   317  N  N2    . DG  B 2 4  ? 1.770   -10.631 -15.798 1.00 49.20 ? 16  DG  B N2    1 
ATOM   318  N  N3    . DG  B 2 4  ? 3.563   -10.280 -14.414 1.00 38.99 ? 16  DG  B N3    1 
ATOM   319  C  C4    . DG  B 2 4  ? 3.871   -9.981  -13.138 1.00 43.57 ? 16  DG  B C4    1 
ATOM   320  P  P     . DA  B 2 5  ? 9.361   -7.130  -15.554 1.00 79.35 ? 17  DA  B P     1 
ATOM   321  O  OP1   . DA  B 2 5  ? 10.492  -7.120  -16.511 1.00 98.91 ? 17  DA  B OP1   1 
ATOM   322  O  OP2   . DA  B 2 5  ? 9.372   -6.247  -14.362 1.00 82.69 ? 17  DA  B OP2   1 
ATOM   323  O  "O5'" . DA  B 2 5  ? 8.016   -6.847  -16.374 1.00 69.92 ? 17  DA  B "O5'" 1 
ATOM   324  C  "C5'" . DA  B 2 5  ? 7.899   -7.339  -17.712 1.00 58.39 ? 17  DA  B "C5'" 1 
ATOM   325  C  "C4'" . DA  B 2 5  ? 6.488   -7.224  -18.214 1.00 47.43 ? 17  DA  B "C4'" 1 
ATOM   326  O  "O4'" . DA  B 2 5  ? 5.571   -7.926  -17.332 1.00 40.13 ? 17  DA  B "O4'" 1 
ATOM   327  C  "C3'" . DA  B 2 5  ? 5.910   -5.820  -18.256 1.00 43.21 ? 17  DA  B "C3'" 1 
ATOM   328  O  "O3'" . DA  B 2 5  ? 6.342   -5.105  -19.409 1.00 38.56 ? 17  DA  B "O3'" 1 
ATOM   329  C  "C2'" . DA  B 2 5  ? 4.427   -6.073  -18.278 1.00 42.94 ? 17  DA  B "C2'" 1 
ATOM   330  C  "C1'" . DA  B 2 5  ? 4.281   -7.350  -17.471 1.00 38.16 ? 17  DA  B "C1'" 1 
ATOM   331  N  N9    . DA  B 2 5  ? 3.757   -7.114  -16.121 1.00 38.24 ? 17  DA  B N9    1 
ATOM   332  C  C8    . DA  B 2 5  ? 4.446   -6.768  -14.988 1.00 40.12 ? 17  DA  B C8    1 
ATOM   333  N  N7    . DA  B 2 5  ? 3.683   -6.630  -13.929 1.00 39.01 ? 17  DA  B N7    1 
ATOM   334  C  C5    . DA  B 2 5  ? 2.407   -6.905  -14.402 1.00 36.61 ? 17  DA  B C5    1 
ATOM   335  C  C6    . DA  B 2 5  ? 1.149   -6.929  -13.779 1.00 36.80 ? 17  DA  B C6    1 
ATOM   336  N  N6    . DA  B 2 5  ? 0.954   -6.664  -12.486 1.00 33.57 ? 17  DA  B N6    1 
ATOM   337  N  N1    . DA  B 2 5  ? 0.081   -7.243  -14.545 1.00 43.05 ? 17  DA  B N1    1 
ATOM   338  C  C2    . DA  B 2 5  ? 0.270   -7.510  -15.844 1.00 39.32 ? 17  DA  B C2    1 
ATOM   339  N  N3    . DA  B 2 5  ? 1.400   -7.521  -16.548 1.00 31.89 ? 17  DA  B N3    1 
ATOM   340  C  C4    . DA  B 2 5  ? 2.437   -7.205  -15.751 1.00 36.47 ? 17  DA  B C4    1 
ATOM   341  P  P     . DC  B 2 6  ? 6.371   -3.500  -19.352 1.00 34.71 ? 18  DC  B P     1 
ATOM   342  O  OP1   . DC  B 2 6  ? 7.252   -3.034  -20.447 1.00 30.77 ? 18  DC  B OP1   1 
ATOM   343  O  OP2   . DC  B 2 6  ? 6.693   -3.114  -17.949 1.00 57.83 ? 18  DC  B OP2   1 
ATOM   344  O  "O5'" . DC  B 2 6  ? 4.873   -3.049  -19.646 1.00 34.04 ? 18  DC  B "O5'" 1 
ATOM   345  C  "C5'" . DC  B 2 6  ? 4.086   -3.588  -20.709 1.00 31.44 ? 18  DC  B "C5'" 1 
ATOM   346  C  "C4'" . DC  B 2 6  ? 2.614   -3.560  -20.397 1.00 31.07 ? 18  DC  B "C4'" 1 
ATOM   347  O  "O4'" . DC  B 2 6  ? 2.311   -4.450  -19.283 1.00 31.16 ? 18  DC  B "O4'" 1 
ATOM   348  C  "C3'" . DC  B 2 6  ? 2.039   -2.232  -19.934 1.00 26.89 ? 18  DC  B "C3'" 1 
ATOM   349  O  "O3'" . DC  B 2 6  ? 1.746   -1.363  -21.023 1.00 30.59 ? 18  DC  B "O3'" 1 
ATOM   350  C  "C2'" . DC  B 2 6  ? 0.782   -2.633  -19.212 1.00 22.76 ? 18  DC  B "C2'" 1 
ATOM   351  C  "C1'" . DC  B 2 6  ? 1.162   -3.974  -18.597 1.00 28.73 ? 18  DC  B "C1'" 1 
ATOM   352  N  N1    . DC  B 2 6  ? 1.466   -3.846  -17.164 1.00 31.85 ? 18  DC  B N1    1 
ATOM   353  C  C2    . DC  B 2 6  ? 0.405   -3.878  -16.258 1.00 31.80 ? 18  DC  B C2    1 
ATOM   354  O  O2    . DC  B 2 6  ? -0.759  -4.014  -16.667 1.00 24.99 ? 18  DC  B O2    1 
ATOM   355  N  N3    . DC  B 2 6  ? 0.683   -3.760  -14.939 1.00 37.14 ? 18  DC  B N3    1 
ATOM   356  C  C4    . DC  B 2 6  ? 1.940   -3.614  -14.517 1.00 36.93 ? 18  DC  B C4    1 
ATOM   357  N  N4    . DC  B 2 6  ? 2.154   -3.502  -13.203 1.00 29.77 ? 18  DC  B N4    1 
ATOM   358  C  C5    . DC  B 2 6  ? 3.035   -3.578  -15.428 1.00 34.05 ? 18  DC  B C5    1 
ATOM   359  C  C6    . DC  B 2 6  ? 2.750   -3.696  -16.727 1.00 31.34 ? 18  DC  B C6    1 
ATOM   360  P  P     . DC  B 2 7  ? 1.629   0.218   -20.745 1.00 36.51 ? 19  DC  B P     1 
ATOM   361  O  OP1   . DC  B 2 7  ? 1.473   0.888   -22.060 1.00 56.49 ? 19  DC  B OP1   1 
ATOM   362  O  OP2   . DC  B 2 7  ? 2.745   0.593   -19.840 1.00 36.63 ? 19  DC  B OP2   1 
ATOM   363  O  "O5'" . DC  B 2 7  ? 0.265   0.390   -19.935 1.00 33.82 ? 19  DC  B "O5'" 1 
ATOM   364  C  "C5'" . DC  B 2 7  ? -0.984  0.061   -20.551 1.00 28.78 ? 19  DC  B "C5'" 1 
ATOM   365  C  "C4'" . DC  B 2 7  ? -2.132  0.715   -19.821 1.00 20.98 ? 19  DC  B "C4'" 1 
ATOM   366  O  "O4'" . DC  B 2 7  ? -2.517  -0.102  -18.691 1.00 12.99 ? 19  DC  B "O4'" 1 
ATOM   367  C  "C3'" . DC  B 2 7  ? -1.829  2.089   -19.245 1.00 26.14 ? 19  DC  B "C3'" 1 
ATOM   368  O  "O3'" . DC  B 2 7  ? -2.191  3.112   -20.175 1.00 33.35 ? 19  DC  B "O3'" 1 
ATOM   369  C  "C2'" . DC  B 2 7  ? -2.647  2.165   -17.989 1.00 19.54 ? 19  DC  B "C2'" 1 
ATOM   370  C  "C1'" . DC  B 2 7  ? -2.780  0.714   -17.564 1.00 21.92 ? 19  DC  B "C1'" 1 
ATOM   371  N  N1    . DC  B 2 7  ? -1.817  0.345   -16.514 1.00 25.70 ? 19  DC  B N1    1 
ATOM   372  C  C2    . DC  B 2 7  ? -2.205  0.545   -15.188 1.00 22.83 ? 19  DC  B C2    1 
ATOM   373  O  O2    . DC  B 2 7  ? -3.331  1.015   -14.980 1.00 14.49 ? 19  DC  B O2    1 
ATOM   374  N  N3    . DC  B 2 7  ? -1.346  0.219   -14.195 1.00 23.83 ? 19  DC  B N3    1 
ATOM   375  C  C4    . DC  B 2 7  ? -0.147  -0.285  -14.505 1.00 23.67 ? 19  DC  B C4    1 
ATOM   376  N  N4    . DC  B 2 7  ? 0.665   -0.591  -13.493 1.00 35.22 ? 19  DC  B N4    1 
ATOM   377  C  C5    . DC  B 2 7  ? 0.273   -0.496  -15.851 1.00 19.59 ? 19  DC  B C5    1 
ATOM   378  C  C6    . DC  B 2 7  ? -0.589  -0.168  -16.823 1.00 24.90 ? 19  DC  B C6    1 
ATOM   379  P  P     . DA  B 2 8  ? -1.651  4.609   -19.950 1.00 29.08 ? 20  DA  B P     1 
ATOM   380  O  OP1   . DA  B 2 8  ? -2.241  5.470   -21.001 1.00 44.57 ? 20  DA  B OP1   1 
ATOM   381  O  OP2   . DA  B 2 8  ? -0.179  4.527   -19.785 1.00 31.95 ? 20  DA  B OP2   1 
ATOM   382  O  "O5'" . DA  B 2 8  ? -2.291  5.018   -18.544 1.00 23.09 ? 20  DA  B "O5'" 1 
ATOM   383  C  "C5'" . DA  B 2 8  ? -1.634  5.971   -17.703 1.00 21.04 ? 20  DA  B "C5'" 1 
ATOM   384  C  "C4'" . DA  B 2 8  ? -2.270  6.024   -16.344 1.00 24.99 ? 20  DA  B "C4'" 1 
ATOM   385  O  "O4'" . DA  B 2 8  ? -2.374  4.702   -15.748 1.00 24.22 ? 20  DA  B "O4'" 1 
ATOM   386  C  "C3'" . DA  B 2 8  ? -1.498  6.806   -15.287 1.00 26.86 ? 20  DA  B "C3'" 1 
ATOM   387  O  "O3'" . DA  B 2 8  ? -1.618  8.212   -15.478 1.00 27.72 ? 20  DA  B "O3'" 1 
ATOM   388  C  "C2'" . DA  B 2 8  ? -2.149  6.303   -14.021 1.00 28.34 ? 20  DA  B "C2'" 1 
ATOM   389  C  "C1'" . DA  B 2 8  ? -2.286  4.817   -14.332 1.00 26.83 ? 20  DA  B "C1'" 1 
ATOM   390  N  N9    . DA  B 2 8  ? -1.142  4.027   -13.861 1.00 32.18 ? 20  DA  B N9    1 
ATOM   391  C  C8    . DA  B 2 8  ? -0.103  3.520   -14.598 1.00 29.57 ? 20  DA  B C8    1 
ATOM   392  N  N7    . DA  B 2 8  ? 0.780   2.852   -13.895 1.00 26.97 ? 20  DA  B N7    1 
ATOM   393  C  C5    . DA  B 2 8  ? 0.286   2.926   -12.603 1.00 32.05 ? 20  DA  B C5    1 
ATOM   394  C  C6    . DA  B 2 8  ? 0.763   2.415   -11.384 1.00 32.41 ? 20  DA  B C6    1 
ATOM   395  N  N6    . DA  B 2 8  ? 1.886   1.703   -11.269 1.00 21.25 ? 20  DA  B N6    1 
ATOM   396  N  N1    . DA  B 2 8  ? 0.032   2.669   -10.278 1.00 32.50 ? 20  DA  B N1    1 
ATOM   397  C  C2    . DA  B 2 8  ? -1.094  3.381   -10.388 1.00 29.09 ? 20  DA  B C2    1 
ATOM   398  N  N3    . DA  B 2 8  ? -1.642  3.913   -11.479 1.00 34.18 ? 20  DA  B N3    1 
ATOM   399  C  C4    . DA  B 2 8  ? -0.895  3.646   -12.564 1.00 33.72 ? 20  DA  B C4    1 
ATOM   400  P  P     . DG  B 2 9  ? -0.421  9.174   -14.991 1.00 28.13 ? 21  DG  B P     1 
ATOM   401  O  OP1   . DG  B 2 9  ? -0.734  10.555  -15.426 1.00 51.12 ? 21  DG  B OP1   1 
ATOM   402  O  OP2   . DG  B 2 9  ? 0.857   8.539   -15.392 1.00 29.92 ? 21  DG  B OP2   1 
ATOM   403  O  "O5'" . DG  B 2 9  ? -0.537  9.112   -13.404 1.00 29.21 ? 21  DG  B "O5'" 1 
ATOM   404  C  "C5'" . DG  B 2 9  ? -1.459  9.959   -12.707 1.00 32.03 ? 21  DG  B "C5'" 1 
ATOM   405  C  "C4'" . DG  B 2 9  ? -1.606  9.498   -11.281 1.00 34.34 ? 21  DG  B "C4'" 1 
ATOM   406  O  "O4'" . DG  B 2 9  ? -1.627  8.049   -11.215 1.00 33.23 ? 21  DG  B "O4'" 1 
ATOM   407  C  "C3'" . DG  B 2 9  ? -0.473  9.904   -10.352 1.00 33.80 ? 21  DG  B "C3'" 1 
ATOM   408  O  "O3'" . DG  B 2 9  ? -0.632  11.245  -9.897  1.00 37.77 ? 21  DG  B "O3'" 1 
ATOM   409  C  "C2'" . DG  B 2 9  ? -0.585  8.879   -9.251  1.00 26.91 ? 21  DG  B "C2'" 1 
ATOM   410  C  "C1'" . DG  B 2 9  ? -0.998  7.628   -10.007 1.00 29.27 ? 21  DG  B "C1'" 1 
ATOM   411  N  N9    . DG  B 2 9  ? 0.131   6.759   -10.374 1.00 26.69 ? 21  DG  B N9    1 
ATOM   412  C  C8    . DG  B 2 9  ? 0.678   6.550   -11.617 1.00 23.07 ? 21  DG  B C8    1 
ATOM   413  N  N7    . DG  B 2 9  ? 1.676   5.711   -11.597 1.00 26.18 ? 21  DG  B N7    1 
ATOM   414  C  C5    . DG  B 2 9  ? 1.802   5.338   -10.265 1.00 26.31 ? 21  DG  B C5    1 
ATOM   415  C  C6    . DG  B 2 9  ? 2.706   4.454   -9.623  1.00 29.52 ? 21  DG  B C6    1 
ATOM   416  O  O6    . DG  B 2 9  ? 3.627   3.780   -10.103 1.00 32.18 ? 21  DG  B O6    1 
ATOM   417  N  N1    . DG  B 2 9  ? 2.469   4.377   -8.255  1.00 29.81 ? 21  DG  B N1    1 
ATOM   418  C  C2    . DG  B 2 9  ? 1.491   5.060   -7.583  1.00 29.19 ? 21  DG  B C2    1 
ATOM   419  N  N2    . DG  B 2 9  ? 1.418   4.855   -6.261  1.00 19.02 ? 21  DG  B N2    1 
ATOM   420  N  N3    . DG  B 2 9  ? 0.644   5.887   -8.168  1.00 30.96 ? 21  DG  B N3    1 
ATOM   421  C  C4    . DG  B 2 9  ? 0.853   5.978   -9.498  1.00 26.25 ? 21  DG  B C4    1 
ATOM   422  P  P     . DA  B 2 10 ? 0.648   12.113  -9.452  1.00 37.82 ? 22  DA  B P     1 
ATOM   423  O  OP1   . DA  B 2 10 ? 0.163   13.461  -9.064  1.00 57.19 ? 22  DA  B OP1   1 
ATOM   424  O  OP2   . DA  B 2 10 ? 1.684   11.964  -10.503 1.00 41.48 ? 22  DA  B OP2   1 
ATOM   425  O  "O5'" . DA  B 2 10 ? 1.183   11.392  -8.132  1.00 33.21 ? 22  DA  B "O5'" 1 
ATOM   426  C  "C5'" . DA  B 2 10 ? 0.296   11.153  -7.034  1.00 39.86 ? 22  DA  B "C5'" 1 
ATOM   427  C  "C4'" . DA  B 2 10 ? 1.038   10.543  -5.875  1.00 47.11 ? 22  DA  B "C4'" 1 
ATOM   428  O  "O4'" . DA  B 2 10 ? 1.198   9.114   -6.048  1.00 48.68 ? 22  DA  B "O4'" 1 
ATOM   429  C  "C3'" . DA  B 2 10 ? 2.457   11.064  -5.694  1.00 48.51 ? 22  DA  B "C3'" 1 
ATOM   430  O  "O3'" . DA  B 2 10 ? 2.458   12.305  -4.991  1.00 51.72 ? 22  DA  B "O3'" 1 
ATOM   431  C  "C2'" . DA  B 2 10 ? 3.118   9.940   -4.938  1.00 45.33 ? 22  DA  B "C2'" 1 
ATOM   432  C  "C1'" . DA  B 2 10 ? 2.489   8.721   -5.594  1.00 44.35 ? 22  DA  B "C1'" 1 
ATOM   433  N  N9    . DA  B 2 10 ? 3.226   8.220   -6.759  1.00 41.15 ? 22  DA  B N9    1 
ATOM   434  C  C8    . DA  B 2 10 ? 3.041   8.571   -8.074  1.00 35.51 ? 22  DA  B C8    1 
ATOM   435  N  N7    . DA  B 2 10 ? 3.856   7.954   -8.895  1.00 36.09 ? 22  DA  B N7    1 
ATOM   436  C  C5    . DA  B 2 10 ? 4.624   7.145   -8.068  1.00 38.20 ? 22  DA  B C5    1 
ATOM   437  C  C6    . DA  B 2 10 ? 5.669   6.240   -8.328  1.00 34.91 ? 22  DA  B C6    1 
ATOM   438  N  N6    . DA  B 2 10 ? 6.140   5.988   -9.552  1.00 36.96 ? 22  DA  B N6    1 
ATOM   439  N  N1    . DA  B 2 10 ? 6.224   5.594   -7.279  1.00 30.57 ? 22  DA  B N1    1 
ATOM   440  C  C2    . DA  B 2 10 ? 5.750   5.848   -6.053  1.00 27.31 ? 22  DA  B C2    1 
ATOM   441  N  N3    . DA  B 2 10 ? 4.776   6.673   -5.677  1.00 33.73 ? 22  DA  B N3    1 
ATOM   442  C  C4    . DA  B 2 10 ? 4.246   7.300   -6.745  1.00 41.06 ? 22  DA  B C4    1 
ATOM   443  P  P     . DG  B 2 11 ? 3.740   13.266  -5.119  1.00 53.01 ? 23  DG  B P     1 
ATOM   444  O  OP1   . DG  B 2 11 ? 3.320   14.645  -4.786  1.00 70.99 ? 23  DG  B OP1   1 
ATOM   445  O  OP2   . DG  B 2 11 ? 4.409   12.966  -6.416  1.00 50.16 ? 23  DG  B OP2   1 
ATOM   446  O  "O5'" . DG  B 2 11 ? 4.715   12.742  -3.963  1.00 43.40 ? 23  DG  B "O5'" 1 
ATOM   447  C  "C5'" . DG  B 2 11 ? 5.990   12.224  -4.359  1.00 35.73 ? 23  DG  B "C5'" 1 
ATOM   448  C  "C4'" . DG  B 2 11 ? 6.580   11.382  -3.267  1.00 27.67 ? 23  DG  B "C4'" 1 
ATOM   449  O  "O4'" . DG  B 2 11 ? 6.025   10.042  -3.314  1.00 24.85 ? 23  DG  B "O4'" 1 
ATOM   450  C  "C3'" . DG  B 2 11 ? 8.090   11.204  -3.359  1.00 28.42 ? 23  DG  B "C3'" 1 
ATOM   451  O  "O3'" . DG  B 2 11 ? 8.783   12.231  -2.659  1.00 34.96 ? 23  DG  B "O3'" 1 
ATOM   452  C  "C2'" . DG  B 2 11 ? 8.260   9.821   -2.763  1.00 27.94 ? 23  DG  B "C2'" 1 
ATOM   453  C  "C1'" . DG  B 2 11 ? 7.099   9.137   -3.476  1.00 26.52 ? 23  DG  B "C1'" 1 
ATOM   454  N  N9    . DG  B 2 11 ? 7.364   8.909   -4.895  1.00 31.66 ? 23  DG  B N9    1 
ATOM   455  C  C8    . DG  B 2 11 ? 6.728   9.454   -5.986  1.00 30.27 ? 23  DG  B C8    1 
ATOM   456  N  N7    . DG  B 2 11 ? 7.205   9.044   -7.131  1.00 28.94 ? 23  DG  B N7    1 
ATOM   457  C  C5    . DG  B 2 11 ? 8.228   8.170   -6.779  1.00 31.59 ? 23  DG  B C5    1 
ATOM   458  C  C6    . DG  B 2 11 ? 9.113   7.412   -7.593  1.00 30.45 ? 23  DG  B C6    1 
ATOM   459  O  O6    . DG  B 2 11 ? 9.168   7.365   -8.829  1.00 38.67 ? 23  DG  B O6    1 
ATOM   460  N  N1    . DG  B 2 11 ? 9.996   6.658   -6.826  1.00 20.40 ? 23  DG  B N1    1 
ATOM   461  C  C2    . DG  B 2 11 ? 10.015  6.642   -5.454  1.00 17.15 ? 23  DG  B C2    1 
ATOM   462  N  N2    . DG  B 2 11 ? 10.935  5.855   -4.878  1.00 23.28 ? 23  DG  B N2    1 
ATOM   463  N  N3    . DG  B 2 11 ? 9.199   7.340   -4.682  1.00 15.77 ? 23  DG  B N3    1 
ATOM   464  C  C4    . DG  B 2 11 ? 8.338   8.077   -5.408  1.00 26.44 ? 23  DG  B C4    1 
ATOM   465  P  P     . DG  B 2 12 ? 9.407   13.483  -3.449  1.00 37.18 ? 24  DG  B P     1 
ATOM   466  O  OP1   . DG  B 2 12 ? 9.146   14.710  -2.647  1.00 70.68 ? 24  DG  B OP1   1 
ATOM   467  O  OP2   . DG  B 2 12 ? 8.937   13.428  -4.852  1.00 46.50 ? 24  DG  B OP2   1 
ATOM   468  O  "O5'" . DG  B 2 12 ? 10.972  13.219  -3.417  1.00 48.35 ? 24  DG  B "O5'" 1 
ATOM   469  C  "C5'" . DG  B 2 12 ? 11.592  12.291  -4.312  1.00 52.60 ? 24  DG  B "C5'" 1 
ATOM   470  C  "C4'" . DG  B 2 12 ? 12.116  11.108  -3.528  1.00 53.62 ? 24  DG  B "C4'" 1 
ATOM   471  O  "O4'" . DG  B 2 12 ? 11.322  9.939   -3.839  1.00 49.43 ? 24  DG  B "O4'" 1 
ATOM   472  C  "C3'" . DG  B 2 12 ? 13.564  10.757  -3.832  1.00 54.20 ? 24  DG  B "C3'" 1 
ATOM   473  O  "O3'" . DG  B 2 12 ? 14.403  11.084  -2.723  1.00 60.40 ? 24  DG  B "O3'" 1 
ATOM   474  C  "C2'" . DG  B 2 12 ? 13.555  9.278   -4.111  1.00 50.48 ? 24  DG  B "C2'" 1 
ATOM   475  C  "C1'" . DG  B 2 12 ? 12.127  9.019   -4.560  1.00 43.45 ? 24  DG  B "C1'" 1 
ATOM   476  N  N9    . DG  B 2 12 ? 11.894  9.239   -5.994  1.00 33.81 ? 24  DG  B N9    1 
ATOM   477  C  C8    . DG  B 2 12 ? 10.952  10.021  -6.615  1.00 31.62 ? 24  DG  B C8    1 
ATOM   478  N  N7    . DG  B 2 12 ? 11.022  9.993   -7.918  1.00 29.91 ? 24  DG  B N7    1 
ATOM   479  C  C5    . DG  B 2 12 ? 12.081  9.133   -8.173  1.00 23.72 ? 24  DG  B C5    1 
ATOM   480  C  C6    . DG  B 2 12 ? 12.635  8.708   -9.405  1.00 17.63 ? 24  DG  B C6    1 
ATOM   481  O  O6    . DG  B 2 12 ? 12.280  9.022   -10.549 1.00 35.62 ? 24  DG  B O6    1 
ATOM   482  N  N1    . DG  B 2 12 ? 13.694  7.837   -9.202  1.00 15.68 ? 24  DG  B N1    1 
ATOM   483  C  C2    . DG  B 2 12 ? 14.170  7.421   -7.987  1.00 23.37 ? 24  DG  B C2    1 
ATOM   484  N  N2    . DG  B 2 12 ? 15.207  6.574   -8.003  1.00 38.76 ? 24  DG  B N2    1 
ATOM   485  N  N3    . DG  B 2 12 ? 13.666  7.809   -6.827  1.00 32.34 ? 24  DG  B N3    1 
ATOM   486  C  C4    . DG  B 2 12 ? 12.631  8.659   -7.006  1.00 31.00 ? 24  DG  B C4    1 
ATOM   487  O  "O5'" . DC  C 1 1  ? 3.054   -2.216  22.855  1.00 49.68 ? 25  DC  C "O5'" 1 
ATOM   488  C  "C5'" . DC  C 1 1  ? 3.879   -1.178  23.399  1.00 37.46 ? 25  DC  C "C5'" 1 
ATOM   489  C  "C4'" . DC  C 1 1  ? 5.282   -1.296  22.856  1.00 36.14 ? 25  DC  C "C4'" 1 
ATOM   490  O  "O4'" . DC  C 1 1  ? 5.787   -2.640  23.042  1.00 41.01 ? 25  DC  C "O4'" 1 
ATOM   491  C  "C3'" . DC  C 1 1  ? 5.409   -1.030  21.365  1.00 30.88 ? 25  DC  C "C3'" 1 
ATOM   492  O  "O3'" . DC  C 1 1  ? 5.618   0.357   21.116  1.00 31.58 ? 25  DC  C "O3'" 1 
ATOM   493  C  "C2'" . DC  C 1 1  ? 6.587   -1.872  20.961  1.00 36.45 ? 25  DC  C "C2'" 1 
ATOM   494  C  "C1'" . DC  C 1 1  ? 6.438   -3.087  21.864  1.00 38.16 ? 25  DC  C "C1'" 1 
ATOM   495  N  N1    . DC  C 1 1  ? 5.625   -4.152  21.266  1.00 38.18 ? 25  DC  C N1    1 
ATOM   496  C  C2    . DC  C 1 1  ? 6.170   -4.870  20.199  1.00 40.93 ? 25  DC  C C2    1 
ATOM   497  O  O2    . DC  C 1 1  ? 7.312   -4.572  19.816  1.00 49.96 ? 25  DC  C O2    1 
ATOM   498  N  N3    . DC  C 1 1  ? 5.446   -5.856  19.627  1.00 40.88 ? 25  DC  C N3    1 
ATOM   499  C  C4    . DC  C 1 1  ? 4.222   -6.134  20.081  1.00 42.65 ? 25  DC  C C4    1 
ATOM   500  N  N4    . DC  C 1 1  ? 3.540   -7.117  19.486  1.00 42.24 ? 25  DC  C N4    1 
ATOM   501  C  C5    . DC  C 1 1  ? 3.644   -5.415  21.167  1.00 39.95 ? 25  DC  C C5    1 
ATOM   502  C  C6    . DC  C 1 1  ? 4.374   -4.440  21.725  1.00 37.91 ? 25  DC  C C6    1 
ATOM   503  P  P     . DC  C 1 2  ? 4.965   1.024   19.807  1.00 34.54 ? 26  DC  C P     1 
ATOM   504  O  OP1   . DC  C 1 2  ? 5.024   2.499   19.965  1.00 31.40 ? 26  DC  C OP1   1 
ATOM   505  O  OP2   . DC  C 1 2  ? 3.666   0.351   19.566  1.00 28.46 ? 26  DC  C OP2   1 
ATOM   506  O  "O5'" . DC  C 1 2  ? 5.974   0.615   18.637  1.00 36.63 ? 26  DC  C "O5'" 1 
ATOM   507  C  "C5'" . DC  C 1 2  ? 7.375   0.882   18.757  1.00 35.23 ? 26  DC  C "C5'" 1 
ATOM   508  C  "C4'" . DC  C 1 2  ? 8.155   0.273   17.616  1.00 34.89 ? 26  DC  C "C4'" 1 
ATOM   509  O  "O4'" . DC  C 1 2  ? 8.139   -1.170  17.763  1.00 33.35 ? 26  DC  C "O4'" 1 
ATOM   510  C  "C3'" . DC  C 1 2  ? 7.628   0.521   16.211  1.00 25.31 ? 26  DC  C "C3'" 1 
ATOM   511  O  "O3'" . DC  C 1 2  ? 8.197   1.692   15.632  1.00 32.76 ? 26  DC  C "O3'" 1 
ATOM   512  C  "C2'" . DC  C 1 2  ? 8.037   -0.702  15.441  1.00 22.67 ? 26  DC  C "C2'" 1 
ATOM   513  C  "C1'" . DC  C 1 2  ? 8.080   -1.798  16.486  1.00 26.69 ? 26  DC  C "C1'" 1 
ATOM   514  N  N1    . DC  C 1 2  ? 6.893   -2.673  16.509  1.00 25.02 ? 26  DC  C N1    1 
ATOM   515  C  C2    . DC  C 1 2  ? 6.811   -3.684  15.548  1.00 23.53 ? 26  DC  C C2    1 
ATOM   516  O  O2    . DC  C 1 2  ? 7.739   -3.785  14.733  1.00 19.73 ? 26  DC  C O2    1 
ATOM   517  N  N3    . DC  C 1 2  ? 5.734   -4.503  15.545  1.00 22.42 ? 26  DC  C N3    1 
ATOM   518  C  C4    . DC  C 1 2  ? 4.768   -4.338  16.454  1.00 21.79 ? 26  DC  C C4    1 
ATOM   519  N  N4    . DC  C 1 2  ? 3.723   -5.167  16.417  1.00 15.01 ? 26  DC  C N4    1 
ATOM   520  C  C5    . DC  C 1 2  ? 4.826   -3.315  17.446  1.00 18.92 ? 26  DC  C C5    1 
ATOM   521  C  C6    . DC  C 1 2  ? 5.901   -2.513  17.434  1.00 20.45 ? 26  DC  C C6    1 
ATOM   522  P  P     . DT  C 1 3  ? 7.435   2.473   14.447  1.00 41.96 ? 27  DT  C P     1 
ATOM   523  O  OP1   . DT  C 1 3  ? 8.154   3.754   14.218  1.00 66.36 ? 27  DT  C OP1   1 
ATOM   524  O  OP2   . DT  C 1 3  ? 5.987   2.508   14.767  1.00 29.37 ? 27  DT  C OP2   1 
ATOM   525  O  "O5'" . DT  C 1 3  ? 7.651   1.544   13.176  1.00 32.33 ? 27  DT  C "O5'" 1 
ATOM   526  C  "C5'" . DT  C 1 3  ? 8.959   1.275   12.658  1.00 29.21 ? 27  DT  C "C5'" 1 
ATOM   527  C  "C4'" . DT  C 1 3  ? 8.860   0.346   11.480  1.00 31.35 ? 27  DT  C "C4'" 1 
ATOM   528  O  "O4'" . DT  C 1 3  ? 8.548   -1.012  11.868  1.00 30.80 ? 27  DT  C "O4'" 1 
ATOM   529  C  "C3'" . DT  C 1 3  ? 7.739   0.699   10.511  1.00 27.95 ? 27  DT  C "C3'" 1 
ATOM   530  O  "O3'" . DT  C 1 3  ? 8.115   1.810   9.700   1.00 32.53 ? 27  DT  C "O3'" 1 
ATOM   531  C  "C2'" . DT  C 1 3  ? 7.565   -0.587  9.753   1.00 25.84 ? 27  DT  C "C2'" 1 
ATOM   532  C  "C1'" . DT  C 1 3  ? 7.758   -1.620  10.854  1.00 30.42 ? 27  DT  C "C1'" 1 
ATOM   533  N  N1    . DT  C 1 3  ? 6.489   -2.061  11.455  1.00 31.97 ? 27  DT  C N1    1 
ATOM   534  C  C2    . DT  C 1 3  ? 5.845   -3.120  10.853  1.00 27.15 ? 27  DT  C C2    1 
ATOM   535  O  O2    . DT  C 1 3  ? 6.293   -3.681  9.867   1.00 28.30 ? 27  DT  C O2    1 
ATOM   536  N  N3    . DT  C 1 3  ? 4.669   -3.493  11.448  1.00 20.54 ? 27  DT  C N3    1 
ATOM   537  C  C4    . DT  C 1 3  ? 4.088   -2.920  12.559  1.00 20.39 ? 27  DT  C C4    1 
ATOM   538  O  O4    . DT  C 1 3  ? 3.024   -3.354  12.991  1.00 34.58 ? 27  DT  C O4    1 
ATOM   539  C  C5    . DT  C 1 3  ? 4.813   -1.814  13.140  1.00 19.69 ? 27  DT  C C5    1 
ATOM   540  C  C7    . DT  C 1 3  ? 4.232   -1.151  14.348  1.00 23.05 ? 27  DT  C C7    1 
ATOM   541  C  C6    . DT  C 1 3  ? 5.964   -1.442  12.568  1.00 25.15 ? 27  DT  C C6    1 
ATOM   542  P  P     . DC  C 1 4  ? 6.932   2.699   9.064   1.00 33.12 ? 28  DC  C P     1 
ATOM   543  O  OP1   . DC  C 1 4  ? 7.557   3.805   8.305   1.00 55.51 ? 28  DC  C OP1   1 
ATOM   544  O  OP2   . DC  C 1 4  ? 5.950   2.982   10.139  1.00 44.97 ? 28  DC  C OP2   1 
ATOM   545  O  "O5'" . DC  C 1 4  ? 6.255   1.694   8.028   1.00 30.21 ? 28  DC  C "O5'" 1 
ATOM   546  C  "C5'" . DC  C 1 4  ? 6.921   1.347   6.808   1.00 23.62 ? 28  DC  C "C5'" 1 
ATOM   547  C  "C4'" . DC  C 1 4  ? 6.114   0.309   6.078   1.00 25.76 ? 28  DC  C "C4'" 1 
ATOM   548  O  "O4'" . DC  C 1 4  ? 5.923   -0.832  6.955   1.00 23.12 ? 28  DC  C "O4'" 1 
ATOM   549  C  "C3'" . DC  C 1 4  ? 4.701   0.690   5.671   1.00 26.80 ? 28  DC  C "C3'" 1 
ATOM   550  O  "O3'" . DC  C 1 4  ? 4.668   1.458   4.475   1.00 23.05 ? 28  DC  C "O3'" 1 
ATOM   551  C  "C2'" . DC  C 1 4  ? 4.051   -0.661  5.497   1.00 27.14 ? 28  DC  C "C2'" 1 
ATOM   552  C  "C1'" . DC  C 1 4  ? 4.682   -1.446  6.649   1.00 27.83 ? 28  DC  C "C1'" 1 
ATOM   553  N  N1    . DC  C 1 4  ? 3.828   -1.439  7.843   1.00 27.03 ? 28  DC  C N1    1 
ATOM   554  C  C2    . DC  C 1 4  ? 2.728   -2.304  7.827   1.00 30.77 ? 28  DC  C C2    1 
ATOM   555  O  O2    . DC  C 1 4  ? 2.571   -3.001  6.811   1.00 40.78 ? 28  DC  C O2    1 
ATOM   556  N  N3    . DC  C 1 4  ? 1.903   -2.344  8.893   1.00 31.49 ? 28  DC  C N3    1 
ATOM   557  C  C4    . DC  C 1 4  ? 2.136   -1.566  9.949   1.00 28.44 ? 28  DC  C C4    1 
ATOM   558  N  N4    . DC  C 1 4  ? 1.282   -1.653  10.975  1.00 21.40 ? 28  DC  C N4    1 
ATOM   559  C  C5    . DC  C 1 4  ? 3.248   -0.676  9.989   1.00 30.26 ? 28  DC  C C5    1 
ATOM   560  C  C6    . DC  C 1 4  ? 4.060   -0.645  8.924   1.00 31.05 ? 28  DC  C C6    1 
ATOM   561  P  P     . DT  C 1 5  ? 3.370   2.329   4.109   1.00 28.92 ? 29  DT  C P     1 
ATOM   562  O  OP1   . DT  C 1 5  ? 3.701   3.141   2.908   1.00 50.83 ? 29  DT  C OP1   1 
ATOM   563  O  OP2   . DT  C 1 5  ? 2.921   3.024   5.341   1.00 28.49 ? 29  DT  C OP2   1 
ATOM   564  O  "O5'" . DT  C 1 5  ? 2.260   1.268   3.710   1.00 28.24 ? 29  DT  C "O5'" 1 
ATOM   565  C  "C5'" . DT  C 1 5  ? 2.382   0.353   2.616   1.00 16.16 ? 29  DT  C "C5'" 1 
ATOM   566  C  "C4'" . DT  C 1 5  ? 1.117   -0.448  2.466   1.00 15.91 ? 29  DT  C "C4'" 1 
ATOM   567  O  "O4'" . DT  C 1 5  ? 1.011   -1.441  3.518   1.00 19.64 ? 29  DT  C "O4'" 1 
ATOM   568  C  "C3'" . DT  C 1 5  ? -0.188  0.320   2.609   1.00 17.81 ? 29  DT  C "C3'" 1 
ATOM   569  O  "O3'" . DT  C 1 5  ? -0.516  1.039   1.432   1.00 19.15 ? 29  DT  C "O3'" 1 
ATOM   570  C  "C2'" . DT  C 1 5  ? -1.176  -0.784  2.893   1.00 21.88 ? 29  DT  C "C2'" 1 
ATOM   571  C  "C1'" . DT  C 1 5  ? -0.353  -1.647  3.843   1.00 23.67 ? 29  DT  C "C1'" 1 
ATOM   572  N  N1    . DT  C 1 5  ? -0.588  -1.277  5.244   1.00 32.91 ? 29  DT  C N1    1 
ATOM   573  C  C2    . DT  C 1 5  ? -1.641  -1.893  5.886   1.00 32.35 ? 29  DT  C C2    1 
ATOM   574  O  O2    . DT  C 1 5  ? -2.359  -2.715  5.338   1.00 26.52 ? 29  DT  C O2    1 
ATOM   575  N  N3    . DT  C 1 5  ? -1.815  -1.512  7.191   1.00 30.81 ? 29  DT  C N3    1 
ATOM   576  C  C4    . DT  C 1 5  ? -1.063  -0.596  7.901   1.00 30.37 ? 29  DT  C C4    1 
ATOM   577  O  O4    . DT  C 1 5  ? -1.353  -0.364  9.071   1.00 44.36 ? 29  DT  C O4    1 
ATOM   578  C  C5    . DT  C 1 5  ? 0.021   0.011   7.164   1.00 29.22 ? 29  DT  C C5    1 
ATOM   579  C  C7    . DT  C 1 5  ? 0.886   1.014   7.854   1.00 15.80 ? 29  DT  C C7    1 
ATOM   580  C  C6    . DT  C 1 5  ? 0.208   -0.352  5.884   1.00 30.95 ? 29  DT  C C6    1 
ATOM   581  P  P     . DG  C 1 6  ? -1.901  1.842   1.333   1.00 23.20 ? 30  DG  C P     1 
ATOM   582  O  OP1   . DG  C 1 6  ? -1.956  2.458   -0.023  1.00 41.56 ? 30  DG  C OP1   1 
ATOM   583  O  OP2   . DG  C 1 6  ? -2.007  2.708   2.535   1.00 36.67 ? 30  DG  C OP2   1 
ATOM   584  O  "O5'" . DG  C 1 6  ? -3.020  0.726   1.426   1.00 22.72 ? 30  DG  C "O5'" 1 
ATOM   585  C  "C5'" . DG  C 1 6  ? -3.300  -0.242  0.412   1.00 20.25 ? 30  DG  C "C5'" 1 
ATOM   586  C  "C4'" . DG  C 1 6  ? -4.659  -0.860  0.680   1.00 23.56 ? 30  DG  C "C4'" 1 
ATOM   587  O  "O4'" . DG  C 1 6  ? -4.632  -1.567  1.941   1.00 21.27 ? 30  DG  C "O4'" 1 
ATOM   588  C  "C3'" . DG  C 1 6  ? -5.797  0.135   0.795   1.00 26.82 ? 30  DG  C "C3'" 1 
ATOM   589  O  "O3'" . DG  C 1 6  ? -6.456  0.333   -0.458  1.00 28.22 ? 30  DG  C "O3'" 1 
ATOM   590  C  "C2'" . DG  C 1 6  ? -6.731  -0.480  1.804   1.00 29.08 ? 30  DG  C "C2'" 1 
ATOM   591  C  "C1'" . DG  C 1 6  ? -5.796  -1.256  2.710   1.00 24.51 ? 30  DG  C "C1'" 1 
ATOM   592  N  N9    . DG  C 1 6  ? -5.351  -0.522  3.916   1.00 19.46 ? 30  DG  C N9    1 
ATOM   593  C  C8    . DG  C 1 6  ? -4.401  0.453   4.088   1.00 19.18 ? 30  DG  C C8    1 
ATOM   594  N  N7    . DG  C 1 6  ? -4.284  0.872   5.323   1.00 20.20 ? 30  DG  C N7    1 
ATOM   595  C  C5    . DG  C 1 6  ? -5.227  0.117   6.014   1.00 20.05 ? 30  DG  C C5    1 
ATOM   596  C  C6    . DG  C 1 6  ? -5.590  0.101   7.387   1.00 23.86 ? 30  DG  C C6    1 
ATOM   597  O  O6    . DG  C 1 6  ? -5.113  0.793   8.291   1.00 30.46 ? 30  DG  C O6    1 
ATOM   598  N  N1    . DG  C 1 6  ? -6.598  -0.820  7.656   1.00 24.30 ? 30  DG  C N1    1 
ATOM   599  C  C2    . DG  C 1 6  ? -7.194  -1.633  6.725   1.00 25.21 ? 30  DG  C C2    1 
ATOM   600  N  N2    . DG  C 1 6  ? -8.157  -2.474  7.141   1.00 13.88 ? 30  DG  C N2    1 
ATOM   601  N  N3    . DG  C 1 6  ? -6.864  -1.628  5.441   1.00 25.87 ? 30  DG  C N3    1 
ATOM   602  C  C4    . DG  C 1 6  ? -5.888  -0.739  5.168   1.00 18.39 ? 30  DG  C C4    1 
ATOM   603  P  P     . DG  C 1 7  ? -7.201  1.744   -0.683  1.00 29.30 ? 31  DG  C P     1 
ATOM   604  O  OP1   . DG  C 1 7  ? -7.832  1.720   -2.021  1.00 37.46 ? 31  DG  C OP1   1 
ATOM   605  O  OP2   . DG  C 1 7  ? -6.244  2.821   -0.330  1.00 34.72 ? 31  DG  C OP2   1 
ATOM   606  O  "O5'" . DG  C 1 7  ? -8.356  1.723   0.421   1.00 31.42 ? 31  DG  C "O5'" 1 
ATOM   607  C  "C5'" . DG  C 1 7  ? -8.555  2.842   1.291   1.00 29.60 ? 31  DG  C "C5'" 1 
ATOM   608  C  "C4'" . DG  C 1 7  ? -9.534  2.501   2.388   1.00 26.24 ? 31  DG  C "C4'" 1 
ATOM   609  O  "O4'" . DG  C 1 7  ? -8.882  1.692   3.395   1.00 21.49 ? 31  DG  C "O4'" 1 
ATOM   610  C  "C3'" . DG  C 1 7  ? -10.101 3.704   3.131   1.00 22.34 ? 31  DG  C "C3'" 1 
ATOM   611  O  "O3'" . DG  C 1 7  ? -11.324 4.129   2.541   1.00 25.58 ? 31  DG  C "O3'" 1 
ATOM   612  C  "C2'" . DG  C 1 7  ? -10.304 3.215   4.534   1.00 21.78 ? 31  DG  C "C2'" 1 
ATOM   613  C  "C1'" . DG  C 1 7  ? -9.280  2.099   4.690   1.00 22.67 ? 31  DG  C "C1'" 1 
ATOM   614  N  N9    . DG  C 1 7  ? -8.084  2.540   5.435   1.00 29.18 ? 31  DG  C N9    1 
ATOM   615  C  C8    . DG  C 1 7  ? -6.807  2.826   5.028   1.00 28.90 ? 31  DG  C C8    1 
ATOM   616  N  N7    . DG  C 1 7  ? -6.009  3.193   6.002   1.00 30.31 ? 31  DG  C N7    1 
ATOM   617  C  C5    . DG  C 1 7  ? -6.822  3.146   7.129   1.00 32.61 ? 31  DG  C C5    1 
ATOM   618  C  C6    . DG  C 1 7  ? -6.570  3.426   8.497   1.00 33.74 ? 31  DG  C C6    1 
ATOM   619  O  O6    . DG  C 1 7  ? -5.511  3.795   9.016   1.00 42.98 ? 31  DG  C O6    1 
ATOM   620  N  N1    . DG  C 1 7  ? -7.699  3.242   9.293   1.00 29.77 ? 31  DG  C N1    1 
ATOM   621  C  C2    . DG  C 1 7  ? -8.930  2.837   8.848   1.00 30.55 ? 31  DG  C C2    1 
ATOM   622  N  N2    . DG  C 1 7  ? -9.923  2.703   9.737   1.00 17.59 ? 31  DG  C N2    1 
ATOM   623  N  N3    . DG  C 1 7  ? -9.182  2.571   7.576   1.00 35.58 ? 31  DG  C N3    1 
ATOM   624  C  C4    . DG  C 1 7  ? -8.095  2.748   6.801   1.00 33.04 ? 31  DG  C C4    1 
ATOM   625  P  P     . DT  C 1 8  ? -11.800 5.654   2.450   1.00 36.21 ? 32  DT  C P     1 
ATOM   626  O  OP1   . DT  C 1 8  ? -12.516 5.836   1.153   1.00 53.55 ? 32  DT  C OP1   1 
ATOM   627  O  OP2   . DT  C 1 8  ? -10.660 6.547   2.748   1.00 24.89 ? 32  DT  C OP2   1 
ATOM   628  O  "O5'" . DT  C 1 8  ? -12.882 5.752   3.614   1.00 30.75 ? 32  DT  C "O5'" 1 
ATOM   629  C  "C5'" . DT  C 1 8  ? -12.651 6.535   4.781   1.00 32.52 ? 32  DT  C "C5'" 1 
ATOM   630  C  "C4'" . DT  C 1 8  ? -13.451 6.028   5.953   1.00 35.23 ? 32  DT  C "C4'" 1 
ATOM   631  O  "O4'" . DT  C 1 8  ? -12.827 4.918   6.626   1.00 30.22 ? 32  DT  C "O4'" 1 
ATOM   632  C  "C3'" . DT  C 1 8  ? -13.623 7.113   7.016   1.00 35.59 ? 32  DT  C "C3'" 1 
ATOM   633  O  "O3'" . DT  C 1 8  ? -14.885 7.758   6.836   1.00 36.00 ? 32  DT  C "O3'" 1 
ATOM   634  C  "C2'" . DT  C 1 8  ? -13.504 6.383   8.324   1.00 37.74 ? 32  DT  C "C2'" 1 
ATOM   635  C  "C1'" . DT  C 1 8  ? -12.544 5.254   7.979   1.00 31.17 ? 32  DT  C "C1'" 1 
ATOM   636  N  N1    . DT  C 1 8  ? -11.127 5.618   8.086   1.00 31.67 ? 32  DT  C N1    1 
ATOM   637  C  C2    . DT  C 1 8  ? -10.598 5.806   9.344   1.00 32.27 ? 32  DT  C C2    1 
ATOM   638  O  O2    . DT  C 1 8  ? -11.264 5.679   10.351  1.00 40.55 ? 32  DT  C O2    1 
ATOM   639  N  N3    . DT  C 1 8  ? -9.266  6.143   9.364   1.00 35.48 ? 32  DT  C N3    1 
ATOM   640  C  C4    . DT  C 1 8  ? -8.421  6.311   8.283   1.00 31.10 ? 32  DT  C C4    1 
ATOM   641  O  O4    . DT  C 1 8  ? -7.246  6.614   8.438   1.00 24.49 ? 32  DT  C O4    1 
ATOM   642  C  C5    . DT  C 1 8  ? -9.035  6.100   6.993   1.00 37.65 ? 32  DT  C C5    1 
ATOM   643  C  C7    . DT  C 1 8  ? -8.215  6.255   5.750   1.00 40.24 ? 32  DT  C C7    1 
ATOM   644  C  C6    . DT  C 1 8  ? -10.328 5.772   6.980   1.00 35.78 ? 32  DT  C C6    1 
ATOM   645  P  P     . DC  C 1 9  ? -14.900 9.362   6.703   1.00 37.39 ? 33  DC  C P     1 
ATOM   646  O  OP1   . DC  C 1 9  ? -16.264 9.766   6.285   1.00 35.08 ? 33  DC  C OP1   1 
ATOM   647  O  OP2   . DC  C 1 9  ? -13.718 9.774   5.914   1.00 35.81 ? 33  DC  C OP2   1 
ATOM   648  O  "O5'" . DC  C 1 9  ? -14.676 9.831   8.212   1.00 37.55 ? 33  DC  C "O5'" 1 
ATOM   649  C  "C5'" . DC  C 1 9  ? -15.333 9.155   9.295   1.00 33.50 ? 33  DC  C "C5'" 1 
ATOM   650  C  "C4'" . DC  C 1 9  ? -14.628 9.503   10.584  1.00 35.54 ? 33  DC  C "C4'" 1 
ATOM   651  O  "O4'" . DC  C 1 9  ? -13.379 8.782   10.651  1.00 27.83 ? 33  DC  C "O4'" 1 
ATOM   652  C  "C3'" . DC  C 1 9  ? -14.271 10.973  10.730  1.00 39.19 ? 33  DC  C "C3'" 1 
ATOM   653  O  "O3'" . DC  C 1 9  ? -15.290 11.692  11.422  1.00 39.53 ? 33  DC  C "O3'" 1 
ATOM   654  C  "C2'" . DC  C 1 9  ? -12.990 10.964  11.514  1.00 42.08 ? 33  DC  C "C2'" 1 
ATOM   655  C  "C1'" . DC  C 1 9  ? -12.411 9.575   11.327  1.00 39.01 ? 33  DC  C "C1'" 1 
ATOM   656  N  N1    . DC  C 1 9  ? -11.177 9.586   10.520  1.00 37.93 ? 33  DC  C N1    1 
ATOM   657  C  C2    . DC  C 1 9  ? -9.966  9.738   11.204  1.00 34.97 ? 33  DC  C C2    1 
ATOM   658  O  O2    . DC  C 1 9  ? -9.990  9.854   12.435  1.00 38.57 ? 33  DC  C O2    1 
ATOM   659  N  N3    . DC  C 1 9  ? -8.811  9.753   10.505  1.00 34.49 ? 33  DC  C N3    1 
ATOM   660  C  C4    . DC  C 1 9  ? -8.839  9.623   9.175   1.00 38.12 ? 33  DC  C C4    1 
ATOM   661  N  N4    . DC  C 1 9  ? -7.671  9.644   8.527   1.00 32.43 ? 33  DC  C N4    1 
ATOM   662  C  C5    . DC  C 1 9  ? -10.062 9.467   8.457   1.00 37.16 ? 33  DC  C C5    1 
ATOM   663  C  C6    . DC  C 1 9  ? -11.203 9.453   9.162   1.00 35.34 ? 33  DC  C C6    1 
ATOM   664  P  P     . DT  C 1 10 ? -15.311 13.293  11.521  1.00 42.54 ? 34  DT  C P     1 
ATOM   665  O  OP1   . DT  C 1 10 ? -16.677 13.686  11.970  1.00 60.00 ? 34  DT  C OP1   1 
ATOM   666  O  OP2   . DT  C 1 10 ? -14.772 13.859  10.262  1.00 33.96 ? 34  DT  C OP2   1 
ATOM   667  O  "O5'" . DT  C 1 10 ? -14.292 13.642  12.692  1.00 32.89 ? 34  DT  C "O5'" 1 
ATOM   668  C  "C5'" . DT  C 1 10 ? -14.239 12.872  13.897  1.00 33.73 ? 34  DT  C "C5'" 1 
ATOM   669  C  "C4'" . DT  C 1 10 ? -13.060 13.320  14.737  1.00 41.86 ? 34  DT  C "C4'" 1 
ATOM   670  O  "O4'" . DT  C 1 10 ? -11.834 12.833  14.150  1.00 43.98 ? 34  DT  C "O4'" 1 
ATOM   671  C  "C3'" . DT  C 1 10 ? -12.917 14.833  14.861  1.00 45.21 ? 34  DT  C "C3'" 1 
ATOM   672  O  "O3'" . DT  C 1 10 ? -12.981 15.206  16.240  1.00 53.00 ? 34  DT  C "O3'" 1 
ATOM   673  C  "C2'" . DT  C 1 10 ? -11.591 15.180  14.248  1.00 44.71 ? 34  DT  C "C2'" 1 
ATOM   674  C  "C1'" . DT  C 1 10 ? -10.862 13.863  14.097  1.00 44.56 ? 34  DT  C "C1'" 1 
ATOM   675  N  N1    . DT  C 1 10 ? -10.167 13.705  12.811  1.00 41.32 ? 34  DT  C N1    1 
ATOM   676  C  C2    . DT  C 1 10 ? -8.795  13.762  12.798  1.00 35.11 ? 34  DT  C C2    1 
ATOM   677  O  O2    . DT  C 1 10 ? -8.142  13.939  13.811  1.00 35.24 ? 34  DT  C O2    1 
ATOM   678  N  N3    . DT  C 1 10 ? -8.230  13.603  11.556  1.00 31.23 ? 34  DT  C N3    1 
ATOM   679  C  C4    . DT  C 1 10 ? -8.897  13.399  10.362  1.00 31.03 ? 34  DT  C C4    1 
ATOM   680  O  O4    . DT  C 1 10 ? -8.271  13.272  9.315   1.00 29.22 ? 34  DT  C O4    1 
ATOM   681  C  C5    . DT  C 1 10 ? -10.337 13.350  10.452  1.00 35.00 ? 34  DT  C C5    1 
ATOM   682  C  C7    . DT  C 1 10 ? -11.140 13.132  9.206   1.00 31.28 ? 34  DT  C C7    1 
ATOM   683  C  C6    . DT  C 1 10 ? -10.893 13.504  11.658  1.00 38.03 ? 34  DT  C C6    1 
ATOM   684  P  P     . DC  C 1 11 ? -12.609 16.680  16.747  1.00 55.88 ? 35  DC  C P     1 
ATOM   685  O  OP1   . DC  C 1 11 ? -12.895 16.747  18.203  1.00 59.64 ? 35  DC  C OP1   1 
ATOM   686  O  OP2   . DC  C 1 11 ? -13.252 17.665  15.840  1.00 46.87 ? 35  DC  C OP2   1 
ATOM   687  O  "O5'" . DC  C 1 11 ? -11.031 16.752  16.542  1.00 52.83 ? 35  DC  C "O5'" 1 
ATOM   688  C  "C5'" . DC  C 1 11 ? -10.118 16.594  17.635  1.00 44.07 ? 35  DC  C "C5'" 1 
ATOM   689  C  "C4'" . DC  C 1 11 ? -8.746  17.077  17.221  1.00 38.43 ? 35  DC  C "C4'" 1 
ATOM   690  O  "O4'" . DC  C 1 11 ? -8.474  16.601  15.885  1.00 41.95 ? 35  DC  C "O4'" 1 
ATOM   691  C  "C3'" . DC  C 1 11 ? -8.570  18.585  17.159  1.00 42.55 ? 35  DC  C "C3'" 1 
ATOM   692  O  "O3'" . DC  C 1 11 ? -7.633  19.012  18.152  1.00 55.82 ? 35  DC  C "O3'" 1 
ATOM   693  C  "C2'" . DC  C 1 11 ? -8.062  18.901  15.778  1.00 38.56 ? 35  DC  C "C2'" 1 
ATOM   694  C  "C1'" . DC  C 1 11 ? -7.646  17.555  15.230  1.00 44.11 ? 35  DC  C "C1'" 1 
ATOM   695  N  N1    . DC  C 1 11 ? -7.858  17.368  13.790  1.00 49.32 ? 35  DC  C N1    1 
ATOM   696  C  C2    . DC  C 1 11 ? -6.744  17.100  12.990  1.00 46.87 ? 35  DC  C C2    1 
ATOM   697  O  O2    . DC  C 1 11 ? -5.631  17.034  13.533  1.00 46.54 ? 35  DC  C O2    1 
ATOM   698  N  N3    . DC  C 1 11 ? -6.915  16.922  11.661  1.00 44.01 ? 35  DC  C N3    1 
ATOM   699  C  C4    . DC  C 1 11 ? -8.142  17.006  11.139  1.00 45.19 ? 35  DC  C C4    1 
ATOM   700  N  N4    . DC  C 1 11 ? -8.272  16.826  9.823   1.00 45.08 ? 35  DC  C N4    1 
ATOM   701  C  C5    . DC  C 1 11 ? -9.293  17.278  11.935  1.00 47.95 ? 35  DC  C C5    1 
ATOM   702  C  C6    . DC  C 1 11 ? -9.112  17.452  13.251  1.00 49.09 ? 35  DC  C C6    1 
ATOM   703  P  P     . DC  C 1 12 ? -7.270  20.568  18.314  1.00 57.18 ? 36  DC  C P     1 
ATOM   704  O  OP1   . DC  C 1 12 ? -6.678  20.747  19.663  1.00 69.31 ? 36  DC  C OP1   1 
ATOM   705  O  OP2   . DC  C 1 12 ? -8.453  21.369  17.915  1.00 48.19 ? 36  DC  C OP2   1 
ATOM   706  O  "O5'" . DC  C 1 12 ? -6.126  20.791  17.227  1.00 55.59 ? 36  DC  C "O5'" 1 
ATOM   707  C  "C5'" . DC  C 1 12 ? -4.960  19.957  17.197  1.00 53.02 ? 36  DC  C "C5'" 1 
ATOM   708  C  "C4'" . DC  C 1 12 ? -4.099  20.316  16.012  1.00 52.27 ? 36  DC  C "C4'" 1 
ATOM   709  O  "O4'" . DC  C 1 12 ? -4.596  19.651  14.829  1.00 51.17 ? 36  DC  C "O4'" 1 
ATOM   710  C  "C3'" . DC  C 1 12 ? -4.084  21.792  15.646  1.00 53.69 ? 36  DC  C "C3'" 1 
ATOM   711  O  "O3'" . DC  C 1 12 ? -3.026  22.476  16.321  1.00 40.73 ? 36  DC  C "O3'" 1 
ATOM   712  C  "C2'" . DC  C 1 12 ? -3.889  21.812  14.155  1.00 53.13 ? 36  DC  C "C2'" 1 
ATOM   713  C  "C1'" . DC  C 1 12 ? -4.228  20.412  13.685  1.00 47.22 ? 36  DC  C "C1'" 1 
ATOM   714  N  N1    . DC  C 1 12 ? -5.362  20.371  12.749  1.00 37.77 ? 36  DC  C N1    1 
ATOM   715  C  C2    . DC  C 1 12 ? -5.096  20.118  11.401  1.00 35.86 ? 36  DC  C C2    1 
ATOM   716  O  O2    . DC  C 1 12 ? -3.924  19.937  11.043  1.00 42.43 ? 36  DC  C O2    1 
ATOM   717  N  N3    . DC  C 1 12 ? -6.120  20.075  10.518  1.00 31.96 ? 36  DC  C N3    1 
ATOM   718  C  C4    . DC  C 1 12 ? -7.367  20.275  10.954  1.00 33.10 ? 36  DC  C C4    1 
ATOM   719  N  N4    . DC  C 1 12 ? -8.351  20.226  10.053  1.00 37.79 ? 36  DC  C N4    1 
ATOM   720  C  C5    . DC  C 1 12 ? -7.665  20.537  12.323  1.00 32.65 ? 36  DC  C C5    1 
ATOM   721  C  C6    . DC  C 1 12 ? -6.639  20.576  13.183  1.00 35.24 ? 36  DC  C C6    1 
ATOM   722  O  "O5'" . DG  D 2 1  ? -2.714  20.526  1.492   1.00 56.05 ? 37  DG  D "O5'" 1 
ATOM   723  C  "C5'" . DG  D 2 1  ? -2.281  19.210  1.123   1.00 61.58 ? 37  DG  D "C5'" 1 
ATOM   724  C  "C4'" . DG  D 2 1  ? -1.207  18.732  2.068   1.00 61.64 ? 37  DG  D "C4'" 1 
ATOM   725  O  "O4'" . DG  D 2 1  ? -1.596  19.008  3.435   1.00 60.08 ? 37  DG  D "O4'" 1 
ATOM   726  C  "C3'" . DG  D 2 1  ? -0.925  17.235  2.040   1.00 58.62 ? 37  DG  D "C3'" 1 
ATOM   727  O  "O3'" . DG  D 2 1  ? 0.450   16.991  2.323   1.00 63.28 ? 37  DG  D "O3'" 1 
ATOM   728  C  "C2'" . DG  D 2 1  ? -1.851  16.685  3.088   1.00 53.66 ? 37  DG  D "C2'" 1 
ATOM   729  C  "C1'" . DG  D 2 1  ? -1.935  17.803  4.112   1.00 53.59 ? 37  DG  D "C1'" 1 
ATOM   730  N  N9    . DG  D 2 1  ? -3.272  17.998  4.700   1.00 45.19 ? 37  DG  D N9    1 
ATOM   731  C  C8    . DG  D 2 1  ? -4.494  17.757  4.120   1.00 42.06 ? 37  DG  D C8    1 
ATOM   732  N  N7    . DG  D 2 1  ? -5.503  18.031  4.903   1.00 41.06 ? 37  DG  D N7    1 
ATOM   733  C  C5    . DG  D 2 1  ? -4.915  18.482  6.078   1.00 41.46 ? 37  DG  D C5    1 
ATOM   734  C  C6    . DG  D 2 1  ? -5.512  18.923  7.289   1.00 40.27 ? 37  DG  D C6    1 
ATOM   735  O  O6    . DG  D 2 1  ? -6.717  19.007  7.573   1.00 44.99 ? 37  DG  D O6    1 
ATOM   736  N  N1    . DG  D 2 1  ? -4.554  19.294  8.228   1.00 35.43 ? 37  DG  D N1    1 
ATOM   737  C  C2    . DG  D 2 1  ? -3.200  19.240  8.016   1.00 38.00 ? 37  DG  D C2    1 
ATOM   738  N  N2    . DG  D 2 1  ? -2.428  19.636  9.038   1.00 55.31 ? 37  DG  D N2    1 
ATOM   739  N  N3    . DG  D 2 1  ? -2.632  18.830  6.894   1.00 39.51 ? 37  DG  D N3    1 
ATOM   740  C  C4    . DG  D 2 1  ? -3.540  18.466  5.967   1.00 41.18 ? 37  DG  D C4    1 
ATOM   741  P  P     . DG  D 2 2  ? 1.100   15.529  2.378   1.00 60.80 ? 38  DG  D P     1 
ATOM   742  O  OP1   . DG  D 2 2  ? 2.417   15.592  1.686   1.00 66.54 ? 38  DG  D OP1   1 
ATOM   743  O  OP2   . DG  D 2 2  ? 0.083   14.549  1.932   1.00 56.79 ? 38  DG  D OP2   1 
ATOM   744  O  "O5'" . DG  D 2 2  ? 1.383   15.305  3.935   1.00 51.17 ? 38  DG  D "O5'" 1 
ATOM   745  C  "C5'" . DG  D 2 2  ? 2.014   16.334  4.703   1.00 46.32 ? 38  DG  D "C5'" 1 
ATOM   746  C  "C4'" . DG  D 2 2  ? 1.722   16.170  6.174   1.00 48.79 ? 38  DG  D "C4'" 1 
ATOM   747  O  "O4'" . DG  D 2 2  ? 0.335   16.513  6.440   1.00 50.95 ? 38  DG  D "O4'" 1 
ATOM   748  C  "C3'" . DG  D 2 2  ? 1.906   14.762  6.714   1.00 48.95 ? 38  DG  D "C3'" 1 
ATOM   749  O  "O3'" . DG  D 2 2  ? 2.803   14.760  7.825   1.00 53.47 ? 38  DG  D "O3'" 1 
ATOM   750  C  "C2'" . DG  D 2 2  ? 0.541   14.300  7.145   1.00 48.12 ? 38  DG  D "C2'" 1 
ATOM   751  C  "C1'" . DG  D 2 2  ? -0.169  15.617  7.419   1.00 47.98 ? 38  DG  D "C1'" 1 
ATOM   752  N  N9    . DG  D 2 2  ? -1.629  15.547  7.295   1.00 42.01 ? 38  DG  D N9    1 
ATOM   753  C  C8    . DG  D 2 2  ? -2.363  15.206  6.182   1.00 44.79 ? 38  DG  D C8    1 
ATOM   754  N  N7    . DG  D 2 2  ? -3.652  15.234  6.385   1.00 47.05 ? 38  DG  D N7    1 
ATOM   755  C  C5    . DG  D 2 2  ? -3.775  15.618  7.713   1.00 43.32 ? 38  DG  D C5    1 
ATOM   756  C  C6    . DG  D 2 2  ? -4.939  15.820  8.500   1.00 38.92 ? 38  DG  D C6    1 
ATOM   757  O  O6    . DG  D 2 2  ? -6.113  15.688  8.137   1.00 26.89 ? 38  DG  D O6    1 
ATOM   758  N  N1    . DG  D 2 2  ? -4.625  16.206  9.800   1.00 38.87 ? 38  DG  D N1    1 
ATOM   759  C  C2    . DG  D 2 2  ? -3.348  16.374  10.278  1.00 40.69 ? 38  DG  D C2    1 
ATOM   760  N  N2    . DG  D 2 2  ? -3.217  16.750  11.560  1.00 29.27 ? 38  DG  D N2    1 
ATOM   761  N  N3    . DG  D 2 2  ? -2.257  16.189  9.553   1.00 44.06 ? 38  DG  D N3    1 
ATOM   762  C  C4    . DG  D 2 2  ? -2.540  15.814  8.288   1.00 42.35 ? 38  DG  D C4    1 
ATOM   763  P  P     . DA  D 2 3  ? 3.063   13.385  8.616   1.00 61.89 ? 39  DA  D P     1 
ATOM   764  O  OP1   . DA  D 2 3  ? 4.489   13.367  9.032   1.00 65.88 ? 39  DA  D OP1   1 
ATOM   765  O  OP2   . DA  D 2 3  ? 2.512   12.279  7.793   1.00 65.42 ? 39  DA  D OP2   1 
ATOM   766  O  "O5'" . DA  D 2 3  ? 2.171   13.521  9.929   1.00 62.21 ? 39  DA  D "O5'" 1 
ATOM   767  C  "C5'" . DA  D 2 3  ? 2.674   14.146  11.115  1.00 55.58 ? 39  DA  D "C5'" 1 
ATOM   768  C  "C4'" . DA  D 2 3  ? 1.730   13.902  12.270  1.00 50.79 ? 39  DA  D "C4'" 1 
ATOM   769  O  "O4'" . DA  D 2 3  ? 0.361   14.123  11.852  1.00 50.91 ? 39  DA  D "O4'" 1 
ATOM   770  C  "C3'" . DA  D 2 3  ? 1.779   12.486  12.826  1.00 48.42 ? 39  DA  D "C3'" 1 
ATOM   771  O  "O3'" . DA  D 2 3  ? 1.790   12.512  14.251  1.00 56.49 ? 39  DA  D "O3'" 1 
ATOM   772  C  "C2'" . DA  D 2 3  ? 0.542   11.821  12.285  1.00 45.76 ? 39  DA  D "C2'" 1 
ATOM   773  C  "C1'" . DA  D 2 3  ? -0.434  12.980  12.160  1.00 46.41 ? 39  DA  D "C1'" 1 
ATOM   774  N  N9    . DA  D 2 3  ? -1.437  12.831  11.097  1.00 35.42 ? 39  DA  D N9    1 
ATOM   775  C  C8    . DA  D 2 3  ? -1.224  12.532  9.775   1.00 26.16 ? 39  DA  D C8    1 
ATOM   776  N  N7    . DA  D 2 3  ? -2.324  12.467  9.065   1.00 27.50 ? 39  DA  D N7    1 
ATOM   777  C  C5    . DA  D 2 3  ? -3.328  12.742  9.981   1.00 30.33 ? 39  DA  D C5    1 
ATOM   778  C  C6    . DA  D 2 3  ? -4.724  12.824  9.852   1.00 36.05 ? 39  DA  D C6    1 
ATOM   779  N  N6    . DA  D 2 3  ? -5.365  12.627  8.699   1.00 51.18 ? 39  DA  D N6    1 
ATOM   780  N  N1    . DA  D 2 3  ? -5.450  13.117  10.953  1.00 36.59 ? 39  DA  D N1    1 
ATOM   781  C  C2    . DA  D 2 3  ? -4.791  13.310  12.102  1.00 37.82 ? 39  DA  D C2    1 
ATOM   782  N  N3    . DA  D 2 3  ? -3.485  13.261  12.352  1.00 36.81 ? 39  DA  D N3    1 
ATOM   783  C  C4    . DA  D 2 3  ? -2.797  12.968  11.236  1.00 34.15 ? 39  DA  D C4    1 
ATOM   784  P  P     . DG  D 2 4  ? 2.451   11.327  15.107  1.00 62.63 ? 40  DG  D P     1 
ATOM   785  O  OP1   . DG  D 2 4  ? 3.523   11.920  15.948  1.00 74.29 ? 40  DG  D OP1   1 
ATOM   786  O  OP2   . DG  D 2 4  ? 2.762   10.202  14.192  1.00 60.78 ? 40  DG  D OP2   1 
ATOM   787  O  "O5'" . DG  D 2 4  ? 1.267   10.868  16.073  1.00 67.07 ? 40  DG  D "O5'" 1 
ATOM   788  C  "C5'" . DG  D 2 4  ? 0.170   11.753  16.339  1.00 69.17 ? 40  DG  D "C5'" 1 
ATOM   789  C  "C4'" . DG  D 2 4  ? -1.116  10.968  16.429  1.00 68.96 ? 40  DG  D "C4'" 1 
ATOM   790  O  "O4'" . DG  D 2 4  ? -1.851  11.088  15.184  1.00 67.39 ? 40  DG  D "O4'" 1 
ATOM   791  C  "C3'" . DG  D 2 4  ? -0.935  9.476   16.666  1.00 65.80 ? 40  DG  D "C3'" 1 
ATOM   792  O  "O3'" . DG  D 2 4  ? -1.431  9.114   17.958  1.00 66.99 ? 40  DG  D "O3'" 1 
ATOM   793  C  "C2'" . DG  D 2 4  ? -1.699  8.795   15.562  1.00 59.50 ? 40  DG  D "C2'" 1 
ATOM   794  C  "C1'" . DG  D 2 4  ? -2.601  9.890   15.021  1.00 57.48 ? 40  DG  D "C1'" 1 
ATOM   795  N  N9    . DG  D 2 4  ? -2.956  9.756   13.603  1.00 43.46 ? 40  DG  D N9    1 
ATOM   796  C  C8    . DG  D 2 4  ? -2.124  9.491   12.540  1.00 38.60 ? 40  DG  D C8    1 
ATOM   797  N  N7    . DG  D 2 4  ? -2.753  9.433   11.398  1.00 39.27 ? 40  DG  D N7    1 
ATOM   798  C  C5    . DG  D 2 4  ? -4.082  9.675   11.722  1.00 38.61 ? 40  DG  D C5    1 
ATOM   799  C  C6    . DG  D 2 4  ? -5.233  9.737   10.895  1.00 34.41 ? 40  DG  D C6    1 
ATOM   800  O  O6    . DG  D 2 4  ? -5.329  9.590   9.672   1.00 30.30 ? 40  DG  D O6    1 
ATOM   801  N  N1    . DG  D 2 4  ? -6.378  10.007  11.635  1.00 33.31 ? 40  DG  D N1    1 
ATOM   802  C  C2    . DG  D 2 4  ? -6.415  10.191  12.996  1.00 38.07 ? 40  DG  D C2    1 
ATOM   803  N  N2    . DG  D 2 4  ? -7.633  10.440  13.505  1.00 30.92 ? 40  DG  D N2    1 
ATOM   804  N  N3    . DG  D 2 4  ? -5.350  10.136  13.779  1.00 34.00 ? 40  DG  D N3    1 
ATOM   805  C  C4    . DG  D 2 4  ? -4.225  9.876   13.081  1.00 37.31 ? 40  DG  D C4    1 
ATOM   806  P  P     . DA  D 2 5  ? -1.495  7.569   18.388  1.00 71.96 ? 41  DA  D P     1 
ATOM   807  O  OP1   . DA  D 2 5  ? -1.213  7.495   19.843  1.00 86.76 ? 41  DA  D OP1   1 
ATOM   808  O  OP2   . DA  D 2 5  ? -0.672  6.786   17.432  1.00 67.98 ? 41  DA  D OP2   1 
ATOM   809  O  "O5'" . DA  D 2 5  ? -3.024  7.166   18.162  1.00 67.53 ? 41  DA  D "O5'" 1 
ATOM   810  C  "C5'" . DA  D 2 5  ? -4.016  7.505   19.136  1.00 57.81 ? 41  DA  D "C5'" 1 
ATOM   811  C  "C4'" . DA  D 2 5  ? -5.396  7.164   18.644  1.00 51.87 ? 41  DA  D "C4'" 1 
ATOM   812  O  "O4'" . DA  D 2 5  ? -5.670  7.824   17.379  1.00 43.36 ? 41  DA  D "O4'" 1 
ATOM   813  C  "C3'" . DA  D 2 5  ? -5.653  5.701   18.320  1.00 47.01 ? 41  DA  D "C3'" 1 
ATOM   814  O  "O3'" . DA  D 2 5  ? -5.875  4.928   19.499  1.00 45.40 ? 41  DA  D "O3'" 1 
ATOM   815  C  "C2'" . DA  D 2 5  ? -6.873  5.777   17.441  1.00 40.86 ? 41  DA  D "C2'" 1 
ATOM   816  C  "C1'" . DA  D 2 5  ? -6.640  7.061   16.667  1.00 42.88 ? 41  DA  D "C1'" 1 
ATOM   817  N  N9    . DA  D 2 5  ? -6.094  6.871   15.315  1.00 43.29 ? 41  DA  D N9    1 
ATOM   818  C  C8    . DA  D 2 5  ? -4.794  6.605   14.970  1.00 37.52 ? 41  DA  D C8    1 
ATOM   819  N  N7    . DA  D 2 5  ? -4.613  6.486   13.678  1.00 34.50 ? 41  DA  D N7    1 
ATOM   820  C  C5    . DA  D 2 5  ? -5.877  6.690   13.140  1.00 30.69 ? 41  DA  D C5    1 
ATOM   821  C  C6    . DA  D 2 5  ? -6.348  6.691   11.815  1.00 30.41 ? 41  DA  D C6    1 
ATOM   822  N  N6    . DA  D 2 5  ? -5.576  6.476   10.744  1.00 22.62 ? 41  DA  D N6    1 
ATOM   823  N  N1    . DA  D 2 5  ? -7.666  6.926   11.625  1.00 33.07 ? 41  DA  D N1    1 
ATOM   824  C  C2    . DA  D 2 5  ? -8.439  7.141   12.697  1.00 33.83 ? 41  DA  D C2    1 
ATOM   825  N  N3    . DA  D 2 5  ? -8.118  7.163   13.987  1.00 29.46 ? 41  DA  D N3    1 
ATOM   826  C  C4    . DA  D 2 5  ? -6.801  6.927   14.138  1.00 34.80 ? 41  DA  D C4    1 
ATOM   827  P  P     . DC  D 2 6  ? -6.282  3.380   19.319  1.00 37.02 ? 42  DC  D P     1 
ATOM   828  O  OP1   . DC  D 2 6  ? -6.315  2.757   20.662  1.00 54.42 ? 42  DC  D OP1   1 
ATOM   829  O  OP2   . DC  D 2 6  ? -5.439  2.815   18.239  1.00 46.78 ? 42  DC  D OP2   1 
ATOM   830  O  "O5'" . DC  D 2 6  ? -7.774  3.492   18.780  1.00 32.93 ? 42  DC  D "O5'" 1 
ATOM   831  C  "C5'" . DC  D 2 6  ? -8.473  2.339   18.310  1.00 29.75 ? 42  DC  D "C5'" 1 
ATOM   832  C  "C4'" . DC  D 2 6  ? -9.571  2.759   17.367  1.00 33.73 ? 42  DC  D "C4'" 1 
ATOM   833  O  "O4'" . DC  D 2 6  ? -9.201  3.894   16.555  1.00 30.63 ? 42  DC  D "O4'" 1 
ATOM   834  C  "C3'" . DC  D 2 6  ? -9.929  1.649   16.385  1.00 31.05 ? 42  DC  D "C3'" 1 
ATOM   835  O  "O3'" . DC  D 2 6  ? -10.915 0.805   16.983  1.00 36.97 ? 42  DC  D "O3'" 1 
ATOM   836  C  "C2'" . DC  D 2 6  ? -10.406 2.382   15.167  1.00 26.33 ? 42  DC  D "C2'" 1 
ATOM   837  C  "C1'" . DC  D 2 6  ? -9.577  3.660   15.203  1.00 26.62 ? 42  DC  D "C1'" 1 
ATOM   838  N  N1    . DC  D 2 6  ? -8.344  3.579   14.408  1.00 24.88 ? 42  DC  D N1    1 
ATOM   839  C  C2    . DC  D 2 6  ? -8.471  3.497   13.019  1.00 18.12 ? 42  DC  D C2    1 
ATOM   840  O  O2    . DC  D 2 6  ? -9.611  3.499   12.543  1.00 23.26 ? 42  DC  D O2    1 
ATOM   841  N  N3    . DC  D 2 6  ? -7.358  3.422   12.261  1.00 17.57 ? 42  DC  D N3    1 
ATOM   842  C  C4    . DC  D 2 6  ? -6.154  3.424   12.836  1.00 20.08 ? 42  DC  D C4    1 
ATOM   843  N  N4    . DC  D 2 6  ? -5.078  3.349   12.049  1.00 16.56 ? 42  DC  D N4    1 
ATOM   844  C  C5    . DC  D 2 6  ? -5.995  3.508   14.251  1.00 22.84 ? 42  DC  D C5    1 
ATOM   845  C  C6    . DC  D 2 6  ? -7.110  3.582   14.990  1.00 24.33 ? 42  DC  D C6    1 
ATOM   846  P  P     . DC  D 2 7  ? -10.537 -0.751  17.164  1.00 42.00 ? 43  DC  D P     1 
ATOM   847  O  OP1   . DC  D 2 7  ? -11.501 -1.339  18.125  1.00 52.16 ? 43  DC  D OP1   1 
ATOM   848  O  OP2   . DC  D 2 7  ? -9.079  -0.836  17.372  1.00 34.93 ? 43  DC  D OP2   1 
ATOM   849  O  "O5'" . DC  D 2 7  ? -10.884 -1.332  15.709  1.00 44.09 ? 43  DC  D "O5'" 1 
ATOM   850  C  "C5'" . DC  D 2 7  ? -11.833 -0.609  14.914  1.00 37.79 ? 43  DC  D "C5'" 1 
ATOM   851  C  "C4'" . DC  D 2 7  ? -12.302 -1.423  13.734  1.00 35.71 ? 43  DC  D "C4'" 1 
ATOM   852  O  "O4'" . DC  D 2 7  ? -12.064 -0.646  12.529  1.00 33.77 ? 43  DC  D "O4'" 1 
ATOM   853  C  "C3'" . DC  D 2 7  ? -11.604 -2.752  13.508  1.00 31.16 ? 43  DC  D "C3'" 1 
ATOM   854  O  "O3'" . DC  D 2 7  ? -12.402 -3.838  13.975  1.00 33.06 ? 43  DC  D "O3'" 1 
ATOM   855  C  "C2'" . DC  D 2 7  ? -11.407 -2.846  12.022  1.00 27.36 ? 43  DC  D "C2'" 1 
ATOM   856  C  "C1'" . DC  D 2 7  ? -11.295 -1.388  11.605  1.00 29.77 ? 43  DC  D "C1'" 1 
ATOM   857  N  N1    . DC  D 2 7  ? -9.905  -0.911  11.633  1.00 27.72 ? 43  DC  D N1    1 
ATOM   858  C  C2    . DC  D 2 7  ? -9.142  -1.117  10.477  1.00 27.35 ? 43  DC  D C2    1 
ATOM   859  O  O2    . DC  D 2 7  ? -9.700  -1.682  9.527   1.00 20.99 ? 43  DC  D O2    1 
ATOM   860  N  N3    . DC  D 2 7  ? -7.857  -0.702  10.441  1.00 23.47 ? 43  DC  D N3    1 
ATOM   861  C  C4    . DC  D 2 7  ? -7.335  -0.100  11.515  1.00 21.05 ? 43  DC  D C4    1 
ATOM   862  N  N4    . DC  D 2 7  ? -6.062  0.298   11.444  1.00 15.88 ? 43  DC  D N4    1 
ATOM   863  C  C5    . DC  D 2 7  ? -8.090  0.121   12.703  1.00 21.03 ? 43  DC  D C5    1 
ATOM   864  C  C6    . DC  D 2 7  ? -9.362  -0.297  12.722  1.00 22.87 ? 43  DC  D C6    1 
ATOM   865  P  P     . DA  D 2 8  ? -11.723 -5.262  14.294  1.00 28.90 ? 44  DA  D P     1 
ATOM   866  O  OP1   . DA  D 2 8  ? -12.825 -6.198  14.649  1.00 38.73 ? 44  DA  D OP1   1 
ATOM   867  O  OP2   . DA  D 2 8  ? -10.614 -5.021  15.248  1.00 25.22 ? 44  DA  D OP2   1 
ATOM   868  O  "O5'" . DA  D 2 8  ? -11.108 -5.728  12.906  1.00 25.06 ? 44  DA  D "O5'" 1 
ATOM   869  C  "C5'" . DA  D 2 8  ? -9.873  -6.440  12.787  1.00 20.65 ? 44  DA  D "C5'" 1 
ATOM   870  C  "C4'" . DA  D 2 8  ? -9.454  -6.496  11.340  1.00 23.51 ? 44  DA  D "C4'" 1 
ATOM   871  O  "O4'" . DA  D 2 8  ? -9.261  -5.154  10.817  1.00 24.52 ? 44  DA  D "O4'" 1 
ATOM   872  C  "C3'" . DA  D 2 8  ? -8.128  -7.184  11.057  1.00 29.55 ? 44  DA  D "C3'" 1 
ATOM   873  O  "O3'" . DA  D 2 8  ? -8.244  -8.605  11.060  1.00 33.75 ? 44  DA  D "O3'" 1 
ATOM   874  C  "C2'" . DA  D 2 8  ? -7.784  -6.618  9.699   1.00 28.10 ? 44  DA  D "C2'" 1 
ATOM   875  C  "C1'" . DA  D 2 8  ? -8.201  -5.161  9.867   1.00 27.35 ? 44  DA  D "C1'" 1 
ATOM   876  N  N9    . DA  D 2 8  ? -7.119  -4.293  10.357  1.00 27.38 ? 44  DA  D N9    1 
ATOM   877  C  C8    . DA  D 2 8  ? -6.932  -3.756  11.603  1.00 23.82 ? 44  DA  D C8    1 
ATOM   878  N  N7    . DA  D 2 8  ? -5.855  -3.015  11.727  1.00 17.02 ? 44  DA  D N7    1 
ATOM   879  C  C5    . DA  D 2 8  ? -5.288  -3.068  10.463  1.00 24.64 ? 44  DA  D C5    1 
ATOM   880  C  C6    . DA  D 2 8  ? -4.126  -2.491  9.921   1.00 27.93 ? 44  DA  D C6    1 
ATOM   881  N  N6    . DA  D 2 8  ? -3.282  -1.714  10.603  1.00 20.72 ? 44  DA  D N6    1 
ATOM   882  N  N1    . DA  D 2 8  ? -3.848  -2.744  8.622   1.00 28.55 ? 44  DA  D N1    1 
ATOM   883  C  C2    . DA  D 2 8  ? -4.688  -3.522  7.927   1.00 29.61 ? 44  DA  D C2    1 
ATOM   884  N  N3    . DA  D 2 8  ? -5.810  -4.122  8.321   1.00 27.97 ? 44  DA  D N3    1 
ATOM   885  C  C4    . DA  D 2 8  ? -6.053  -3.849  9.613   1.00 26.84 ? 44  DA  D C4    1 
ATOM   886  P  P     . DG  D 2 9  ? -7.044  -9.476  11.699  1.00 31.55 ? 45  DG  D P     1 
ATOM   887  O  OP1   . DG  D 2 9  ? -7.539  -10.852 11.928  1.00 35.41 ? 45  DG  D OP1   1 
ATOM   888  O  OP2   . DG  D 2 9  ? -6.492  -8.692  12.831  1.00 30.82 ? 45  DG  D OP2   1 
ATOM   889  O  "O5'" . DG  D 2 9  ? -5.958  -9.514  10.525  1.00 34.38 ? 45  DG  D "O5'" 1 
ATOM   890  C  "C5'" . DG  D 2 9  ? -6.127  -10.362 9.385   1.00 35.10 ? 45  DG  D "C5'" 1 
ATOM   891  C  "C4'" . DG  D 2 9  ? -5.261  -9.949  8.228   1.00 40.22 ? 45  DG  D "C4'" 1 
ATOM   892  O  "O4'" . DG  D 2 9  ? -5.352  -8.513  7.999   1.00 42.67 ? 45  DG  D "O4'" 1 
ATOM   893  C  "C3'" . DG  D 2 9  ? -3.766  -10.184 8.397   1.00 41.71 ? 45  DG  D "C3'" 1 
ATOM   894  O  "O3'" . DG  D 2 9  ? -3.399  -11.532 8.125   1.00 44.07 ? 45  DG  D "O3'" 1 
ATOM   895  C  "C2'" . DG  D 2 9  ? -3.184  -9.202  7.402   1.00 38.27 ? 45  DG  D "C2'" 1 
ATOM   896  C  "C1'" . DG  D 2 9  ? -4.078  -7.994  7.633   1.00 38.02 ? 45  DG  D "C1'" 1 
ATOM   897  N  N9    . DG  D 2 9  ? -3.601  -7.107  8.704   1.00 37.67 ? 45  DG  D N9    1 
ATOM   898  C  C8    . DG  D 2 9  ? -4.095  -6.962  9.980   1.00 33.30 ? 45  DG  D C8    1 
ATOM   899  N  N7    . DG  D 2 9  ? -3.444  -6.084  10.695  1.00 29.38 ? 45  DG  D N7    1 
ATOM   900  C  C5    . DG  D 2 9  ? -2.455  -5.615  9.841   1.00 31.31 ? 45  DG  D C5    1 
ATOM   901  C  C6    . DG  D 2 9  ? -1.441  -4.646  10.060  1.00 36.06 ? 45  DG  D C6    1 
ATOM   902  O  O6    . DG  D 2 9  ? -1.202  -3.984  11.082  1.00 25.19 ? 45  DG  D O6    1 
ATOM   903  N  N1    . DG  D 2 9  ? -0.655  -4.479  8.920   1.00 37.27 ? 45  DG  D N1    1 
ATOM   904  C  C2    . DG  D 2 9  ? -0.822  -5.151  7.735   1.00 31.80 ? 45  DG  D C2    1 
ATOM   905  N  N2    . DG  D 2 9  ? 0.041   -4.846  6.757   1.00 21.63 ? 45  DG  D N2    1 
ATOM   906  N  N3    . DG  D 2 9  ? -1.762  -6.054  7.522   1.00 31.30 ? 45  DG  D N3    1 
ATOM   907  C  C4    . DG  D 2 9  ? -2.538  -6.234  8.611   1.00 33.32 ? 45  DG  D C4    1 
ATOM   908  P  P     . DA  D 2 10 ? -2.136  -12.173 8.892   1.00 46.96 ? 46  DA  D P     1 
ATOM   909  O  OP1   . DA  D 2 10 ? -2.156  -13.639 8.668   1.00 59.90 ? 46  DA  D OP1   1 
ATOM   910  O  OP2   . DA  D 2 10 ? -2.132  -11.638 10.277  1.00 65.02 ? 46  DA  D OP2   1 
ATOM   911  O  "O5'" . DA  D 2 10 ? -0.869  -11.575 8.131   1.00 42.19 ? 46  DA  D "O5'" 1 
ATOM   912  C  "C5'" . DA  D 2 10 ? -0.861  -11.436 6.706   1.00 38.43 ? 46  DA  D "C5'" 1 
ATOM   913  C  "C4'" . DA  D 2 10 ? 0.408   -10.760 6.253   1.00 40.99 ? 46  DA  D "C4'" 1 
ATOM   914  O  "O4'" . DA  D 2 10 ? 0.282   -9.320  6.335   1.00 41.13 ? 46  DA  D "O4'" 1 
ATOM   915  C  "C3'" . DA  D 2 10 ? 1.634   -11.092 7.093   1.00 41.79 ? 46  DA  D "C3'" 1 
ATOM   916  O  "O3'" . DA  D 2 10 ? 2.241   -12.299 6.641   1.00 44.00 ? 46  DA  D "O3'" 1 
ATOM   917  C  "C2'" . DA  D 2 10 ? 2.509   -9.880  6.903   1.00 43.77 ? 46  DA  D "C2'" 1 
ATOM   918  C  "C1'" . DA  D 2 10 ? 1.488   -8.754  6.824   1.00 42.32 ? 46  DA  D "C1'" 1 
ATOM   919  N  N9    . DA  D 2 10 ? 1.200   -8.136  8.123   1.00 40.17 ? 46  DA  D N9    1 
ATOM   920  C  C8    . DA  D 2 10 ? 0.152   -8.383  8.970   1.00 40.24 ? 46  DA  D C8    1 
ATOM   921  N  N7    . DA  D 2 10 ? 0.180   -7.659  10.066  1.00 39.53 ? 46  DA  D N7    1 
ATOM   922  C  C5    . DA  D 2 10 ? 1.324   -6.883  9.928   1.00 32.54 ? 46  DA  D C5    1 
ATOM   923  C  C6    . DA  D 2 10 ? 1.924   -5.910  10.738  1.00 25.54 ? 46  DA  D C6    1 
ATOM   924  N  N6    . DA  D 2 10 ? 1.447   -5.513  11.918  1.00 38.87 ? 46  DA  D N6    1 
ATOM   925  N  N1    . DA  D 2 10 ? 3.063   -5.332  10.302  1.00 33.23 ? 46  DA  D N1    1 
ATOM   926  C  C2    . DA  D 2 10 ? 3.566   -5.710  9.123   1.00 37.90 ? 46  DA  D C2    1 
ATOM   927  N  N3    . DA  D 2 10 ? 3.095   -6.615  8.269   1.00 41.79 ? 46  DA  D N3    1 
ATOM   928  C  C4    . DA  D 2 10 ? 1.963   -7.168  8.735   1.00 39.60 ? 46  DA  D C4    1 
ATOM   929  P  P     . DG  D 2 11 ? 3.213   -13.149 7.592   1.00 44.35 ? 47  DG  D P     1 
ATOM   930  O  OP1   . DG  D 2 11 ? 3.355   -14.506 7.010   1.00 49.79 ? 47  DG  D OP1   1 
ATOM   931  O  OP2   . DG  D 2 11 ? 2.752   -12.975 8.996   1.00 43.06 ? 47  DG  D OP2   1 
ATOM   932  O  "O5'" . DG  D 2 11 ? 4.614   -12.399 7.447   1.00 41.28 ? 47  DG  D "O5'" 1 
ATOM   933  C  "C5'" . DG  D 2 11 ? 5.223   -11.842 8.617   1.00 41.61 ? 47  DG  D "C5'" 1 
ATOM   934  C  "C4'" . DG  D 2 11 ? 6.345   -10.917 8.249   1.00 41.79 ? 47  DG  D "C4'" 1 
ATOM   935  O  "O4'" . DG  D 2 11 ? 5.841   -9.597  7.923   1.00 43.20 ? 47  DG  D "O4'" 1 
ATOM   936  C  "C3'" . DG  D 2 11 ? 7.358   -10.707 9.372   1.00 38.18 ? 47  DG  D "C3'" 1 
ATOM   937  O  "O3'" . DG  D 2 11 ? 8.399   -11.672 9.292   1.00 42.09 ? 47  DG  D "O3'" 1 
ATOM   938  C  "C2'" . DG  D 2 11 ? 7.801   -9.279  9.135   1.00 33.66 ? 47  DG  D "C2'" 1 
ATOM   939  C  "C1'" . DG  D 2 11 ? 6.447   -8.663  8.800   1.00 41.04 ? 47  DG  D "C1'" 1 
ATOM   940  N  N9    . DG  D 2 11 ? 5.575   -8.472  9.959   1.00 37.57 ? 47  DG  D N9    1 
ATOM   941  C  C8    . DG  D 2 11 ? 4.378   -9.094  10.229  1.00 34.28 ? 47  DG  D C8    1 
ATOM   942  N  N7    . DG  D 2 11 ? 3.837   -8.707  11.351  1.00 37.24 ? 47  DG  D N7    1 
ATOM   943  C  C5    . DG  D 2 11 ? 4.728   -7.771  11.859  1.00 34.26 ? 47  DG  D C5    1 
ATOM   944  C  C6    . DG  D 2 11 ? 4.675   -7.007  13.055  1.00 32.83 ? 47  DG  D C6    1 
ATOM   945  O  O6    . DG  D 2 11 ? 3.801   -7.005  13.934  1.00 30.21 ? 47  DG  D O6    1 
ATOM   946  N  N1    . DG  D 2 11 ? 5.787   -6.180  13.177  1.00 29.96 ? 47  DG  D N1    1 
ATOM   947  C  C2    . DG  D 2 11 ? 6.811   -6.102  12.267  1.00 30.82 ? 47  DG  D C2    1 
ATOM   948  N  N2    . DG  D 2 11 ? 7.802   -5.246  12.554  1.00 29.69 ? 47  DG  D N2    1 
ATOM   949  N  N3    . DG  D 2 11 ? 6.874   -6.807  11.150  1.00 33.77 ? 47  DG  D N3    1 
ATOM   950  C  C4    . DG  D 2 11 ? 5.803   -7.615  11.012  1.00 35.11 ? 47  DG  D C4    1 
ATOM   951  P  P     . DG  D 2 12 ? 8.553   -12.836 10.385  1.00 46.08 ? 48  DG  D P     1 
ATOM   952  O  OP1   . DG  D 2 12 ? 9.110   -14.033 9.700   1.00 73.88 ? 48  DG  D OP1   1 
ATOM   953  O  OP2   . DG  D 2 12 ? 7.288   -12.956 11.142  1.00 37.88 ? 48  DG  D OP2   1 
ATOM   954  O  "O5'" . DG  D 2 12 ? 9.674   -12.280 11.368  1.00 50.12 ? 48  DG  D "O5'" 1 
ATOM   955  C  "C5'" . DG  D 2 12 ? 9.402   -11.220 12.290  1.00 46.26 ? 48  DG  D "C5'" 1 
ATOM   956  C  "C4'" . DG  D 2 12 ? 10.176  -9.986  11.892  1.00 40.10 ? 48  DG  D "C4'" 1 
ATOM   957  O  "O4'" . DG  D 2 12 ? 9.272   -8.859  11.826  1.00 38.31 ? 48  DG  D "O4'" 1 
ATOM   958  C  "C3'" . DG  D 2 12 ? 11.266  -9.568  12.858  1.00 41.75 ? 48  DG  D "C3'" 1 
ATOM   959  O  "O3'" . DG  D 2 12 ? 12.393  -9.043  12.151  1.00 62.15 ? 48  DG  D "O3'" 1 
ATOM   960  C  "C2'" . DG  D 2 12 ? 10.645  -8.513  13.728  1.00 40.08 ? 48  DG  D "C2'" 1 
ATOM   961  C  "C1'" . DG  D 2 12 ? 9.367   -8.107  13.018  1.00 36.53 ? 48  DG  D "C1'" 1 
ATOM   962  N  N9    . DG  D 2 12 ? 8.169   -8.383  13.834  1.00 31.05 ? 48  DG  D N9    1 
ATOM   963  C  C8    . DG  D 2 12 ? 7.119   -9.230  13.597  1.00 19.74 ? 48  DG  D C8    1 
ATOM   964  N  N7    . DG  D 2 12 ? 6.230   -9.215  14.552  1.00 24.18 ? 48  DG  D N7    1 
ATOM   965  C  C5    . DG  D 2 12 ? 6.719   -8.302  15.476  1.00 25.87 ? 48  DG  D C5    1 
ATOM   966  C  C6    . DG  D 2 12 ? 6.197   -7.859  16.719  1.00 23.51 ? 48  DG  D C6    1 
ATOM   967  O  O6    . DG  D 2 12 ? 5.148   -8.204  17.274  1.00 27.59 ? 48  DG  D O6    1 
ATOM   968  N  N1    . DG  D 2 12 ? 7.028   -6.921  17.329  1.00 15.16 ? 48  DG  D N1    1 
ATOM   969  C  C2    . DG  D 2 12 ? 8.212   -6.466  16.807  1.00 22.25 ? 48  DG  D C2    1 
ATOM   970  N  N2    . DG  D 2 12 ? 8.879   -5.562  17.534  1.00 27.06 ? 48  DG  D N2    1 
ATOM   971  N  N3    . DG  D 2 12 ? 8.715   -6.867  15.651  1.00 30.18 ? 48  DG  D N3    1 
ATOM   972  C  C4    . DG  D 2 12 ? 7.917   -7.778  15.050  1.00 32.11 ? 48  DG  D C4    1 
HETATM 973  C  C8    . LPT E 3 .  ? -0.688  -7.044  -8.904  1.00 24.18 ? 49  LPT A C8    1 
HETATM 974  C  C7    . LPT E 3 .  ? -0.789  -8.272  -8.000  1.00 28.56 ? 49  LPT A C7    1 
HETATM 975  C  C6    . LPT E 3 .  ? -1.974  -8.267  -7.067  1.00 30.06 ? 49  LPT A C6    1 
HETATM 976  C  C5    . LPT E 3 .  ? -2.054  -6.966  -6.289  1.00 28.22 ? 49  LPT A C5    1 
HETATM 977  C  C4    . LPT E 3 .  ? -2.013  -5.784  -7.236  1.00 27.38 ? 49  LPT A C4    1 
HETATM 978  C  C3    . LPT E 3 .  ? -0.714  -5.801  -8.012  1.00 25.94 ? 49  LPT A C3    1 
HETATM 979  N  N2    . LPT E 3 .  ? -0.568  -4.594  -8.824  1.00 17.45 ? 49  LPT A N2    1 
HETATM 980  N  N1    . LPT E 3 .  ? -0.402  -2.899  -6.584  1.00 18.88 ? 49  LPT A N1    1 
HETATM 981  PT PT    . LPT E 3 .  ? -1.609  -2.939  -8.193  1.00 27.73 ? 49  LPT A PT    1 
HETATM 982  C  C8    . LPT F 3 .  ? -4.478  6.807   6.835   1.00 27.99 ? 50  LPT C C8    1 
HETATM 983  C  C7    . LPT F 3 .  ? -4.317  8.106   6.039   1.00 33.67 ? 50  LPT C C7    1 
HETATM 984  C  C6    . LPT F 3 .  ? -4.694  7.967   4.579   1.00 39.76 ? 50  LPT C C6    1 
HETATM 985  C  C5    . LPT F 3 .  ? -3.937  6.820   3.934   1.00 32.87 ? 50  LPT C C5    1 
HETATM 986  C  C4    . LPT F 3 .  ? -4.131  5.549   4.729   1.00 24.80 ? 50  LPT C C4    1 
HETATM 987  C  C3    . LPT F 3 .  ? -3.622  5.738   6.141   1.00 20.60 ? 50  LPT C C3    1 
HETATM 988  N  N2    . LPT F 3 .  ? -3.706  4.485   6.895   1.00 13.84 ? 50  LPT C N2    1 
HETATM 989  N  N1    . LPT F 3 .  ? -2.239  1.975   5.847   1.00 32.59 ? 50  LPT C N1    1 
HETATM 990  PT PT    . LPT F 3 .  ? -4.105  2.730   5.924   1.00 28.67 ? 50  LPT C PT    1 
HETATM 991  O  O     . HOH G 4 .  ? 1.921   -4.395  -8.742  1.00 28.37 ? 204 HOH A O     1 
HETATM 992  O  O     . HOH G 4 .  ? -0.350  -3.455  -0.264  1.00 21.90 ? 214 HOH A O     1 
HETATM 993  O  O     . HOH G 4 .  ? -2.844  -18.297 -20.661 1.00 48.77 ? 216 HOH A O     1 
HETATM 994  O  O     . HOH G 4 .  ? 1.152   -3.988  -4.913  1.00 45.88 ? 222 HOH A O     1 
HETATM 995  O  O     . HOH G 4 .  ? -4.500  -3.146  -6.682  1.00 45.58 ? 224 HOH A O     1 
HETATM 996  O  O     . HOH G 4 .  ? -4.743  4.613   -8.333  1.00 35.06 ? 230 HOH A O     1 
HETATM 997  O  O     . HOH G 4 .  ? -4.859  4.495   -11.409 1.00 51.47 ? 231 HOH A O     1 
HETATM 998  O  O     . HOH G 4 .  ? -7.525  -14.710 -17.081 1.00 33.53 ? 232 HOH A O     1 
HETATM 999  O  O     . HOH G 4 .  ? 6.466   -0.656  -10.480 1.00 35.94 ? 233 HOH A O     1 
HETATM 1000 O  O     . HOH G 4 .  ? -7.587  3.803   -5.778  1.00 41.71 ? 241 HOH A O     1 
HETATM 1001 O  O     . HOH G 4 .  ? -3.003  4.028   -6.675  1.00 31.84 ? 246 HOH A O     1 
HETATM 1002 O  O     . HOH H 4 .  ? 1.207   2.931   -17.961 1.00 25.90 ? 207 HOH B O     1 
HETATM 1003 O  O     . HOH H 4 .  ? 1.488   9.587   -18.694 1.00 59.47 ? 211 HOH B O     1 
HETATM 1004 O  O     . HOH H 4 .  ? -1.180  -12.156 -8.378  1.00 50.57 ? 213 HOH B O     1 
HETATM 1005 O  O     . HOH H 4 .  ? 5.399   6.781   -12.210 1.00 29.53 ? 218 HOH B O     1 
HETATM 1006 O  O     . HOH H 4 .  ? 7.050   4.066   -14.642 1.00 54.55 ? 220 HOH B O     1 
HETATM 1007 O  O     . HOH H 4 .  ? 5.296   4.023   -13.156 1.00 49.25 ? 225 HOH B O     1 
HETATM 1008 O  O     . HOH H 4 .  ? 10.006  -4.219  -18.299 1.00 34.52 ? 228 HOH B O     1 
HETATM 1009 O  O     . HOH H 4 .  ? -3.306  -15.170 -9.686  1.00 34.40 ? 239 HOH B O     1 
HETATM 1010 O  O     . HOH H 4 .  ? -0.301  4.742   -4.173  1.00 46.50 ? 240 HOH B O     1 
HETATM 1011 O  O     . HOH H 4 .  ? 2.903   4.949   -13.637 1.00 41.45 ? 244 HOH B O     1 
HETATM 1012 O  O     . HOH H 4 .  ? 4.848   -5.939  -11.830 1.00 45.10 ? 245 HOH B O     1 
HETATM 1013 O  O     . HOH I 4 .  ? -4.966  3.317   2.475   1.00 22.33 ? 201 HOH C O     1 
HETATM 1014 O  O     . HOH I 4 .  ? -3.453  2.846   -1.771  1.00 22.11 ? 202 HOH C O     1 
HETATM 1015 O  O     . HOH I 4 .  ? 1.182   2.902   -0.484  1.00 19.92 ? 206 HOH C O     1 
HETATM 1016 O  O     . HOH I 4 .  ? -6.499  13.279  16.333  1.00 32.30 ? 210 HOH C O     1 
HETATM 1017 O  O     . HOH I 4 .  ? 3.465   3.886   8.661   1.00 37.87 ? 212 HOH C O     1 
HETATM 1018 O  O     . HOH I 4 .  ? -10.988 17.093  8.164   1.00 51.82 ? 219 HOH C O     1 
HETATM 1019 O  O     . HOH I 4 .  ? 5.106   -0.202  2.945   1.00 47.87 ? 223 HOH C O     1 
HETATM 1020 O  O     . HOH I 4 .  ? 10.552  2.089   7.525   1.00 48.91 ? 226 HOH C O     1 
HETATM 1021 O  O     . HOH I 4 .  ? 0.701   0.978   12.648  1.00 31.27 ? 234 HOH C O     1 
HETATM 1022 O  O     . HOH I 4 .  ? 9.329   4.051   17.692  1.00 24.19 ? 236 HOH C O     1 
HETATM 1023 O  O     . HOH I 4 .  ? 2.892   -4.170  25.496  1.00 41.85 ? 237 HOH C O     1 
HETATM 1024 O  O     . HOH J 4 .  ? -7.613  -5.214  6.410   1.00 35.41 ? 203 HOH D O     1 
HETATM 1025 O  O     . HOH J 4 .  ? -8.512  -3.485  14.914  1.00 23.81 ? 205 HOH D O     1 
HETATM 1026 O  O     . HOH J 4 .  ? -4.578  11.497  6.557   1.00 35.91 ? 208 HOH D O     1 
HETATM 1027 O  O     . HOH J 4 .  ? 6.190   -15.824 10.457  1.00 44.63 ? 209 HOH D O     1 
HETATM 1028 O  O     . HOH J 4 .  ? -8.956  10.388  16.163  1.00 38.15 ? 215 HOH D O     1 
HETATM 1029 O  O     . HOH J 4 .  ? -15.765 -1.295  14.092  1.00 28.42 ? 217 HOH D O     1 
HETATM 1030 O  O     . HOH J 4 .  ? -15.149 -3.681  15.381  1.00 45.32 ? 221 HOH D O     1 
HETATM 1031 O  O     . HOH J 4 .  ? -2.009  10.399  7.702   1.00 39.10 ? 227 HOH D O     1 
HETATM 1032 O  O     . HOH J 4 .  ? 1.004   10.205  9.106   1.00 54.82 ? 229 HOH D O     1 
HETATM 1033 O  O     . HOH J 4 .  ? 11.590  -12.532 8.270   1.00 33.56 ? 235 HOH D O     1 
HETATM 1034 O  O     . HOH J 4 .  ? -6.021  -5.662  3.772   1.00 54.47 ? 238 HOH D O     1 
HETATM 1035 O  O     . HOH J 4 .  ? 2.482   -10.495 14.498  1.00 37.45 ? 242 HOH D O     1 
HETATM 1036 O  O     . HOH J 4 .  ? 1.830   8.982   19.568  1.00 42.58 ? 243 HOH D O     1 
HETATM 1037 O  O     . HOH J 4 .  ? -3.809  0.087   12.601  1.00 40.66 ? 248 HOH D O     1 
# 
